data_9BPG
#
_entry.id   9BPG
#
_cell.length_a   1.00
_cell.length_b   1.00
_cell.length_c   1.00
_cell.angle_alpha   90.00
_cell.angle_beta   90.00
_cell.angle_gamma   90.00
#
_symmetry.space_group_name_H-M   'P 1'
#
loop_
_entity.id
_entity.type
_entity.pdbx_description
1 polymer 'ATP synthase subunit c'
2 polymer 'ATP synthase subunit gamma'
3 polymer 'ATP synthase subunit delta'
4 polymer 'ATP synthase subunit epsilon'
5 polymer 'ATP synthase subunit b'
6 polymer 'ATP synthase subunit d'
7 polymer 'ATP synthase subunit a'
8 polymer 'ATP synthase subunit 6.8PL'
9 polymer 'ATP synthase protein 8'
10 polymer 'ATP synthase subunit f'
11 polymer 'ATP synthase subunit g'
12 polymer 'ATP synthase subunit e'
13 non-polymer CARDIOLIPIN
#
loop_
_entity_poly.entity_id
_entity_poly.type
_entity_poly.pdbx_seq_one_letter_code
_entity_poly.pdbx_strand_id
1 'polypeptide(L)'
;MYTIARIATRAAVSQGSQAYLRPVSSAVLSQKVIVEAPVATQARSLQTSAVQRDIDSAAKFIGAGAATVGVAGSGAGIGS
VFGSLIIGYARNPSLKQQLFSYAILGFALSEAMGLFCLMMAFLLLFAF
;
1,2,3,4,5,6,7,8
2 'polypeptide(L)'
;MFGRTSVLVLSQCNAAEQVRGMATLKAVSIRLKSVKNIQKITQSMKMVSAAKYTKAERELRVAKPYGQGAMKFYEKTELK
GKEEKPSQLIIAISSDRGLCGAVHSSVGRQLKADLAANPDTMVICVGDKIRNILQRLYGNNLAMVCNDFGRRPPVFEDAT
KVARAVLESGMEFTNGKIVYNAFRSVVSFRTTDIPVFSKNAIESADSIAAYDSLDSDVIQSYVEYSLASLIYYTMKENAT
SEQSSRMTAMDNASKNAGEMIDKLTMTFNRTRQAVITRELIEIISGASAL
;
G
3 'polypeptide(L)'
;MVSLTGDVSTVVGPTEVDSAEVGFADVSSAWDNQMAFTFAAPSQVFYNNANIRQVDVPSFSGSFGILPAHVATLAVLKPG
VVTVYQEDGSTKKYFVSSGTVTVNDDSSVQVLAEEAVPVENLDLQAARDILSKAQSDVTSAGADMLKLAEGQIAVEVGEA
LVKAAEGQL
;
H
4 'polypeptide(L)' VRSNFASISGSGRRGRHVDFGASVDFEVHMMRRALKPELRNEAIKREESLLKVTPWKDGKPVKAAQ I
5 'polypeptide(L)'
;MLSRIAVQSARPIAALQSVRPVQTSSTKTSEVASASVAPVVQFKGPNEGVERDHVGFPRPLRPVNPGKVRVGFVPEEWFT
FFYNKTGVTGPYVLGAGALTFLLSKEIYVVEHEFYTGVAIAIMGTYGVKKFGKQIADYADKGIGEIEQSFKEYQDSSKIG
FEEAITLEERAQKSAEAQIMLFQAKRENVQFQLEAAYRARLHHVNNEIKKRLDYHLETERAQRQIKQKNMVDWIVRNVMK
SITPEQERLMLSKCISDLKAMSIKA
;
K
6 'polypeptide(L)'
;MASKRIARSSIDWAKMAESVPESQKAMYNQFKAKSDGYIRKALSYPEQPSPINWEHYRKSLTNPAMVDAFKKQYEALKVP
YPEDKVSSQIDAQEAEAKKEITKFIQESRGRIENYKAELGKLGQMIPFEHMTLEDFFEAFPEKVLNPDPPSPNVKKKPFK
NNSWHLIQKIPNHFGLILKKTLWNSKRRNSGNLEMNTIKSILLLDIIFKSFIGIKMCKL
;
M
7 'polypeptide(L)'
;MMASLFSVFDPTSSFLSNWLSMLIPLLFMVMSFWLIPSRPQFLAKSVLMGLNREMSLLMGPASFGANILVIALFLFILFN
NFIGLFPYIFTATSHLAVTLSLAVPLWISFILYTWIKETTNALAHLVPLGTPAPLMPFMVLMEIISNMIRPITLSVRLAA
NMIAGHLLLTLLGAQGTLENLYVTSIVVFSQIILLMLEFSVAIIQSYVFMTLMTLYASE
;
N
8 'polypeptide(L)'
;(UNK)(UNK)(UNK)(UNK)(UNK)(UNK)(UNK)(UNK)(UNK)(UNK)(UNK)(UNK)(UNK)(UNK)(UNK)(UNK)
(UNK)(UNK)(UNK)(UNK)(UNK)(UNK)(UNK)(UNK)(UNK)(UNK)(UNK)(UNK)(UNK)(UNK)(UNK)(UNK)
(UNK)(UNK)(UNK)(UNK)(UNK)(UNK)(UNK)(UNK)(UNK)(UNK)(UNK)(UNK)
;
P
9 'polypeptide(L)' MPQMMPLPWIMVFLVSMALLWAIMTMVFFLYQPRSVSSAKGFSDRTVYLNWKW Q
10 'polypeptide(L)'
;MGFGDYPAEYNPKVHGPYDPARFYGKADVPLGQVKLGELSQWLGRRNKNPQAVAAAVSRGWWRWQHKYVLPRKGGIAPYI
QLIVGCSIFFYAINYGKMVAHRQRKYHCRKTHSISHSNI
;
R
11 'polypeptide(L)'
;MSALAKKIATSGPVVLKNTIAVTRPKLATFLKYAKVELTPPGPADVPKIQEGIQNLIHSAKTGKWKQVSVREAWLNTLIV
TEIAMWFFVGECIGKGSVIGYRV
;
S
12 'polypeptide(L)'
;MSFAPPVNVSPLIRAGRYGALVVGIVYGSYRFGSLQKRENEWRVEEARRKVIRDALNAENKAKATREEMLYLAKETGVKV
PENF
;
T
#
# COMPACT_ATOMS: atom_id res chain seq x y z
N ASP A 54 32.26 -4.48 35.39
CA ASP A 54 32.84 -3.51 34.47
C ASP A 54 32.77 -4.03 33.04
N ILE A 55 32.85 -5.35 32.90
CA ILE A 55 32.78 -5.95 31.57
C ILE A 55 31.34 -5.99 31.04
N ASP A 56 30.34 -5.79 31.91
CA ASP A 56 28.96 -5.82 31.47
C ASP A 56 28.64 -4.61 30.59
N SER A 57 29.04 -3.41 31.01
CA SER A 57 28.82 -2.22 30.19
C SER A 57 29.65 -2.26 28.91
N ALA A 58 30.84 -2.84 28.99
CA ALA A 58 31.68 -3.03 27.82
C ALA A 58 31.00 -3.93 26.79
N ALA A 59 30.45 -5.05 27.25
CA ALA A 59 29.74 -5.92 26.33
C ALA A 59 28.42 -5.31 25.87
N LYS A 60 27.83 -4.42 26.66
CA LYS A 60 26.69 -3.65 26.17
C LYS A 60 27.08 -2.77 25.00
N PHE A 61 28.25 -2.15 25.07
CA PHE A 61 28.76 -1.35 23.95
C PHE A 61 28.95 -2.21 22.71
N ILE A 62 29.56 -3.39 22.88
CA ILE A 62 29.79 -4.28 21.74
C ILE A 62 28.47 -4.82 21.20
N GLY A 63 27.50 -5.09 22.08
CA GLY A 63 26.20 -5.57 21.63
C GLY A 63 25.42 -4.52 20.87
N ALA A 64 25.49 -3.26 21.31
CA ALA A 64 24.84 -2.19 20.56
C ALA A 64 25.52 -1.97 19.21
N GLY A 65 26.85 -2.06 19.18
CA GLY A 65 27.55 -1.96 17.91
C GLY A 65 27.19 -3.06 16.94
N ALA A 66 27.02 -4.29 17.44
CA ALA A 66 26.55 -5.37 16.59
C ALA A 66 25.09 -5.16 16.19
N ALA A 67 24.27 -4.65 17.11
CA ALA A 67 22.83 -4.51 16.86
C ALA A 67 22.53 -3.46 15.81
N THR A 68 23.41 -2.47 15.65
CA THR A 68 23.16 -1.45 14.63
C THR A 68 23.48 -1.92 13.21
N VAL A 69 23.95 -3.16 13.01
CA VAL A 69 24.18 -3.67 11.66
C VAL A 69 22.86 -3.86 10.93
N GLY A 70 21.80 -4.24 11.64
CA GLY A 70 20.52 -4.59 11.03
C GLY A 70 19.81 -3.45 10.31
N VAL A 71 20.30 -2.22 10.44
CA VAL A 71 19.81 -1.11 9.63
C VAL A 71 20.36 -1.13 8.21
N ALA A 72 21.39 -1.94 7.94
CA ALA A 72 21.89 -2.09 6.59
C ALA A 72 20.84 -2.69 5.67
N GLY A 73 20.14 -3.71 6.15
CA GLY A 73 19.07 -4.28 5.35
C GLY A 73 17.92 -3.33 5.11
N SER A 74 17.64 -2.46 6.08
CA SER A 74 16.64 -1.43 5.87
C SER A 74 17.09 -0.44 4.80
N GLY A 75 18.36 -0.06 4.80
CA GLY A 75 18.87 0.82 3.76
C GLY A 75 18.80 0.19 2.38
N ALA A 76 19.16 -1.09 2.28
CA ALA A 76 19.07 -1.81 1.01
C ALA A 76 17.61 -1.96 0.55
N GLY A 77 16.70 -2.19 1.50
CA GLY A 77 15.29 -2.28 1.14
C GLY A 77 14.72 -0.97 0.65
N ILE A 78 15.10 0.15 1.29
CA ILE A 78 14.65 1.46 0.84
C ILE A 78 15.19 1.75 -0.55
N GLY A 79 16.46 1.41 -0.80
CA GLY A 79 17.03 1.57 -2.12
C GLY A 79 16.31 0.75 -3.17
N SER A 80 15.97 -0.50 -2.85
CA SER A 80 15.23 -1.34 -3.80
C SER A 80 13.84 -0.79 -4.07
N VAL A 81 13.16 -0.30 -3.03
CA VAL A 81 11.82 0.25 -3.19
C VAL A 81 11.84 1.47 -4.11
N PHE A 82 12.79 2.38 -3.89
CA PHE A 82 12.77 3.59 -4.71
C PHE A 82 13.34 3.38 -6.10
N GLY A 83 14.31 2.47 -6.26
CA GLY A 83 14.73 2.11 -7.60
C GLY A 83 13.62 1.45 -8.40
N SER A 84 12.87 0.55 -7.77
CA SER A 84 11.73 -0.02 -8.47
C SER A 84 10.60 0.98 -8.66
N LEU A 85 10.54 2.02 -7.84
CA LEU A 85 9.63 3.13 -8.12
C LEU A 85 10.03 3.85 -9.40
N ILE A 86 11.34 4.02 -9.63
CA ILE A 86 11.82 4.60 -10.89
C ILE A 86 11.43 3.71 -12.07
N ILE A 87 11.69 2.40 -11.94
CA ILE A 87 11.40 1.47 -13.04
C ILE A 87 9.90 1.41 -13.31
N GLY A 88 9.08 1.37 -12.26
CA GLY A 88 7.64 1.36 -12.41
C GLY A 88 7.07 2.68 -12.86
N TYR A 89 7.80 3.78 -12.67
CA TYR A 89 7.39 5.06 -13.22
C TYR A 89 7.78 5.20 -14.68
N ALA A 90 8.76 4.44 -15.14
CA ALA A 90 9.08 4.42 -16.57
C ALA A 90 7.93 3.85 -17.39
N ARG A 91 7.20 2.87 -16.85
CA ARG A 91 6.08 2.23 -17.52
C ARG A 91 4.78 2.76 -16.92
N ASN A 92 3.91 3.32 -17.77
CA ASN A 92 2.66 3.95 -17.38
C ASN A 92 2.88 5.02 -16.32
N PRO A 93 3.44 6.18 -16.67
CA PRO A 93 3.69 7.22 -15.67
C PRO A 93 2.42 7.95 -15.19
N SER A 94 1.24 7.56 -15.68
CA SER A 94 0.00 8.14 -15.19
C SER A 94 -0.40 7.65 -13.82
N LEU A 95 0.28 6.65 -13.28
CA LEU A 95 0.01 6.08 -11.96
C LEU A 95 0.96 6.63 -10.91
N LYS A 96 1.34 7.91 -11.04
CA LYS A 96 2.39 8.48 -10.21
C LYS A 96 2.01 8.49 -8.73
N GLN A 97 0.78 8.94 -8.43
CA GLN A 97 0.36 9.03 -7.03
C GLN A 97 0.24 7.66 -6.39
N GLN A 98 -0.35 6.70 -7.10
CA GLN A 98 -0.51 5.35 -6.55
C GLN A 98 0.84 4.67 -6.35
N LEU A 99 1.76 4.83 -7.31
CA LEU A 99 3.08 4.21 -7.15
C LEU A 99 3.90 4.88 -6.06
N PHE A 100 3.76 6.20 -5.89
CA PHE A 100 4.42 6.85 -4.77
C PHE A 100 3.83 6.42 -3.43
N SER A 101 2.52 6.18 -3.39
CA SER A 101 1.91 5.63 -2.18
C SER A 101 2.44 4.24 -1.87
N TYR A 102 2.61 3.41 -2.90
CA TYR A 102 3.20 2.09 -2.71
C TYR A 102 4.65 2.19 -2.25
N ALA A 103 5.40 3.16 -2.78
CA ALA A 103 6.78 3.37 -2.37
C ALA A 103 6.87 3.77 -0.90
N ILE A 104 5.98 4.67 -0.46
CA ILE A 104 5.96 5.06 0.95
C ILE A 104 5.53 3.89 1.82
N LEU A 105 4.59 3.07 1.35
CA LEU A 105 4.15 1.90 2.10
C LEU A 105 5.28 0.89 2.28
N GLY A 106 6.10 0.69 1.25
CA GLY A 106 7.24 -0.20 1.40
C GLY A 106 8.36 0.40 2.24
N PHE A 107 8.61 1.70 2.08
CA PHE A 107 9.67 2.39 2.80
C PHE A 107 9.39 2.43 4.29
N ALA A 108 8.13 2.61 4.67
CA ALA A 108 7.77 2.62 6.09
C ALA A 108 8.08 1.28 6.74
N LEU A 109 7.79 0.18 6.05
CA LEU A 109 8.03 -1.14 6.62
C LEU A 109 9.52 -1.47 6.66
N SER A 110 10.27 -1.07 5.64
CA SER A 110 11.72 -1.25 5.66
C SER A 110 12.36 -0.47 6.80
N GLU A 111 11.96 0.78 6.99
CA GLU A 111 12.51 1.57 8.08
C GLU A 111 12.00 1.08 9.43
N ALA A 112 10.83 0.43 9.47
CA ALA A 112 10.39 -0.21 10.70
C ALA A 112 11.28 -1.40 11.07
N MET A 113 11.70 -2.17 10.06
CA MET A 113 12.65 -3.24 10.32
C MET A 113 13.99 -2.68 10.80
N GLY A 114 14.40 -1.53 10.26
CA GLY A 114 15.60 -0.88 10.77
C GLY A 114 15.45 -0.38 12.19
N LEU A 115 14.28 0.19 12.51
CA LEU A 115 14.00 0.66 13.86
C LEU A 115 13.92 -0.47 14.87
N PHE A 116 13.57 -1.68 14.43
CA PHE A 116 13.66 -2.84 15.32
C PHE A 116 15.08 -3.03 15.83
N CYS A 117 16.06 -2.96 14.94
CA CYS A 117 17.45 -3.15 15.34
C CYS A 117 17.99 -1.94 16.09
N LEU A 118 17.52 -0.74 15.77
CA LEU A 118 17.89 0.43 16.57
C LEU A 118 17.32 0.31 17.99
N MET A 119 16.10 -0.20 18.12
CA MET A 119 15.50 -0.46 19.42
C MET A 119 16.29 -1.50 20.19
N MET A 120 16.75 -2.56 19.51
CA MET A 120 17.57 -3.56 20.19
C MET A 120 18.94 -3.01 20.56
N ALA A 121 19.45 -2.04 19.80
CA ALA A 121 20.71 -1.40 20.18
C ALA A 121 20.53 -0.53 21.42
N PHE A 122 19.42 0.22 21.50
CA PHE A 122 19.19 1.08 22.65
C PHE A 122 18.67 0.32 23.87
N LEU A 123 18.14 -0.89 23.68
CA LEU A 123 17.75 -1.70 24.84
C LEU A 123 18.98 -2.28 25.53
N LEU A 124 19.98 -2.70 24.75
CA LEU A 124 21.22 -3.20 25.35
C LEU A 124 22.03 -2.08 25.98
N LEU A 125 21.96 -0.87 25.42
CA LEU A 125 22.88 0.18 25.82
C LEU A 125 22.49 0.81 27.16
N PHE A 126 21.30 1.41 27.23
CA PHE A 126 20.88 2.16 28.40
C PHE A 126 19.56 1.66 28.96
N ALA A 127 19.23 0.39 28.73
CA ALA A 127 18.01 -0.17 29.29
C ALA A 127 18.17 -1.56 29.91
N PHE A 128 19.19 -2.33 29.54
CA PHE A 128 19.40 -3.64 30.14
C PHE A 128 20.65 -3.63 31.00
N ASP B 54 42.68 -1.13 29.89
CA ASP B 54 41.32 -0.62 29.87
C ASP B 54 40.44 -1.51 29.00
N ILE B 55 39.19 -1.68 29.41
CA ILE B 55 38.25 -2.51 28.66
C ILE B 55 37.02 -1.73 28.17
N ASP B 56 36.65 -0.63 28.81
CA ASP B 56 35.48 0.12 28.37
C ASP B 56 35.75 0.85 27.07
N SER B 57 36.89 1.53 26.97
CA SER B 57 37.25 2.23 25.74
C SER B 57 37.56 1.24 24.62
N ALA B 58 38.14 0.09 24.98
CA ALA B 58 38.38 -0.97 24.00
C ALA B 58 37.07 -1.49 23.42
N ALA B 59 36.08 -1.71 24.28
CA ALA B 59 34.79 -2.16 23.78
C ALA B 59 34.06 -1.07 23.02
N LYS B 60 34.32 0.20 23.34
CA LYS B 60 33.79 1.28 22.53
C LYS B 60 34.39 1.27 21.13
N PHE B 61 35.68 0.95 21.02
CA PHE B 61 36.30 0.78 19.72
C PHE B 61 35.65 -0.36 18.94
N ILE B 62 35.42 -1.49 19.61
CA ILE B 62 34.80 -2.65 18.94
C ILE B 62 33.37 -2.32 18.53
N GLY B 63 32.64 -1.60 19.38
CA GLY B 63 31.28 -1.22 19.05
C GLY B 63 31.20 -0.23 17.90
N ALA B 64 32.15 0.71 17.82
CA ALA B 64 32.19 1.63 16.69
C ALA B 64 32.49 0.89 15.39
N GLY B 65 33.45 -0.03 15.43
CA GLY B 65 33.75 -0.82 14.25
C GLY B 65 32.59 -1.70 13.82
N ALA B 66 31.90 -2.31 14.78
CA ALA B 66 30.75 -3.14 14.44
C ALA B 66 29.56 -2.30 14.01
N ALA B 67 29.47 -1.05 14.45
CA ALA B 67 28.39 -0.18 14.03
C ALA B 67 28.60 0.35 12.62
N THR B 68 29.85 0.53 12.20
CA THR B 68 30.13 0.97 10.83
C THR B 68 30.00 -0.20 9.84
N VAL B 69 28.79 -0.76 9.79
CA VAL B 69 28.44 -1.77 8.79
C VAL B 69 27.19 -1.40 8.01
N GLY B 70 26.28 -0.58 8.54
CA GLY B 70 25.12 -0.14 7.80
C GLY B 70 25.43 0.70 6.57
N VAL B 71 26.65 1.20 6.47
CA VAL B 71 27.11 1.83 5.24
C VAL B 71 27.14 0.83 4.09
N ALA B 72 27.29 -0.47 4.38
CA ALA B 72 27.15 -1.49 3.33
C ALA B 72 25.74 -1.51 2.76
N GLY B 73 24.74 -1.49 3.64
CA GLY B 73 23.37 -1.45 3.17
C GLY B 73 23.05 -0.16 2.43
N SER B 74 23.64 0.95 2.89
CA SER B 74 23.49 2.22 2.18
C SER B 74 24.07 2.14 0.77
N GLY B 75 25.26 1.56 0.65
CA GLY B 75 25.89 1.43 -0.67
C GLY B 75 25.14 0.52 -1.60
N ALA B 76 24.60 -0.60 -1.07
CA ALA B 76 23.79 -1.49 -1.89
C ALA B 76 22.51 -0.81 -2.35
N GLY B 77 21.85 -0.05 -1.47
CA GLY B 77 20.66 0.66 -1.86
C GLY B 77 20.92 1.74 -2.90
N ILE B 78 22.02 2.47 -2.76
CA ILE B 78 22.38 3.50 -3.72
C ILE B 78 22.67 2.88 -5.08
N GLY B 79 23.40 1.77 -5.10
CA GLY B 79 23.66 1.07 -6.36
C GLY B 79 22.40 0.57 -7.01
N SER B 80 21.47 0.03 -6.23
CA SER B 80 20.19 -0.40 -6.77
C SER B 80 19.41 0.76 -7.35
N VAL B 81 19.42 1.91 -6.65
CA VAL B 81 18.68 3.09 -7.09
C VAL B 81 19.22 3.59 -8.43
N PHE B 82 20.54 3.69 -8.55
CA PHE B 82 21.07 4.27 -9.79
C PHE B 82 21.12 3.26 -10.94
N GLY B 83 21.27 1.97 -10.65
CA GLY B 83 21.09 0.99 -11.70
C GLY B 83 19.66 0.96 -12.24
N SER B 84 18.68 1.02 -11.34
CA SER B 84 17.31 1.11 -11.80
C SER B 84 17.01 2.43 -12.48
N LEU B 85 17.72 3.50 -12.13
CA LEU B 85 17.64 4.74 -12.90
C LEU B 85 18.09 4.52 -14.33
N ILE B 86 19.18 3.79 -14.52
CA ILE B 86 19.65 3.47 -15.87
C ILE B 86 18.60 2.65 -16.63
N ILE B 87 18.04 1.63 -15.98
CA ILE B 87 17.06 0.77 -16.64
C ILE B 87 15.81 1.56 -16.99
N GLY B 88 15.25 2.30 -16.04
CA GLY B 88 14.05 3.07 -16.25
C GLY B 88 14.25 4.33 -17.05
N TYR B 89 15.48 4.71 -17.35
CA TYR B 89 15.74 5.75 -18.33
C TYR B 89 15.93 5.19 -19.73
N ALA B 90 16.35 3.92 -19.84
CA ALA B 90 16.41 3.27 -21.14
C ALA B 90 15.02 3.15 -21.76
N ARG B 91 14.02 2.77 -20.96
CA ARG B 91 12.64 2.77 -21.38
C ARG B 91 12.01 4.09 -20.97
N ASN B 92 11.32 4.75 -21.91
CA ASN B 92 10.71 6.07 -21.75
C ASN B 92 11.76 7.10 -21.32
N PRO B 93 12.70 7.48 -22.20
CA PRO B 93 13.76 8.41 -21.80
C PRO B 93 13.34 9.86 -21.74
N SER B 94 12.09 10.20 -22.06
CA SER B 94 11.64 11.58 -22.00
C SER B 94 11.44 12.06 -20.56
N LEU B 95 11.51 11.16 -19.58
CA LEU B 95 11.26 11.47 -18.18
C LEU B 95 12.55 11.57 -17.37
N LYS B 96 13.60 12.16 -17.95
CA LYS B 96 14.89 12.27 -17.27
C LYS B 96 14.77 13.06 -15.98
N GLN B 97 13.95 14.11 -15.97
CA GLN B 97 13.81 14.96 -14.79
C GLN B 97 13.16 14.21 -13.63
N GLN B 98 12.02 13.57 -13.88
CA GLN B 98 11.31 12.87 -12.80
C GLN B 98 12.08 11.64 -12.34
N LEU B 99 12.71 10.92 -13.29
CA LEU B 99 13.51 9.75 -12.92
C LEU B 99 14.70 10.16 -12.07
N PHE B 100 15.38 11.25 -12.42
CA PHE B 100 16.52 11.68 -11.63
C PHE B 100 16.08 12.25 -10.29
N SER B 101 14.88 12.85 -10.22
CA SER B 101 14.34 13.28 -8.93
C SER B 101 14.08 12.09 -8.02
N TYR B 102 13.51 11.01 -8.56
CA TYR B 102 13.28 9.81 -7.75
C TYR B 102 14.60 9.13 -7.36
N ALA B 103 15.59 9.16 -8.25
CA ALA B 103 16.90 8.62 -7.90
C ALA B 103 17.56 9.43 -6.80
N ILE B 104 17.40 10.75 -6.83
CA ILE B 104 17.92 11.61 -5.78
C ILE B 104 17.23 11.32 -4.46
N LEU B 105 15.90 11.11 -4.49
CA LEU B 105 15.17 10.78 -3.27
C LEU B 105 15.63 9.45 -2.67
N GLY B 106 15.77 8.42 -3.52
CA GLY B 106 16.22 7.13 -3.03
C GLY B 106 17.65 7.14 -2.51
N PHE B 107 18.53 7.85 -3.22
CA PHE B 107 19.91 8.02 -2.77
C PHE B 107 19.97 8.78 -1.44
N ALA B 108 19.13 9.79 -1.28
CA ALA B 108 19.09 10.55 -0.04
C ALA B 108 18.61 9.68 1.13
N LEU B 109 17.62 8.82 0.90
CA LEU B 109 17.13 8.00 2.00
C LEU B 109 18.12 6.88 2.36
N SER B 110 18.79 6.30 1.35
CA SER B 110 19.84 5.32 1.64
C SER B 110 21.02 5.97 2.38
N GLU B 111 21.38 7.19 1.97
CA GLU B 111 22.38 7.96 2.70
C GLU B 111 21.93 8.28 4.11
N ALA B 112 20.62 8.49 4.32
CA ALA B 112 20.10 8.73 5.66
C ALA B 112 20.26 7.49 6.54
N MET B 113 20.02 6.31 5.99
CA MET B 113 20.25 5.08 6.77
C MET B 113 21.73 4.89 7.10
N GLY B 114 22.60 5.14 6.12
CA GLY B 114 24.03 5.06 6.38
C GLY B 114 24.51 6.07 7.42
N LEU B 115 23.93 7.27 7.38
CA LEU B 115 24.30 8.29 8.36
C LEU B 115 23.74 7.99 9.73
N PHE B 116 22.58 7.33 9.82
CA PHE B 116 22.08 6.87 11.11
C PHE B 116 23.05 5.86 11.72
N CYS B 117 23.54 4.92 10.90
CA CYS B 117 24.50 3.95 11.40
C CYS B 117 25.82 4.60 11.81
N LEU B 118 26.29 5.58 11.03
CA LEU B 118 27.53 6.28 11.40
C LEU B 118 27.35 7.15 12.64
N MET B 119 26.16 7.75 12.80
CA MET B 119 25.88 8.52 14.01
C MET B 119 25.85 7.62 15.23
N MET B 120 25.28 6.42 15.10
CA MET B 120 25.36 5.45 16.20
C MET B 120 26.80 4.99 16.44
N ALA B 121 27.62 4.92 15.39
CA ALA B 121 29.03 4.56 15.57
C ALA B 121 29.78 5.64 16.35
N PHE B 122 29.48 6.91 16.08
CA PHE B 122 30.15 7.98 16.82
C PHE B 122 29.58 8.15 18.23
N LEU B 123 28.31 7.84 18.44
CA LEU B 123 27.76 7.88 19.79
C LEU B 123 28.19 6.70 20.64
N LEU B 124 28.62 5.60 20.02
CA LEU B 124 29.17 4.47 20.74
C LEU B 124 30.66 4.62 21.01
N LEU B 125 31.25 5.74 20.59
CA LEU B 125 32.66 5.98 20.77
C LEU B 125 32.97 7.22 21.60
N PHE B 126 32.05 8.18 21.65
CA PHE B 126 32.30 9.44 22.37
C PHE B 126 31.17 9.87 23.29
N ALA B 127 29.95 9.38 23.12
CA ALA B 127 28.83 9.76 23.98
C ALA B 127 28.37 8.64 24.90
N PHE B 128 28.06 7.48 24.35
CA PHE B 128 27.69 6.34 25.19
C PHE B 128 28.93 5.54 25.55
N ASP C 54 47.97 -2.73 25.63
CA ASP C 54 47.94 -3.59 24.45
C ASP C 54 46.53 -4.11 24.19
N ILE C 55 45.67 -4.00 25.20
CA ILE C 55 44.27 -4.39 25.02
C ILE C 55 43.54 -3.39 24.13
N ASP C 56 43.80 -2.09 24.34
CA ASP C 56 43.09 -1.05 23.59
C ASP C 56 43.51 -1.05 22.13
N SER C 57 44.79 -1.26 21.85
CA SER C 57 45.24 -1.38 20.46
C SER C 57 44.72 -2.64 19.80
N ALA C 58 44.58 -3.72 20.57
CA ALA C 58 43.97 -4.94 20.06
C ALA C 58 42.53 -4.70 19.64
N ALA C 59 41.77 -3.97 20.46
CA ALA C 59 40.40 -3.66 20.10
C ALA C 59 40.30 -2.64 18.97
N LYS C 60 41.31 -1.77 18.84
CA LYS C 60 41.41 -0.92 17.65
C LYS C 60 41.53 -1.78 16.40
N PHE C 61 42.37 -2.81 16.46
CA PHE C 61 42.52 -3.74 15.33
C PHE C 61 41.21 -4.46 15.03
N ILE C 62 40.52 -4.92 16.08
CA ILE C 62 39.25 -5.63 15.88
C ILE C 62 38.22 -4.72 15.24
N GLY C 63 38.13 -3.47 15.71
CA GLY C 63 37.17 -2.53 15.13
C GLY C 63 37.50 -2.14 13.70
N ALA C 64 38.79 -1.98 13.40
CA ALA C 64 39.19 -1.67 12.03
C ALA C 64 38.94 -2.85 11.10
N GLY C 65 39.02 -4.09 11.61
CA GLY C 65 38.66 -5.24 10.81
C GLY C 65 37.18 -5.45 10.65
N ALA C 66 36.38 -5.07 11.64
CA ALA C 66 34.94 -5.23 11.58
C ALA C 66 34.23 -4.03 10.97
N ALA C 67 34.94 -2.93 10.71
CA ALA C 67 34.36 -1.75 10.08
C ALA C 67 34.58 -1.70 8.59
N THR C 68 35.51 -2.50 8.06
CA THR C 68 35.80 -2.51 6.63
C THR C 68 34.95 -3.51 5.86
N VAL C 69 33.77 -3.86 6.36
CA VAL C 69 32.85 -4.70 5.62
C VAL C 69 31.72 -3.89 4.99
N GLY C 70 31.82 -2.57 5.00
CA GLY C 70 30.99 -1.76 4.13
C GLY C 70 31.41 -1.81 2.68
N VAL C 71 32.65 -2.23 2.42
CA VAL C 71 33.12 -2.50 1.08
C VAL C 71 32.32 -3.61 0.43
N ALA C 72 31.72 -4.50 1.24
CA ALA C 72 30.78 -5.48 0.71
C ALA C 72 29.59 -4.81 0.06
N GLY C 73 28.95 -3.88 0.78
CA GLY C 73 27.83 -3.17 0.19
C GLY C 73 28.20 -2.29 -0.96
N SER C 74 29.39 -1.69 -0.93
CA SER C 74 29.86 -0.93 -2.08
C SER C 74 30.03 -1.83 -3.31
N GLY C 75 30.59 -3.02 -3.12
CA GLY C 75 30.72 -3.95 -4.23
C GLY C 75 29.39 -4.42 -4.77
N ALA C 76 28.42 -4.66 -3.88
CA ALA C 76 27.07 -5.03 -4.32
C ALA C 76 26.41 -3.89 -5.10
N GLY C 77 26.59 -2.65 -4.65
CA GLY C 77 26.02 -1.52 -5.36
C GLY C 77 26.66 -1.28 -6.72
N ILE C 78 27.98 -1.43 -6.80
CA ILE C 78 28.68 -1.30 -8.08
C ILE C 78 28.26 -2.39 -9.05
N GLY C 79 28.10 -3.62 -8.53
CA GLY C 79 27.60 -4.70 -9.36
C GLY C 79 26.20 -4.43 -9.88
N SER C 80 25.31 -3.93 -9.03
CA SER C 80 23.96 -3.61 -9.47
C SER C 80 23.96 -2.50 -10.51
N VAL C 81 24.79 -1.46 -10.30
CA VAL C 81 24.87 -0.33 -11.25
C VAL C 81 25.33 -0.80 -12.62
N PHE C 82 26.44 -1.55 -12.66
CA PHE C 82 26.96 -1.93 -13.97
C PHE C 82 26.14 -3.02 -14.63
N GLY C 83 25.54 -3.91 -13.83
CA GLY C 83 24.64 -4.88 -14.41
C GLY C 83 23.41 -4.26 -15.03
N SER C 84 22.79 -3.31 -14.33
CA SER C 84 21.65 -2.62 -14.91
C SER C 84 22.06 -1.68 -16.03
N LEU C 85 23.30 -1.24 -16.08
CA LEU C 85 23.81 -0.56 -17.26
C LEU C 85 23.81 -1.49 -18.47
N ILE C 86 24.23 -2.75 -18.28
CA ILE C 86 24.17 -3.72 -19.38
C ILE C 86 22.73 -3.95 -19.81
N ILE C 87 21.83 -4.11 -18.84
CA ILE C 87 20.42 -4.40 -19.13
C ILE C 87 19.76 -3.22 -19.86
N GLY C 88 20.03 -2.00 -19.42
CA GLY C 88 19.50 -0.82 -20.08
C GLY C 88 20.25 -0.34 -21.30
N TYR C 89 21.40 -0.91 -21.63
CA TYR C 89 22.01 -0.66 -22.93
C TYR C 89 21.60 -1.68 -23.97
N ALA C 90 21.26 -2.90 -23.54
CA ALA C 90 20.64 -3.85 -24.47
C ALA C 90 19.33 -3.31 -25.03
N ARG C 91 18.50 -2.75 -24.16
CA ARG C 91 17.24 -2.13 -24.56
C ARG C 91 17.48 -0.65 -24.79
N ASN C 92 17.18 -0.17 -26.00
CA ASN C 92 17.46 1.18 -26.49
C ASN C 92 18.93 1.57 -26.36
N PRO C 93 19.81 1.04 -27.22
CA PRO C 93 21.23 1.44 -27.20
C PRO C 93 21.50 2.87 -27.66
N SER C 94 20.49 3.62 -28.08
CA SER C 94 20.68 4.96 -28.61
C SER C 94 20.87 6.02 -27.53
N LEU C 95 21.07 5.62 -26.28
CA LEU C 95 21.34 6.51 -25.16
C LEU C 95 22.59 6.05 -24.43
N LYS C 96 23.60 5.62 -25.18
CA LYS C 96 24.79 4.99 -24.60
C LYS C 96 25.55 5.94 -23.69
N GLN C 97 25.71 7.19 -24.11
CA GLN C 97 26.50 8.13 -23.32
C GLN C 97 25.78 8.53 -22.04
N GLN C 98 24.47 8.74 -22.11
CA GLN C 98 23.72 9.11 -20.91
C GLN C 98 23.63 7.93 -19.95
N LEU C 99 23.47 6.72 -20.48
CA LEU C 99 23.44 5.52 -19.64
C LEU C 99 24.79 5.31 -18.95
N PHE C 100 25.89 5.50 -19.67
CA PHE C 100 27.20 5.34 -19.07
C PHE C 100 27.51 6.46 -18.09
N SER C 101 26.99 7.66 -18.31
CA SER C 101 27.18 8.74 -17.34
C SER C 101 26.42 8.47 -16.06
N TYR C 102 25.19 7.94 -16.17
CA TYR C 102 24.46 7.53 -14.97
C TYR C 102 25.15 6.37 -14.27
N ALA C 103 25.77 5.46 -15.03
CA ALA C 103 26.55 4.38 -14.42
C ALA C 103 27.77 4.91 -13.67
N ILE C 104 28.45 5.91 -14.24
CA ILE C 104 29.59 6.52 -13.58
C ILE C 104 29.14 7.22 -12.30
N LEU C 105 28.00 7.90 -12.34
CA LEU C 105 27.46 8.55 -11.15
C LEU C 105 27.12 7.52 -10.06
N GLY C 106 26.43 6.44 -10.43
CA GLY C 106 26.07 5.43 -9.44
C GLY C 106 27.27 4.70 -8.87
N PHE C 107 28.24 4.37 -9.72
CA PHE C 107 29.46 3.73 -9.24
C PHE C 107 30.26 4.67 -8.34
N ALA C 108 30.29 5.96 -8.66
CA ALA C 108 30.99 6.92 -7.82
C ALA C 108 30.34 7.02 -6.45
N LEU C 109 29.00 7.04 -6.40
CA LEU C 109 28.34 7.11 -5.10
C LEU C 109 28.48 5.82 -4.31
N SER C 110 28.47 4.67 -4.98
CA SER C 110 28.68 3.39 -4.28
C SER C 110 30.10 3.29 -3.73
N GLU C 111 31.10 3.67 -4.52
CA GLU C 111 32.47 3.68 -4.01
C GLU C 111 32.65 4.74 -2.93
N ALA C 112 31.88 5.83 -2.97
CA ALA C 112 31.91 6.80 -1.88
C ALA C 112 31.39 6.19 -0.59
N MET C 113 30.31 5.43 -0.67
CA MET C 113 29.80 4.74 0.51
C MET C 113 30.77 3.69 1.04
N GLY C 114 31.50 3.03 0.15
CA GLY C 114 32.55 2.12 0.60
C GLY C 114 33.73 2.86 1.23
N LEU C 115 34.10 4.01 0.66
CA LEU C 115 35.21 4.78 1.20
C LEU C 115 34.87 5.41 2.53
N PHE C 116 33.59 5.66 2.81
CA PHE C 116 33.21 6.10 4.16
C PHE C 116 33.56 5.05 5.20
N CYS C 117 33.25 3.78 4.92
CA CYS C 117 33.59 2.71 5.85
C CYS C 117 35.09 2.49 5.93
N LEU C 118 35.79 2.63 4.80
CA LEU C 118 37.25 2.53 4.83
C LEU C 118 37.88 3.66 5.64
N MET C 119 37.33 4.87 5.54
CA MET C 119 37.81 5.99 6.34
C MET C 119 37.57 5.73 7.82
N MET C 120 36.42 5.18 8.17
CA MET C 120 36.17 4.83 9.57
C MET C 120 37.08 3.70 10.04
N ALA C 121 37.42 2.77 9.15
CA ALA C 121 38.37 1.71 9.51
C ALA C 121 39.76 2.26 9.77
N PHE C 122 40.20 3.23 8.96
CA PHE C 122 41.52 3.81 9.18
C PHE C 122 41.54 4.76 10.37
N LEU C 123 40.47 5.52 10.59
CA LEU C 123 40.43 6.52 11.66
C LEU C 123 39.98 5.95 12.99
N LEU C 124 39.47 4.72 13.03
CA LEU C 124 39.36 4.01 14.30
C LEU C 124 40.72 3.52 14.77
N LEU C 125 41.50 2.98 13.86
CA LEU C 125 42.78 2.37 14.21
C LEU C 125 43.84 3.40 14.55
N PHE C 126 43.78 4.58 13.94
CA PHE C 126 44.83 5.58 14.07
C PHE C 126 44.39 6.83 14.82
N ALA C 127 43.28 7.45 14.43
CA ALA C 127 42.99 8.80 14.89
C ALA C 127 42.11 8.84 16.13
N PHE C 128 40.87 8.37 16.02
CA PHE C 128 39.91 8.56 17.10
C PHE C 128 39.74 7.33 17.96
N ASP D 54 50.74 -11.39 23.22
CA ASP D 54 50.13 -12.53 22.57
C ASP D 54 48.67 -12.27 22.25
N ILE D 55 48.17 -11.12 22.68
CA ILE D 55 46.80 -10.72 22.35
C ILE D 55 46.76 -9.81 21.12
N ASP D 56 47.89 -9.18 20.77
CA ASP D 56 47.90 -8.29 19.61
C ASP D 56 47.83 -9.08 18.31
N SER D 57 48.62 -10.15 18.19
CA SER D 57 48.54 -11.00 17.02
C SER D 57 47.20 -11.74 16.96
N ALA D 58 46.64 -12.04 18.12
CA ALA D 58 45.30 -12.62 18.19
C ALA D 58 44.28 -11.67 17.59
N ALA D 59 44.35 -10.39 17.96
CA ALA D 59 43.43 -9.42 17.39
C ALA D 59 43.71 -9.17 15.92
N LYS D 60 44.95 -9.34 15.48
CA LYS D 60 45.24 -9.26 14.05
C LYS D 60 44.53 -10.37 13.28
N PHE D 61 44.54 -11.59 13.83
CA PHE D 61 43.80 -12.68 13.20
C PHE D 61 42.29 -12.42 13.19
N ILE D 62 41.76 -11.94 14.32
CA ILE D 62 40.32 -11.65 14.40
C ILE D 62 39.93 -10.54 13.44
N GLY D 63 40.73 -9.47 13.37
CA GLY D 63 40.45 -8.37 12.47
C GLY D 63 40.57 -8.75 11.01
N ALA D 64 41.56 -9.58 10.66
CA ALA D 64 41.68 -10.04 9.28
C ALA D 64 40.50 -10.92 8.90
N GLY D 65 40.07 -11.80 9.80
CA GLY D 65 38.91 -12.63 9.52
C GLY D 65 37.64 -11.83 9.38
N ALA D 66 37.49 -10.78 10.19
CA ALA D 66 36.34 -9.91 10.04
C ALA D 66 36.40 -9.11 8.75
N ALA D 67 37.62 -8.69 8.35
CA ALA D 67 37.79 -7.88 7.14
C ALA D 67 37.44 -8.69 5.90
N THR D 68 37.80 -9.98 5.87
CA THR D 68 37.49 -10.78 4.68
C THR D 68 35.99 -11.10 4.53
N VAL D 69 35.07 -10.55 5.33
CA VAL D 69 33.65 -10.68 5.03
C VAL D 69 33.30 -9.87 3.80
N GLY D 70 34.00 -8.76 3.55
CA GLY D 70 33.62 -7.82 2.52
C GLY D 70 33.74 -8.35 1.10
N VAL D 71 34.45 -9.45 0.90
CA VAL D 71 34.53 -10.09 -0.42
C VAL D 71 33.21 -10.76 -0.79
N ALA D 72 32.31 -10.94 0.18
CA ALA D 72 30.96 -11.41 -0.13
C ALA D 72 30.23 -10.43 -1.01
N GLY D 73 30.37 -9.13 -0.73
CA GLY D 73 29.72 -8.14 -1.57
C GLY D 73 30.26 -8.13 -2.98
N SER D 74 31.57 -8.37 -3.14
CA SER D 74 32.13 -8.50 -4.48
C SER D 74 31.58 -9.72 -5.20
N GLY D 75 31.44 -10.83 -4.49
CA GLY D 75 30.85 -12.02 -5.10
C GLY D 75 29.42 -11.81 -5.55
N ALA D 76 28.61 -11.18 -4.71
CA ALA D 76 27.23 -10.87 -5.08
C ALA D 76 27.16 -9.86 -6.22
N GLY D 77 28.10 -8.91 -6.25
CA GLY D 77 28.13 -7.96 -7.35
C GLY D 77 28.48 -8.60 -8.68
N ILE D 78 29.46 -9.50 -8.68
CA ILE D 78 29.80 -10.23 -9.91
C ILE D 78 28.62 -11.10 -10.35
N GLY D 79 27.94 -11.70 -9.39
CA GLY D 79 26.75 -12.48 -9.73
C GLY D 79 25.66 -11.65 -10.39
N SER D 80 25.39 -10.47 -9.85
CA SER D 80 24.36 -9.61 -10.43
C SER D 80 24.80 -9.09 -11.80
N VAL D 81 26.08 -8.76 -11.96
CA VAL D 81 26.60 -8.28 -13.25
C VAL D 81 26.43 -9.34 -14.33
N PHE D 82 26.83 -10.58 -14.04
CA PHE D 82 26.78 -11.58 -15.09
C PHE D 82 25.39 -12.15 -15.30
N GLY D 83 24.53 -12.14 -14.28
CA GLY D 83 23.13 -12.43 -14.52
C GLY D 83 22.47 -11.39 -15.40
N SER D 84 22.81 -10.12 -15.19
CA SER D 84 22.36 -9.06 -16.09
C SER D 84 22.89 -9.24 -17.50
N LEU D 85 24.13 -9.74 -17.63
CA LEU D 85 24.67 -10.03 -18.96
C LEU D 85 23.84 -11.11 -19.65
N ILE D 86 23.44 -12.14 -18.91
CA ILE D 86 22.53 -13.16 -19.46
C ILE D 86 21.24 -12.53 -19.95
N ILE D 87 20.62 -11.71 -19.09
CA ILE D 87 19.32 -11.12 -19.41
C ILE D 87 19.42 -10.17 -20.60
N GLY D 88 20.46 -9.34 -20.65
CA GLY D 88 20.65 -8.38 -21.71
C GLY D 88 21.27 -8.93 -22.98
N TYR D 89 21.77 -10.16 -22.97
CA TYR D 89 22.12 -10.81 -24.22
C TYR D 89 21.00 -11.71 -24.72
N ALA D 90 20.05 -12.07 -23.86
CA ALA D 90 18.88 -12.84 -24.30
C ALA D 90 18.11 -12.11 -25.39
N ARG D 91 17.77 -10.85 -25.15
CA ARG D 91 17.43 -9.94 -26.23
C ARG D 91 18.70 -9.26 -26.70
N ASN D 92 18.68 -8.78 -27.93
CA ASN D 92 19.83 -8.24 -28.65
C ASN D 92 21.04 -9.19 -28.61
N PRO D 93 20.99 -10.33 -29.29
CA PRO D 93 22.20 -11.16 -29.39
C PRO D 93 23.31 -10.49 -30.20
N SER D 94 22.99 -9.50 -31.02
CA SER D 94 23.95 -8.83 -31.88
C SER D 94 24.63 -7.65 -31.20
N LEU D 95 24.64 -7.61 -29.88
CA LEU D 95 25.34 -6.57 -29.12
C LEU D 95 26.35 -7.17 -28.15
N LYS D 96 26.84 -8.38 -28.42
CA LYS D 96 27.67 -9.08 -27.44
C LYS D 96 29.08 -8.51 -27.34
N GLN D 97 29.52 -7.73 -28.32
CA GLN D 97 30.85 -7.14 -28.22
C GLN D 97 30.90 -5.96 -27.27
N GLN D 98 29.75 -5.35 -26.97
CA GLN D 98 29.69 -4.26 -26.00
C GLN D 98 29.08 -4.69 -24.67
N LEU D 99 28.12 -5.61 -24.70
CA LEU D 99 27.57 -6.16 -23.47
C LEU D 99 28.65 -6.88 -22.67
N PHE D 100 29.49 -7.66 -23.34
CA PHE D 100 30.56 -8.36 -22.64
C PHE D 100 31.64 -7.40 -22.17
N SER D 101 31.86 -6.30 -22.88
CA SER D 101 32.83 -5.31 -22.41
C SER D 101 32.32 -4.61 -21.16
N TYR D 102 31.03 -4.26 -21.12
CA TYR D 102 30.45 -3.68 -19.91
C TYR D 102 30.46 -4.68 -18.76
N ALA D 103 30.21 -5.96 -19.05
CA ALA D 103 30.27 -6.99 -18.02
C ALA D 103 31.68 -7.14 -17.47
N ILE D 104 32.69 -7.09 -18.34
CA ILE D 104 34.08 -7.16 -17.93
C ILE D 104 34.43 -5.96 -17.04
N LEU D 105 33.98 -4.76 -17.42
CA LEU D 105 34.26 -3.58 -16.62
C LEU D 105 33.57 -3.63 -15.26
N GLY D 106 32.31 -4.06 -15.22
CA GLY D 106 31.61 -4.15 -13.95
C GLY D 106 32.18 -5.20 -13.02
N PHE D 107 32.54 -6.36 -13.59
CA PHE D 107 33.21 -7.40 -12.82
C PHE D 107 34.55 -6.91 -12.30
N ALA D 108 35.31 -6.18 -13.13
CA ALA D 108 36.60 -5.67 -12.71
C ALA D 108 36.46 -4.69 -11.56
N LEU D 109 35.43 -3.84 -11.60
CA LEU D 109 35.26 -2.87 -10.53
C LEU D 109 34.79 -3.52 -9.23
N SER D 110 33.81 -4.44 -9.30
CA SER D 110 33.35 -5.10 -8.08
C SER D 110 34.43 -6.00 -7.49
N GLU D 111 35.16 -6.73 -8.32
CA GLU D 111 36.29 -7.52 -7.86
C GLU D 111 37.43 -6.63 -7.38
N ALA D 112 37.53 -5.39 -7.90
CA ALA D 112 38.52 -4.46 -7.39
C ALA D 112 38.19 -4.01 -5.98
N MET D 113 36.90 -3.78 -5.71
CA MET D 113 36.49 -3.48 -4.33
C MET D 113 36.74 -4.68 -3.41
N GLY D 114 36.48 -5.90 -3.91
CA GLY D 114 36.79 -7.08 -3.13
C GLY D 114 38.27 -7.23 -2.85
N LEU D 115 39.11 -6.92 -3.83
CA LEU D 115 40.55 -6.97 -3.64
C LEU D 115 41.03 -5.87 -2.71
N PHE D 116 40.37 -4.71 -2.71
CA PHE D 116 40.71 -3.67 -1.75
C PHE D 116 40.36 -4.11 -0.34
N CYS D 117 39.25 -4.83 -0.18
CA CYS D 117 38.91 -5.39 1.13
C CYS D 117 39.90 -6.46 1.56
N LEU D 118 40.38 -7.27 0.60
CA LEU D 118 41.42 -8.25 0.90
C LEU D 118 42.73 -7.59 1.28
N MET D 119 43.07 -6.46 0.63
CA MET D 119 44.25 -5.69 0.99
C MET D 119 44.10 -5.08 2.38
N MET D 120 42.88 -4.64 2.72
CA MET D 120 42.61 -4.18 4.08
C MET D 120 42.80 -5.30 5.09
N ALA D 121 42.42 -6.52 4.71
CA ALA D 121 42.66 -7.68 5.59
C ALA D 121 44.14 -7.95 5.76
N PHE D 122 44.93 -7.87 4.69
CA PHE D 122 46.36 -8.11 4.79
C PHE D 122 47.09 -6.97 5.47
N LEU D 123 46.53 -5.77 5.47
CA LEU D 123 47.17 -4.64 6.15
C LEU D 123 47.00 -4.74 7.66
N LEU D 124 45.94 -5.39 8.13
CA LEU D 124 45.75 -5.61 9.56
C LEU D 124 46.55 -6.79 10.09
N LEU D 125 47.33 -7.44 9.24
CA LEU D 125 48.04 -8.65 9.65
C LEU D 125 49.53 -8.59 9.40
N PHE D 126 49.96 -7.97 8.29
CA PHE D 126 51.38 -7.96 7.95
C PHE D 126 51.88 -6.57 7.57
N ALA D 127 51.16 -5.51 7.92
CA ALA D 127 51.60 -4.18 7.57
C ALA D 127 51.53 -3.22 8.76
N PHE D 128 50.62 -3.48 9.70
CA PHE D 128 50.43 -2.57 10.81
C PHE D 128 50.94 -3.16 12.12
N ASP E 54 46.84 -20.48 25.84
CA ASP E 54 47.05 -20.15 24.44
C ASP E 54 45.83 -19.45 23.86
N ILE E 55 46.04 -18.25 23.32
CA ILE E 55 44.98 -17.47 22.71
C ILE E 55 45.22 -17.20 21.23
N ASP E 56 46.43 -17.47 20.72
CA ASP E 56 46.71 -17.23 19.31
C ASP E 56 45.94 -18.19 18.43
N SER E 57 45.98 -19.50 18.73
CA SER E 57 45.20 -20.47 17.98
C SER E 57 43.71 -20.28 18.20
N ALA E 58 43.33 -19.79 19.39
CA ALA E 58 41.93 -19.49 19.67
C ALA E 58 41.41 -18.39 18.76
N ALA E 59 42.18 -17.30 18.63
CA ALA E 59 41.76 -16.24 17.72
C ALA E 59 41.95 -16.63 16.26
N LYS E 60 42.80 -17.61 15.97
CA LYS E 60 42.81 -18.19 14.63
C LYS E 60 41.47 -18.86 14.32
N PHE E 61 40.93 -19.60 15.29
CA PHE E 61 39.61 -20.22 15.12
C PHE E 61 38.53 -19.16 14.95
N ILE E 62 38.59 -18.08 15.74
CA ILE E 62 37.62 -17.00 15.59
C ILE E 62 37.77 -16.31 14.24
N GLY E 63 39.00 -16.17 13.76
CA GLY E 63 39.23 -15.53 12.48
C GLY E 63 38.73 -16.35 11.31
N ALA E 64 38.91 -17.68 11.36
CA ALA E 64 38.36 -18.53 10.31
C ALA E 64 36.83 -18.54 10.35
N GLY E 65 36.26 -18.55 11.56
CA GLY E 65 34.82 -18.43 11.68
C GLY E 65 34.27 -17.14 11.13
N ALA E 66 35.02 -16.04 11.29
CA ALA E 66 34.59 -14.77 10.69
C ALA E 66 34.82 -14.74 9.18
N ALA E 67 35.87 -15.41 8.69
CA ALA E 67 36.15 -15.39 7.26
C ALA E 67 35.21 -16.29 6.48
N THR E 68 34.57 -17.25 7.14
CA THR E 68 33.61 -18.09 6.43
C THR E 68 32.31 -17.35 6.06
N VAL E 69 32.07 -16.17 6.61
CA VAL E 69 30.88 -15.40 6.22
C VAL E 69 31.03 -14.83 4.81
N GLY E 70 32.25 -14.73 4.30
CA GLY E 70 32.46 -14.16 2.98
C GLY E 70 31.99 -15.03 1.83
N VAL E 71 31.59 -16.28 2.10
CA VAL E 71 31.04 -17.15 1.06
C VAL E 71 29.55 -16.94 0.87
N ALA E 72 28.89 -16.17 1.74
CA ALA E 72 27.48 -15.87 1.56
C ALA E 72 27.24 -15.08 0.28
N GLY E 73 28.10 -14.10 0.01
CA GLY E 73 27.94 -13.35 -1.21
C GLY E 73 28.20 -14.17 -2.46
N SER E 74 29.13 -15.13 -2.39
CA SER E 74 29.33 -16.03 -3.52
C SER E 74 28.09 -16.89 -3.76
N GLY E 75 27.48 -17.39 -2.70
CA GLY E 75 26.25 -18.16 -2.86
C GLY E 75 25.12 -17.34 -3.44
N ALA E 76 24.98 -16.09 -2.99
CA ALA E 76 23.97 -15.20 -3.54
C ALA E 76 24.27 -14.85 -5.00
N GLY E 77 25.55 -14.74 -5.37
CA GLY E 77 25.89 -14.51 -6.75
C GLY E 77 25.57 -15.68 -7.65
N ILE E 78 25.78 -16.90 -7.16
CA ILE E 78 25.39 -18.09 -7.93
C ILE E 78 23.88 -18.12 -8.12
N GLY E 79 23.14 -17.82 -7.06
CA GLY E 79 21.70 -17.76 -7.17
C GLY E 79 21.22 -16.72 -8.16
N SER E 80 21.85 -15.55 -8.16
CA SER E 80 21.48 -14.48 -9.09
C SER E 80 21.81 -14.85 -10.54
N VAL E 81 22.99 -15.42 -10.79
CA VAL E 81 23.37 -15.73 -12.16
C VAL E 81 22.52 -16.86 -12.72
N PHE E 82 22.13 -17.84 -11.90
CA PHE E 82 21.30 -18.90 -12.46
C PHE E 82 19.82 -18.53 -12.53
N GLY E 83 19.34 -17.67 -11.62
CA GLY E 83 18.00 -17.15 -11.78
C GLY E 83 17.87 -16.28 -13.02
N SER E 84 18.89 -15.48 -13.31
CA SER E 84 18.84 -14.74 -14.56
C SER E 84 19.15 -15.60 -15.77
N LEU E 85 19.77 -16.76 -15.60
CA LEU E 85 19.80 -17.75 -16.68
C LEU E 85 18.39 -18.24 -17.00
N ILE E 86 17.58 -18.48 -15.96
CA ILE E 86 16.17 -18.81 -16.16
C ILE E 86 15.47 -17.70 -16.94
N ILE E 87 15.64 -16.46 -16.48
CA ILE E 87 14.93 -15.32 -17.08
C ILE E 87 15.38 -15.11 -18.53
N GLY E 88 16.68 -15.21 -18.80
CA GLY E 88 17.19 -15.05 -20.13
C GLY E 88 16.98 -16.22 -21.06
N TYR E 89 16.70 -17.41 -20.54
CA TYR E 89 16.28 -18.51 -21.40
C TYR E 89 14.78 -18.48 -21.66
N ALA E 90 14.01 -17.86 -20.78
CA ALA E 90 12.58 -17.69 -21.03
C ALA E 90 12.32 -16.83 -22.25
N ARG E 91 13.12 -15.78 -22.43
CA ARG E 91 13.04 -14.94 -23.62
C ARG E 91 14.17 -15.34 -24.57
N ASN E 92 13.80 -15.74 -25.78
CA ASN E 92 14.72 -16.19 -26.84
C ASN E 92 15.54 -17.40 -26.40
N PRO E 93 14.95 -18.58 -26.28
CA PRO E 93 15.69 -19.75 -25.80
C PRO E 93 16.63 -20.41 -26.79
N SER E 94 16.74 -19.93 -28.03
CA SER E 94 17.64 -20.58 -28.97
C SER E 94 19.11 -20.27 -28.71
N LEU E 95 19.40 -19.35 -27.79
CA LEU E 95 20.76 -19.00 -27.41
C LEU E 95 21.26 -19.80 -26.22
N LYS E 96 20.82 -21.06 -26.10
CA LYS E 96 21.03 -21.83 -24.87
C LYS E 96 22.51 -22.05 -24.60
N GLN E 97 23.30 -22.35 -25.64
CA GLN E 97 24.72 -22.64 -25.44
C GLN E 97 25.50 -21.41 -25.00
N GLN E 98 25.27 -20.26 -25.64
CA GLN E 98 25.97 -19.05 -25.24
C GLN E 98 25.49 -18.55 -23.88
N LEU E 99 24.19 -18.69 -23.60
CA LEU E 99 23.67 -18.33 -22.29
C LEU E 99 24.27 -19.19 -21.20
N PHE E 100 24.39 -20.50 -21.44
CA PHE E 100 24.96 -21.35 -20.42
C PHE E 100 26.47 -21.16 -20.30
N SER E 101 27.16 -20.81 -21.38
CA SER E 101 28.57 -20.48 -21.28
C SER E 101 28.79 -19.24 -20.44
N TYR E 102 27.96 -18.20 -20.63
CA TYR E 102 28.09 -17.01 -19.81
C TYR E 102 27.63 -17.26 -18.37
N ALA E 103 26.65 -18.15 -18.16
CA ALA E 103 26.24 -18.50 -16.80
C ALA E 103 27.33 -19.29 -16.08
N ILE E 104 28.03 -20.16 -16.80
CA ILE E 104 29.18 -20.86 -16.23
C ILE E 104 30.32 -19.89 -15.93
N LEU E 105 30.49 -18.87 -16.79
CA LEU E 105 31.48 -17.83 -16.51
C LEU E 105 31.12 -17.05 -15.24
N GLY E 106 29.85 -16.70 -15.07
CA GLY E 106 29.44 -16.02 -13.84
C GLY E 106 29.57 -16.89 -12.60
N PHE E 107 29.22 -18.17 -12.73
CA PHE E 107 29.40 -19.13 -11.64
C PHE E 107 30.88 -19.23 -11.25
N ALA E 108 31.76 -19.31 -12.25
CA ALA E 108 33.19 -19.40 -11.97
C ALA E 108 33.71 -18.13 -11.32
N LEU E 109 33.25 -16.97 -11.78
CA LEU E 109 33.77 -15.72 -11.24
C LEU E 109 33.20 -15.37 -9.87
N SER E 110 32.06 -15.95 -9.47
CA SER E 110 31.64 -15.81 -8.07
C SER E 110 32.19 -16.91 -7.18
N GLU E 111 32.38 -18.12 -7.73
CA GLU E 111 33.08 -19.16 -6.99
C GLU E 111 34.54 -18.78 -6.74
N ALA E 112 35.11 -17.92 -7.58
CA ALA E 112 36.43 -17.39 -7.31
C ALA E 112 36.45 -16.58 -6.02
N MET E 113 35.43 -15.74 -5.80
CA MET E 113 35.34 -14.98 -4.56
C MET E 113 35.08 -15.90 -3.36
N GLY E 114 34.23 -16.91 -3.54
CA GLY E 114 33.99 -17.87 -2.48
C GLY E 114 35.24 -18.66 -2.10
N LEU E 115 36.00 -19.09 -3.11
CA LEU E 115 37.25 -19.80 -2.84
C LEU E 115 38.31 -18.87 -2.26
N PHE E 116 38.28 -17.59 -2.62
CA PHE E 116 39.17 -16.62 -1.98
C PHE E 116 38.89 -16.50 -0.50
N CYS E 117 37.60 -16.43 -0.13
CA CYS E 117 37.24 -16.36 1.28
C CYS E 117 37.61 -17.63 2.02
N LEU E 118 37.35 -18.80 1.40
CA LEU E 118 37.69 -20.06 2.04
C LEU E 118 39.19 -20.22 2.20
N MET E 119 39.97 -19.80 1.21
CA MET E 119 41.42 -19.85 1.31
C MET E 119 41.94 -18.87 2.35
N MET E 120 41.27 -17.72 2.52
CA MET E 120 41.64 -16.81 3.61
C MET E 120 41.38 -17.44 4.97
N ALA E 121 40.25 -18.15 5.12
CA ALA E 121 39.95 -18.82 6.38
C ALA E 121 40.98 -19.90 6.68
N PHE E 122 41.32 -20.71 5.66
CA PHE E 122 42.33 -21.76 5.84
C PHE E 122 43.70 -21.17 6.15
N LEU E 123 44.03 -20.04 5.51
CA LEU E 123 45.32 -19.40 5.73
C LEU E 123 45.43 -18.81 7.12
N LEU E 124 44.34 -18.21 7.62
CA LEU E 124 44.34 -17.71 9.00
C LEU E 124 44.42 -18.85 9.99
N LEU E 125 43.79 -19.99 9.67
CA LEU E 125 43.84 -21.13 10.57
C LEU E 125 45.23 -21.76 10.61
N PHE E 126 45.90 -21.85 9.46
CA PHE E 126 47.18 -22.55 9.39
C PHE E 126 48.33 -21.67 8.94
N ALA E 127 48.21 -21.00 7.79
CA ALA E 127 49.37 -20.39 7.15
C ALA E 127 49.79 -19.07 7.78
N PHE E 128 48.93 -18.45 8.59
CA PHE E 128 49.25 -17.14 9.17
C PHE E 128 49.47 -17.23 10.66
N ASP F 54 40.92 -24.39 28.03
CA ASP F 54 39.47 -24.32 27.86
C ASP F 54 39.09 -23.03 27.13
N ILE F 55 40.10 -22.23 26.79
CA ILE F 55 39.87 -21.09 25.91
C ILE F 55 39.56 -21.57 24.50
N ASP F 56 40.25 -22.62 24.05
CA ASP F 56 40.16 -23.07 22.67
C ASP F 56 38.80 -23.70 22.34
N SER F 57 38.18 -24.37 23.31
CA SER F 57 36.83 -24.88 23.09
C SER F 57 35.83 -23.73 22.91
N ALA F 58 35.99 -22.68 23.70
CA ALA F 58 35.19 -21.47 23.54
C ALA F 58 35.42 -20.85 22.16
N ALA F 59 36.67 -20.83 21.71
CA ALA F 59 36.98 -20.31 20.39
C ALA F 59 36.34 -21.13 19.29
N LYS F 60 36.30 -22.45 19.46
CA LYS F 60 35.67 -23.31 18.47
C LYS F 60 34.16 -23.07 18.43
N PHE F 61 33.54 -22.82 19.58
CA PHE F 61 32.12 -22.46 19.58
C PHE F 61 31.86 -21.15 18.86
N ILE F 62 32.72 -20.14 19.08
CA ILE F 62 32.56 -18.86 18.40
C ILE F 62 32.81 -19.00 16.91
N GLY F 63 33.80 -19.82 16.53
CA GLY F 63 34.07 -20.06 15.11
C GLY F 63 32.96 -20.82 14.40
N ALA F 64 32.34 -21.80 15.08
CA ALA F 64 31.20 -22.49 14.50
C ALA F 64 30.01 -21.56 14.33
N GLY F 65 29.68 -20.79 15.37
CA GLY F 65 28.58 -19.85 15.26
C GLY F 65 28.80 -18.77 14.22
N ALA F 66 30.04 -18.31 14.06
CA ALA F 66 30.32 -17.31 13.05
C ALA F 66 30.48 -17.90 11.66
N ALA F 67 30.86 -19.16 11.54
CA ALA F 67 30.93 -19.78 10.21
C ALA F 67 29.57 -20.19 9.70
N THR F 68 28.57 -20.29 10.58
CA THR F 68 27.22 -20.58 10.13
C THR F 68 26.44 -19.36 9.66
N VAL F 69 27.11 -18.28 9.23
CA VAL F 69 26.43 -17.16 8.59
C VAL F 69 26.51 -17.23 7.06
N GLY F 70 27.37 -18.09 6.52
CA GLY F 70 27.39 -18.27 5.07
C GLY F 70 26.18 -18.97 4.50
N VAL F 71 25.33 -19.54 5.35
CA VAL F 71 24.08 -20.15 4.91
C VAL F 71 23.05 -19.09 4.52
N ALA F 72 23.25 -17.85 4.97
CA ALA F 72 22.39 -16.74 4.53
C ALA F 72 22.50 -16.53 3.04
N GLY F 73 23.71 -16.66 2.49
CA GLY F 73 23.87 -16.52 1.06
C GLY F 73 23.18 -17.62 0.28
N SER F 74 23.18 -18.85 0.81
CA SER F 74 22.44 -19.92 0.19
C SER F 74 20.95 -19.64 0.22
N GLY F 75 20.44 -19.11 1.32
CA GLY F 75 19.02 -18.76 1.38
C GLY F 75 18.65 -17.68 0.38
N ALA F 76 19.47 -16.63 0.28
CA ALA F 76 19.20 -15.55 -0.66
C ALA F 76 19.30 -16.03 -2.11
N GLY F 77 20.29 -16.87 -2.41
CA GLY F 77 20.41 -17.39 -3.75
C GLY F 77 19.26 -18.32 -4.14
N ILE F 78 18.80 -19.12 -3.19
CA ILE F 78 17.64 -19.98 -3.42
C ILE F 78 16.40 -19.16 -3.71
N GLY F 79 16.19 -18.10 -2.91
CA GLY F 79 15.05 -17.24 -3.16
C GLY F 79 15.13 -16.54 -4.50
N SER F 80 16.33 -16.09 -4.88
CA SER F 80 16.52 -15.43 -6.18
C SER F 80 16.25 -16.40 -7.33
N VAL F 81 16.80 -17.61 -7.27
CA VAL F 81 16.66 -18.54 -8.38
C VAL F 81 15.21 -19.03 -8.51
N PHE F 82 14.49 -19.18 -7.41
CA PHE F 82 13.12 -19.66 -7.57
C PHE F 82 12.10 -18.54 -7.82
N GLY F 83 12.35 -17.33 -7.34
CA GLY F 83 11.57 -16.21 -7.81
C GLY F 83 11.77 -15.95 -9.29
N SER F 84 13.00 -16.08 -9.77
CA SER F 84 13.23 -15.96 -11.20
C SER F 84 12.68 -17.15 -11.97
N LEU F 85 12.53 -18.31 -11.32
CA LEU F 85 11.80 -19.41 -11.95
C LEU F 85 10.33 -19.05 -12.15
N ILE F 86 9.72 -18.39 -11.16
CA ILE F 86 8.37 -17.87 -11.32
C ILE F 86 8.31 -16.88 -12.47
N ILE F 87 9.28 -15.97 -12.52
CA ILE F 87 9.33 -14.95 -13.59
C ILE F 87 9.45 -15.62 -14.96
N GLY F 88 10.43 -16.50 -15.12
CA GLY F 88 10.72 -17.14 -16.38
C GLY F 88 9.73 -18.21 -16.77
N TYR F 89 8.88 -18.65 -15.86
CA TYR F 89 7.77 -19.52 -16.24
C TYR F 89 6.52 -18.71 -16.58
N ALA F 90 6.37 -17.52 -16.02
CA ALA F 90 5.24 -16.67 -16.38
C ALA F 90 5.31 -16.26 -17.85
N ARG F 91 6.48 -15.80 -18.29
CA ARG F 91 6.73 -15.55 -19.69
C ARG F 91 7.24 -16.83 -20.34
N ASN F 92 6.68 -17.19 -21.50
CA ASN F 92 7.00 -18.40 -22.24
C ASN F 92 6.87 -19.65 -21.36
N PRO F 93 5.65 -20.04 -20.98
CA PRO F 93 5.49 -21.18 -20.07
C PRO F 93 5.63 -22.55 -20.70
N SER F 94 5.87 -22.63 -22.01
CA SER F 94 5.99 -23.92 -22.67
C SER F 94 7.32 -24.60 -22.40
N LEU F 95 8.24 -23.94 -21.70
CA LEU F 95 9.57 -24.47 -21.44
C LEU F 95 9.76 -24.84 -19.98
N LYS F 96 8.71 -25.39 -19.36
CA LYS F 96 8.76 -25.71 -17.93
C LYS F 96 9.81 -26.77 -17.61
N GLN F 97 10.05 -27.69 -18.55
CA GLN F 97 11.05 -28.73 -18.33
C GLN F 97 12.45 -28.14 -18.17
N GLN F 98 12.86 -27.30 -19.13
CA GLN F 98 14.19 -26.72 -19.04
C GLN F 98 14.28 -25.66 -17.95
N LEU F 99 13.18 -24.94 -17.69
CA LEU F 99 13.16 -23.97 -16.60
C LEU F 99 13.37 -24.66 -15.26
N PHE F 100 12.64 -25.74 -15.01
CA PHE F 100 12.80 -26.45 -13.74
C PHE F 100 14.15 -27.15 -13.66
N SER F 101 14.69 -27.63 -14.78
CA SER F 101 16.02 -28.22 -14.77
C SER F 101 17.08 -27.20 -14.37
N TYR F 102 17.05 -26.01 -14.99
CA TYR F 102 18.03 -24.99 -14.66
C TYR F 102 17.82 -24.43 -13.26
N ALA F 103 16.57 -24.34 -12.80
CA ALA F 103 16.32 -23.85 -11.45
C ALA F 103 16.80 -24.83 -10.39
N ILE F 104 16.63 -26.13 -10.65
CA ILE F 104 17.16 -27.14 -9.74
C ILE F 104 18.68 -27.13 -9.75
N LEU F 105 19.30 -26.86 -10.92
CA LEU F 105 20.75 -26.72 -10.95
C LEU F 105 21.23 -25.52 -10.14
N GLY F 106 20.56 -24.37 -10.28
CA GLY F 106 20.94 -23.19 -9.51
C GLY F 106 20.73 -23.40 -8.02
N PHE F 107 19.63 -24.04 -7.65
CA PHE F 107 19.37 -24.39 -6.25
C PHE F 107 20.43 -25.34 -5.72
N ALA F 108 20.85 -26.31 -6.54
CA ALA F 108 21.86 -27.26 -6.13
C ALA F 108 23.19 -26.56 -5.86
N LEU F 109 23.54 -25.58 -6.68
CA LEU F 109 24.80 -24.88 -6.44
C LEU F 109 24.73 -23.91 -5.27
N SER F 110 23.59 -23.23 -5.07
CA SER F 110 23.43 -22.38 -3.90
C SER F 110 23.43 -23.20 -2.61
N GLU F 111 22.70 -24.31 -2.60
CA GLU F 111 22.73 -25.24 -1.46
C GLU F 111 24.10 -25.84 -1.27
N ALA F 112 24.86 -26.03 -2.35
CA ALA F 112 26.24 -26.50 -2.22
C ALA F 112 27.10 -25.48 -1.49
N MET F 113 26.91 -24.19 -1.79
CA MET F 113 27.64 -23.16 -1.05
C MET F 113 27.24 -23.12 0.42
N GLY F 114 25.95 -23.24 0.70
CA GLY F 114 25.50 -23.24 2.09
C GLY F 114 25.98 -24.46 2.87
N LEU F 115 25.98 -25.63 2.22
CA LEU F 115 26.51 -26.83 2.86
C LEU F 115 28.03 -26.78 2.99
N PHE F 116 28.72 -26.07 2.09
CA PHE F 116 30.14 -25.84 2.28
C PHE F 116 30.40 -25.01 3.52
N CYS F 117 29.58 -23.98 3.75
CA CYS F 117 29.73 -23.17 4.96
C CYS F 117 29.40 -23.96 6.22
N LEU F 118 28.35 -24.79 6.17
CA LEU F 118 28.00 -25.64 7.32
C LEU F 118 29.07 -26.69 7.58
N MET F 119 29.68 -27.23 6.52
CA MET F 119 30.79 -28.16 6.66
C MET F 119 32.01 -27.48 7.26
N MET F 120 32.27 -26.23 6.86
CA MET F 120 33.38 -25.49 7.45
C MET F 120 33.12 -25.18 8.92
N ALA F 121 31.85 -24.98 9.29
CA ALA F 121 31.53 -24.79 10.70
C ALA F 121 31.75 -26.07 11.50
N PHE F 122 31.25 -27.20 10.99
CA PHE F 122 31.42 -28.47 11.69
C PHE F 122 32.88 -28.95 11.71
N LEU F 123 33.68 -28.55 10.72
CA LEU F 123 35.11 -28.84 10.77
C LEU F 123 35.83 -27.92 11.74
N LEU F 124 35.45 -26.65 11.80
CA LEU F 124 36.04 -25.70 12.75
C LEU F 124 35.73 -26.07 14.19
N LEU F 125 34.69 -26.86 14.42
CA LEU F 125 34.26 -27.23 15.75
C LEU F 125 34.72 -28.63 16.15
N PHE F 126 34.97 -29.53 15.19
CA PHE F 126 35.20 -30.93 15.51
C PHE F 126 36.46 -31.53 14.89
N ALA F 127 37.20 -30.80 14.07
CA ALA F 127 38.38 -31.36 13.40
C ALA F 127 39.67 -30.71 13.88
N PHE F 128 39.79 -29.39 13.79
CA PHE F 128 41.02 -28.72 14.17
C PHE F 128 41.12 -28.55 15.69
N ASP G 54 33.85 -21.45 32.45
CA ASP G 54 32.68 -20.57 32.36
C ASP G 54 32.74 -19.74 31.09
N ILE G 55 33.89 -19.79 30.41
CA ILE G 55 33.99 -19.17 29.10
C ILE G 55 33.28 -20.02 28.03
N ASP G 56 33.08 -21.31 28.30
CA ASP G 56 32.43 -22.20 27.34
C ASP G 56 30.97 -21.82 27.14
N SER G 57 30.23 -21.60 28.24
CA SER G 57 28.83 -21.22 28.13
C SER G 57 28.68 -19.85 27.49
N ALA G 58 29.60 -18.94 27.82
CA ALA G 58 29.62 -17.62 27.21
C ALA G 58 29.81 -17.71 25.70
N ALA G 59 30.73 -18.55 25.27
CA ALA G 59 30.96 -18.68 23.84
C ALA G 59 29.85 -19.43 23.13
N LYS G 60 29.16 -20.33 23.84
CA LYS G 60 27.95 -20.93 23.28
C LYS G 60 26.89 -19.86 23.03
N PHE G 61 26.77 -18.91 23.96
CA PHE G 61 25.84 -17.79 23.77
C PHE G 61 26.21 -16.96 22.53
N ILE G 62 27.49 -16.59 22.43
CA ILE G 62 27.94 -15.75 21.31
C ILE G 62 27.79 -16.49 19.99
N GLY G 63 28.13 -17.78 19.96
CA GLY G 63 27.95 -18.58 18.76
C GLY G 63 26.50 -18.78 18.38
N ALA G 64 25.61 -18.88 19.38
CA ALA G 64 24.18 -18.95 19.09
C ALA G 64 23.70 -17.66 18.40
N GLY G 65 24.12 -16.51 18.91
CA GLY G 65 23.75 -15.26 18.25
C GLY G 65 24.33 -15.12 16.85
N ALA G 66 25.61 -15.46 16.70
CA ALA G 66 26.27 -15.38 15.40
C ALA G 66 25.66 -16.34 14.40
N ALA G 67 25.22 -17.52 14.85
CA ALA G 67 24.53 -18.45 13.95
C ALA G 67 23.15 -17.92 13.57
N THR G 68 22.46 -17.27 14.52
CA THR G 68 21.15 -16.70 14.21
C THR G 68 21.22 -15.51 13.26
N VAL G 69 22.42 -14.94 13.07
CA VAL G 69 22.58 -13.94 12.00
C VAL G 69 22.22 -14.53 10.64
N GLY G 70 22.50 -15.82 10.42
CA GLY G 70 22.37 -16.44 9.11
C GLY G 70 20.96 -16.59 8.57
N VAL G 71 19.94 -16.27 9.36
CA VAL G 71 18.56 -16.30 8.87
C VAL G 71 18.24 -15.07 8.03
N ALA G 72 19.15 -14.09 8.01
CA ALA G 72 18.92 -12.85 7.26
C ALA G 72 18.78 -13.13 5.77
N GLY G 73 19.70 -13.91 5.21
CA GLY G 73 19.63 -14.22 3.80
C GLY G 73 18.42 -15.04 3.43
N SER G 74 17.92 -15.84 4.37
CA SER G 74 16.69 -16.59 4.12
C SER G 74 15.48 -15.67 4.09
N GLY G 75 15.44 -14.68 4.98
CA GLY G 75 14.41 -13.65 4.89
C GLY G 75 14.48 -12.87 3.59
N ALA G 76 15.69 -12.56 3.15
CA ALA G 76 15.87 -11.84 1.89
C ALA G 76 15.46 -12.71 0.70
N GLY G 77 15.73 -14.01 0.75
CA GLY G 77 15.30 -14.89 -0.32
C GLY G 77 13.79 -15.07 -0.37
N ILE G 78 13.15 -15.13 0.80
CA ILE G 78 11.69 -15.20 0.83
C ILE G 78 11.08 -13.92 0.27
N GLY G 79 11.68 -12.77 0.61
CA GLY G 79 11.25 -11.52 0.01
C GLY G 79 11.43 -11.50 -1.50
N SER G 80 12.55 -12.03 -1.98
CA SER G 80 12.82 -12.07 -3.41
C SER G 80 11.82 -12.97 -4.14
N VAL G 81 11.54 -14.16 -3.59
CA VAL G 81 10.65 -15.09 -4.28
C VAL G 81 9.21 -14.56 -4.26
N PHE G 82 8.79 -13.87 -3.20
CA PHE G 82 7.43 -13.35 -3.24
C PHE G 82 7.30 -12.07 -4.09
N GLY G 83 8.34 -11.23 -4.13
CA GLY G 83 8.30 -10.11 -5.05
C GLY G 83 8.30 -10.56 -6.50
N SER G 84 9.07 -11.59 -6.81
CA SER G 84 9.01 -12.12 -8.15
C SER G 84 7.72 -12.88 -8.42
N LEU G 85 7.05 -13.38 -7.38
CA LEU G 85 5.68 -13.87 -7.54
C LEU G 85 4.76 -12.73 -7.96
N ILE G 86 4.94 -11.54 -7.39
CA ILE G 86 4.16 -10.37 -7.82
C ILE G 86 4.42 -10.07 -9.30
N ILE G 87 5.69 -9.95 -9.68
CA ILE G 87 6.03 -9.54 -11.04
C ILE G 87 5.82 -10.67 -12.05
N GLY G 88 5.62 -11.90 -11.58
CA GLY G 88 5.28 -12.99 -12.47
C GLY G 88 3.81 -13.35 -12.44
N TYR G 89 3.05 -12.70 -11.57
CA TYR G 89 1.59 -12.80 -11.63
C TYR G 89 0.98 -11.62 -12.36
N ALA G 90 1.64 -10.45 -12.35
CA ALA G 90 1.17 -9.33 -13.16
C ALA G 90 1.22 -9.68 -14.64
N ARG G 91 2.27 -10.36 -15.07
CA ARG G 91 2.35 -10.95 -16.39
C ARG G 91 1.80 -12.37 -16.32
N ASN G 92 0.89 -12.70 -17.24
CA ASN G 92 0.23 -14.01 -17.33
C ASN G 92 -0.48 -14.39 -16.03
N PRO G 93 -1.59 -13.72 -15.68
CA PRO G 93 -2.29 -14.06 -14.43
C PRO G 93 -3.03 -15.39 -14.48
N SER G 94 -3.18 -16.00 -15.65
CA SER G 94 -3.92 -17.26 -15.77
C SER G 94 -3.16 -18.46 -15.22
N LEU G 95 -1.87 -18.32 -14.92
CA LEU G 95 -1.07 -19.39 -14.34
C LEU G 95 -0.91 -19.26 -12.84
N LYS G 96 -1.95 -18.76 -12.15
CA LYS G 96 -1.85 -18.39 -10.75
C LYS G 96 -1.52 -19.59 -9.87
N GLN G 97 -2.12 -20.74 -10.15
CA GLN G 97 -1.87 -21.94 -9.35
C GLN G 97 -0.43 -22.40 -9.47
N GLN G 98 0.11 -22.44 -10.70
CA GLN G 98 1.49 -22.85 -10.90
C GLN G 98 2.46 -21.86 -10.29
N LEU G 99 2.17 -20.55 -10.42
CA LEU G 99 3.06 -19.54 -9.87
C LEU G 99 3.07 -19.57 -8.35
N PHE G 100 1.90 -19.78 -7.73
CA PHE G 100 1.86 -19.88 -6.28
C PHE G 100 2.49 -21.18 -5.78
N SER G 101 2.39 -22.27 -6.56
CA SER G 101 3.08 -23.50 -6.21
C SER G 101 4.60 -23.30 -6.23
N TYR G 102 5.10 -22.62 -7.25
CA TYR G 102 6.53 -22.32 -7.31
C TYR G 102 6.95 -21.38 -6.18
N ALA G 103 6.09 -20.43 -5.82
CA ALA G 103 6.37 -19.55 -4.69
C ALA G 103 6.44 -20.32 -3.38
N ILE G 104 5.52 -21.28 -3.19
CA ILE G 104 5.53 -22.09 -1.98
C ILE G 104 6.79 -22.95 -1.91
N LEU G 105 7.19 -23.53 -3.04
CA LEU G 105 8.43 -24.32 -3.06
C LEU G 105 9.65 -23.46 -2.73
N GLY G 106 9.75 -22.27 -3.34
CA GLY G 106 10.90 -21.41 -3.08
C GLY G 106 10.93 -20.88 -1.67
N PHE G 107 9.78 -20.47 -1.13
CA PHE G 107 9.69 -20.05 0.25
C PHE G 107 10.04 -21.18 1.20
N ALA G 108 9.61 -22.41 0.88
CA ALA G 108 9.92 -23.54 1.74
C ALA G 108 11.41 -23.82 1.77
N LEU G 109 12.08 -23.72 0.62
CA LEU G 109 13.52 -23.96 0.59
C LEU G 109 14.29 -22.87 1.32
N SER G 110 13.91 -21.60 1.14
CA SER G 110 14.58 -20.52 1.85
C SER G 110 14.36 -20.62 3.36
N GLU G 111 13.12 -20.93 3.77
CA GLU G 111 12.83 -21.15 5.18
C GLU G 111 13.59 -22.36 5.72
N ALA G 112 13.81 -23.38 4.90
CA ALA G 112 14.63 -24.51 5.32
C ALA G 112 16.06 -24.08 5.61
N MET G 113 16.62 -23.19 4.77
CA MET G 113 17.95 -22.67 5.05
C MET G 113 17.97 -21.83 6.33
N GLY G 114 16.96 -20.99 6.52
CA GLY G 114 16.91 -20.18 7.73
C GLY G 114 16.76 -20.99 9.00
N LEU G 115 15.97 -22.06 8.94
CA LEU G 115 15.84 -22.92 10.09
C LEU G 115 17.05 -23.85 10.26
N PHE G 116 17.83 -24.08 9.19
CA PHE G 116 19.13 -24.72 9.41
C PHE G 116 20.06 -23.82 10.21
N CYS G 117 20.04 -22.51 9.92
CA CYS G 117 20.81 -21.56 10.72
C CYS G 117 20.31 -21.52 12.16
N LEU G 118 18.99 -21.49 12.34
CA LEU G 118 18.42 -21.50 13.69
C LEU G 118 18.73 -22.79 14.43
N MET G 119 18.77 -23.91 13.72
CA MET G 119 19.15 -25.19 14.33
C MET G 119 20.61 -25.19 14.74
N MET G 120 21.49 -24.59 13.94
CA MET G 120 22.88 -24.45 14.36
C MET G 120 23.05 -23.47 15.50
N ALA G 121 22.11 -22.54 15.67
CA ALA G 121 22.13 -21.70 16.86
C ALA G 121 21.70 -22.47 18.09
N PHE G 122 20.62 -23.26 17.98
CA PHE G 122 20.12 -24.05 19.10
C PHE G 122 20.94 -25.30 19.36
N LEU G 123 21.89 -25.63 18.50
CA LEU G 123 22.72 -26.81 18.69
C LEU G 123 24.00 -26.49 19.45
N LEU G 124 24.64 -25.36 19.11
CA LEU G 124 25.77 -24.88 19.88
C LEU G 124 25.34 -24.54 21.30
N LEU G 125 24.18 -23.91 21.43
CA LEU G 125 23.68 -23.43 22.70
C LEU G 125 23.34 -24.55 23.68
N PHE G 126 23.07 -25.76 23.18
CA PHE G 126 22.57 -26.85 24.02
C PHE G 126 23.34 -28.16 23.88
N ALA G 127 23.75 -28.53 22.66
CA ALA G 127 24.23 -29.88 22.41
C ALA G 127 25.69 -29.95 21.98
N PHE G 128 26.42 -28.84 22.03
CA PHE G 128 27.81 -28.83 21.59
C PHE G 128 28.76 -28.40 22.71
N ASP H 54 29.41 -12.75 35.72
CA ASP H 54 30.73 -12.31 35.29
C ASP H 54 30.75 -12.02 33.79
N ILE H 55 31.22 -13.00 33.01
CA ILE H 55 31.24 -12.86 31.56
C ILE H 55 30.08 -13.59 30.88
N ASP H 56 29.25 -14.31 31.65
CA ASP H 56 28.08 -14.96 31.08
C ASP H 56 27.04 -13.94 30.62
N SER H 57 26.71 -12.98 31.49
CA SER H 57 25.77 -11.92 31.08
C SER H 57 26.38 -11.00 30.04
N ALA H 58 27.71 -10.83 30.08
CA ALA H 58 28.41 -10.07 29.05
C ALA H 58 28.22 -10.72 27.69
N ALA H 59 28.42 -12.04 27.62
CA ALA H 59 28.19 -12.74 26.37
C ALA H 59 26.72 -12.84 26.01
N LYS H 60 25.82 -12.73 27.00
CA LYS H 60 24.40 -12.61 26.68
C LYS H 60 24.14 -11.31 25.91
N PHE H 61 24.75 -10.22 26.35
CA PHE H 61 24.63 -8.95 25.63
C PHE H 61 25.24 -9.04 24.23
N ILE H 62 26.42 -9.64 24.12
CA ILE H 62 27.08 -9.77 22.82
C ILE H 62 26.28 -10.67 21.88
N GLY H 63 25.77 -11.79 22.40
CA GLY H 63 24.99 -12.70 21.57
C GLY H 63 23.65 -12.13 21.15
N ALA H 64 23.02 -11.35 22.03
CA ALA H 64 21.77 -10.68 21.64
C ALA H 64 22.02 -9.63 20.57
N GLY H 65 23.08 -8.84 20.72
CA GLY H 65 23.41 -7.85 19.71
C GLY H 65 23.81 -8.47 18.39
N ALA H 66 24.43 -9.65 18.42
CA ALA H 66 24.74 -10.35 17.19
C ALA H 66 23.48 -10.94 16.56
N ALA H 67 22.63 -11.59 17.36
CA ALA H 67 21.46 -12.27 16.84
C ALA H 67 20.41 -11.31 16.30
N THR H 68 20.42 -10.05 16.73
CA THR H 68 19.46 -9.10 16.16
C THR H 68 19.93 -8.48 14.85
N VAL H 69 21.08 -8.91 14.31
CA VAL H 69 21.47 -8.46 12.98
C VAL H 69 20.52 -9.01 11.93
N GLY H 70 20.04 -10.24 12.13
CA GLY H 70 19.30 -11.00 11.13
C GLY H 70 18.01 -10.36 10.65
N VAL H 71 17.57 -9.27 11.29
CA VAL H 71 16.44 -8.49 10.77
C VAL H 71 16.85 -7.60 9.62
N ALA H 72 18.16 -7.50 9.32
CA ALA H 72 18.60 -6.86 8.09
C ALA H 72 18.07 -7.58 6.87
N GLY H 73 18.10 -8.91 6.90
CA GLY H 73 17.50 -9.66 5.82
C GLY H 73 16.00 -9.46 5.73
N SER H 74 15.33 -9.27 6.87
CA SER H 74 13.91 -8.96 6.85
C SER H 74 13.65 -7.62 6.18
N GLY H 75 14.47 -6.61 6.50
CA GLY H 75 14.31 -5.31 5.85
C GLY H 75 14.56 -5.37 4.36
N ALA H 76 15.61 -6.08 3.95
CA ALA H 76 15.92 -6.24 2.53
C ALA H 76 14.82 -7.01 1.80
N GLY H 77 14.28 -8.06 2.42
CA GLY H 77 13.22 -8.82 1.79
C GLY H 77 11.94 -8.04 1.65
N ILE H 78 11.57 -7.26 2.67
CA ILE H 78 10.36 -6.45 2.59
C ILE H 78 10.52 -5.34 1.55
N GLY H 79 11.71 -4.75 1.47
CA GLY H 79 11.98 -3.79 0.42
C GLY H 79 11.89 -4.38 -0.97
N SER H 80 12.42 -5.59 -1.14
CA SER H 80 12.32 -6.27 -2.43
C SER H 80 10.88 -6.59 -2.79
N VAL H 81 10.09 -7.04 -1.79
CA VAL H 81 8.67 -7.35 -2.01
C VAL H 81 7.92 -6.13 -2.50
N PHE H 82 8.08 -5.00 -1.81
CA PHE H 82 7.27 -3.85 -2.20
C PHE H 82 7.81 -3.14 -3.43
N GLY H 83 9.13 -3.23 -3.69
CA GLY H 83 9.64 -2.75 -4.96
C GLY H 83 9.10 -3.52 -6.14
N SER H 84 9.11 -4.85 -6.04
CA SER H 84 8.51 -5.63 -7.09
C SER H 84 7.00 -5.49 -7.14
N LEU H 85 6.36 -5.09 -6.03
CA LEU H 85 4.95 -4.73 -6.09
C LEU H 85 4.74 -3.48 -6.95
N ILE H 86 5.62 -2.49 -6.81
CA ILE H 86 5.54 -1.31 -7.66
C ILE H 86 5.75 -1.68 -9.13
N ILE H 87 6.73 -2.55 -9.40
CA ILE H 87 6.99 -2.96 -10.78
C ILE H 87 5.80 -3.74 -11.35
N GLY H 88 5.21 -4.63 -10.55
CA GLY H 88 4.05 -5.38 -10.96
C GLY H 88 2.77 -4.60 -11.00
N TYR H 89 2.76 -3.40 -10.43
CA TYR H 89 1.64 -2.49 -10.63
C TYR H 89 1.89 -1.50 -11.76
N ALA H 90 3.11 -1.40 -12.27
CA ALA H 90 3.35 -0.63 -13.48
C ALA H 90 2.60 -1.20 -14.66
N ARG H 91 2.57 -2.52 -14.79
CA ARG H 91 1.76 -3.21 -15.79
C ARG H 91 0.62 -3.94 -15.10
N ASN H 92 -0.52 -4.00 -15.79
CA ASN H 92 -1.76 -4.61 -15.32
C ASN H 92 -2.21 -4.09 -13.95
N PRO H 93 -2.69 -2.85 -13.85
CA PRO H 93 -3.20 -2.36 -12.56
C PRO H 93 -4.52 -2.97 -12.13
N SER H 94 -5.17 -3.77 -12.99
CA SER H 94 -6.46 -4.36 -12.64
C SER H 94 -6.34 -5.50 -11.64
N LEU H 95 -5.13 -5.98 -11.38
CA LEU H 95 -4.89 -7.05 -10.41
C LEU H 95 -4.43 -6.49 -9.07
N LYS H 96 -4.98 -5.34 -8.69
CA LYS H 96 -4.49 -4.61 -7.52
C LYS H 96 -4.70 -5.40 -6.24
N GLN H 97 -5.87 -6.02 -6.08
CA GLN H 97 -6.17 -6.74 -4.84
C GLN H 97 -5.29 -7.97 -4.68
N GLN H 98 -5.08 -8.74 -5.76
CA GLN H 98 -4.24 -9.92 -5.65
C GLN H 98 -2.77 -9.56 -5.52
N LEU H 99 -2.34 -8.47 -6.17
CA LEU H 99 -0.99 -7.97 -5.98
C LEU H 99 -0.76 -7.54 -4.54
N PHE H 100 -1.72 -6.84 -3.96
CA PHE H 100 -1.60 -6.44 -2.55
C PHE H 100 -1.62 -7.64 -1.63
N SER H 101 -2.41 -8.67 -1.96
CA SER H 101 -2.47 -9.88 -1.14
C SER H 101 -1.13 -10.61 -1.14
N TYR H 102 -0.55 -10.82 -2.32
CA TYR H 102 0.73 -11.52 -2.38
C TYR H 102 1.86 -10.67 -1.80
N ALA H 103 1.80 -9.34 -1.94
CA ALA H 103 2.80 -8.48 -1.33
C ALA H 103 2.71 -8.52 0.19
N ILE H 104 1.48 -8.56 0.72
CA ILE H 104 1.28 -8.70 2.16
C ILE H 104 1.78 -10.05 2.64
N LEU H 105 1.60 -11.09 1.82
CA LEU H 105 2.11 -12.42 2.17
C LEU H 105 3.63 -12.43 2.27
N GLY H 106 4.30 -11.86 1.27
CA GLY H 106 5.75 -11.82 1.29
C GLY H 106 6.31 -10.94 2.40
N PHE H 107 5.67 -9.80 2.65
CA PHE H 107 6.07 -8.94 3.76
C PHE H 107 5.91 -9.64 5.09
N ALA H 108 4.80 -10.36 5.27
CA ALA H 108 4.57 -11.09 6.52
C ALA H 108 5.59 -12.20 6.71
N LEU H 109 5.95 -12.91 5.65
CA LEU H 109 6.90 -14.01 5.81
C LEU H 109 8.33 -13.51 6.04
N SER H 110 8.74 -12.45 5.34
CA SER H 110 10.06 -11.86 5.60
C SER H 110 10.15 -11.29 7.00
N GLU H 111 9.09 -10.60 7.45
CA GLU H 111 9.04 -10.12 8.82
C GLU H 111 8.99 -11.26 9.82
N ALA H 112 8.39 -12.39 9.45
CA ALA H 112 8.40 -13.57 10.32
C ALA H 112 9.81 -14.10 10.51
N MET H 113 10.61 -14.15 9.43
CA MET H 113 12.01 -14.57 9.58
C MET H 113 12.81 -13.60 10.44
N GLY H 114 12.65 -12.30 10.19
CA GLY H 114 13.38 -11.31 10.98
C GLY H 114 12.97 -11.30 12.43
N LEU H 115 11.68 -11.47 12.70
CA LEU H 115 11.23 -11.55 14.07
C LEU H 115 11.57 -12.88 14.72
N PHE H 116 11.81 -13.92 13.93
CA PHE H 116 12.39 -15.14 14.48
C PHE H 116 13.81 -14.89 14.96
N CYS H 117 14.57 -14.10 14.20
CA CYS H 117 15.90 -13.67 14.67
C CYS H 117 15.79 -12.86 15.96
N LEU H 118 14.84 -11.92 16.01
CA LEU H 118 14.63 -11.10 17.21
C LEU H 118 14.19 -11.94 18.39
N MET H 119 13.32 -12.92 18.15
CA MET H 119 12.84 -13.82 19.19
C MET H 119 13.97 -14.67 19.74
N MET H 120 14.86 -15.16 18.87
CA MET H 120 16.02 -15.90 19.35
C MET H 120 16.98 -14.99 20.11
N ALA H 121 17.10 -13.73 19.71
CA ALA H 121 17.94 -12.79 20.46
C ALA H 121 17.39 -12.57 21.87
N PHE H 122 16.07 -12.38 21.99
CA PHE H 122 15.46 -12.19 23.31
C PHE H 122 15.51 -13.47 24.14
N LEU H 123 15.38 -14.63 23.50
CA LEU H 123 15.49 -15.90 24.20
C LEU H 123 16.90 -16.12 24.71
N LEU H 124 17.90 -15.70 23.93
CA LEU H 124 19.29 -15.75 24.38
C LEU H 124 19.54 -14.77 25.52
N LEU H 125 18.88 -13.61 25.48
CA LEU H 125 19.15 -12.56 26.46
C LEU H 125 18.58 -12.92 27.83
N PHE H 126 17.27 -13.11 27.91
CA PHE H 126 16.58 -13.21 29.20
C PHE H 126 16.45 -14.65 29.69
N ALA H 127 15.82 -15.51 28.90
CA ALA H 127 15.37 -16.81 29.39
C ALA H 127 16.49 -17.78 29.68
N PHE H 128 17.72 -17.49 29.28
CA PHE H 128 18.84 -18.37 29.57
C PHE H 128 19.80 -17.76 30.59
N ILE I 41 -20.50 3.65 -75.26
CA ILE I 41 -19.43 4.09 -74.37
C ILE I 41 -18.98 2.90 -73.52
N THR I 42 -19.83 1.87 -73.46
CA THR I 42 -19.50 0.68 -72.69
C THR I 42 -18.30 -0.05 -73.27
N GLN I 43 -18.21 -0.16 -74.60
CA GLN I 43 -17.03 -0.74 -75.21
C GLN I 43 -15.83 0.19 -75.12
N SER I 44 -16.06 1.51 -75.18
CA SER I 44 -14.96 2.46 -75.10
C SER I 44 -14.39 2.53 -73.69
N MET I 45 -15.23 2.38 -72.67
CA MET I 45 -14.78 2.35 -71.29
C MET I 45 -14.28 0.99 -70.85
N LYS I 46 -14.32 -0.01 -71.73
CA LYS I 46 -13.76 -1.32 -71.41
C LYS I 46 -12.24 -1.26 -71.27
N MET I 47 -11.57 -0.54 -72.18
CA MET I 47 -10.12 -0.39 -72.09
C MET I 47 -9.70 0.66 -71.07
N VAL I 48 -10.62 1.53 -70.65
CA VAL I 48 -10.32 2.47 -69.58
C VAL I 48 -10.19 1.74 -68.25
N SER I 49 -11.10 0.80 -67.97
CA SER I 49 -10.99 0.01 -66.75
C SER I 49 -9.84 -0.97 -66.79
N ALA I 50 -9.39 -1.38 -67.98
CA ALA I 50 -8.24 -2.27 -68.06
C ALA I 50 -6.97 -1.56 -67.60
N ALA I 51 -6.85 -0.27 -67.90
CA ALA I 51 -5.78 0.54 -67.33
C ALA I 51 -5.95 0.68 -65.83
N LYS I 52 -7.19 0.78 -65.36
CA LYS I 52 -7.49 0.81 -63.94
C LYS I 52 -7.62 -0.57 -63.32
N TYR I 53 -7.49 -1.63 -64.12
CA TYR I 53 -7.25 -2.97 -63.61
C TYR I 53 -5.77 -3.31 -63.57
N THR I 54 -5.00 -2.85 -64.57
CA THR I 54 -3.56 -3.07 -64.54
C THR I 54 -2.88 -2.20 -63.49
N LYS I 55 -3.53 -1.11 -63.05
CA LYS I 55 -3.05 -0.31 -61.94
C LYS I 55 -3.80 -0.59 -60.66
N ALA I 56 -4.45 -1.76 -60.56
CA ALA I 56 -5.04 -2.20 -59.31
C ALA I 56 -4.79 -3.66 -59.02
N GLU I 57 -4.37 -4.46 -59.99
CA GLU I 57 -3.92 -5.83 -59.78
C GLU I 57 -2.40 -5.93 -59.68
N ARG I 58 -1.67 -5.16 -60.50
CA ARG I 58 -0.24 -5.02 -60.31
C ARG I 58 0.08 -4.34 -58.99
N GLU I 59 -0.76 -3.39 -58.57
CA GLU I 59 -0.61 -2.79 -57.25
C GLU I 59 -1.04 -3.72 -56.12
N LEU I 60 -1.61 -4.88 -56.45
CA LEU I 60 -1.94 -5.91 -55.47
C LEU I 60 -0.84 -6.96 -55.34
N ARG I 61 0.28 -6.79 -56.04
CA ARG I 61 1.39 -7.71 -55.87
C ARG I 61 2.09 -7.51 -54.53
N VAL I 62 2.04 -6.29 -54.00
CA VAL I 62 2.65 -6.00 -52.72
C VAL I 62 1.64 -5.63 -51.65
N ALA I 63 0.41 -5.28 -52.01
CA ALA I 63 -0.61 -5.01 -51.02
C ALA I 63 -1.29 -6.28 -50.52
N LYS I 64 -1.08 -7.40 -51.17
CA LYS I 64 -1.64 -8.67 -50.73
C LYS I 64 -0.81 -9.33 -49.63
N PRO I 65 0.53 -9.47 -49.73
CA PRO I 65 1.27 -10.05 -48.59
C PRO I 65 1.28 -9.16 -47.37
N TYR I 66 1.04 -7.86 -47.53
CA TYR I 66 0.91 -6.98 -46.37
C TYR I 66 -0.35 -7.30 -45.58
N GLY I 67 -1.38 -7.82 -46.24
CA GLY I 67 -2.60 -8.17 -45.54
C GLY I 67 -2.62 -9.61 -45.05
N GLN I 68 -1.85 -10.48 -45.70
CA GLN I 68 -1.72 -11.85 -45.21
C GLN I 68 -0.88 -11.91 -43.96
N GLY I 69 0.23 -11.14 -43.92
CA GLY I 69 1.05 -11.04 -42.74
C GLY I 69 0.43 -10.23 -41.61
N ALA I 70 -0.59 -9.43 -41.91
CA ALA I 70 -1.31 -8.73 -40.86
C ALA I 70 -2.25 -9.65 -40.11
N MET I 71 -2.91 -10.57 -40.82
CA MET I 71 -3.87 -11.46 -40.22
C MET I 71 -3.23 -12.69 -39.61
N LYS I 72 -1.93 -12.90 -39.81
CA LYS I 72 -1.26 -14.08 -39.26
C LYS I 72 -1.26 -14.06 -37.73
N PHE I 73 -1.19 -12.87 -37.13
CA PHE I 73 -1.39 -12.76 -35.70
C PHE I 73 -2.81 -13.18 -35.32
N TYR I 74 -3.80 -12.75 -36.10
CA TYR I 74 -5.17 -13.16 -35.86
C TYR I 74 -5.43 -14.59 -36.29
N GLU I 75 -4.56 -15.15 -37.13
CA GLU I 75 -4.64 -16.56 -37.50
C GLU I 75 -4.15 -17.47 -36.39
N LYS I 76 -3.35 -16.95 -35.45
CA LYS I 76 -2.84 -17.73 -34.33
C LYS I 76 -3.65 -17.57 -33.06
N THR I 77 -4.12 -16.36 -32.76
CA THR I 77 -4.95 -16.16 -31.57
C THR I 77 -6.29 -16.85 -31.70
N GLU I 78 -6.88 -16.83 -32.89
CA GLU I 78 -8.12 -17.53 -33.22
C GLU I 78 -9.29 -17.11 -32.31
N LEU I 79 -9.65 -15.84 -32.42
CA LEU I 79 -10.77 -15.29 -31.66
C LEU I 79 -12.04 -15.31 -32.49
N LYS I 80 -13.16 -15.49 -31.81
CA LYS I 80 -14.47 -15.53 -32.44
C LYS I 80 -15.38 -14.48 -31.83
N GLY I 81 -16.12 -13.77 -32.68
CA GLY I 81 -17.03 -12.73 -32.22
C GLY I 81 -18.44 -12.88 -32.76
N GLN I 88 -21.88 -4.24 -32.49
CA GLN I 88 -20.52 -4.54 -32.94
C GLN I 88 -20.02 -3.46 -33.88
N LEU I 89 -19.05 -3.83 -34.72
CA LEU I 89 -18.48 -2.92 -35.71
C LEU I 89 -18.61 -3.54 -37.09
N ILE I 90 -19.15 -2.76 -38.03
CA ILE I 90 -19.27 -3.18 -39.43
C ILE I 90 -18.73 -2.05 -40.30
N ILE I 91 -17.81 -2.40 -41.20
CA ILE I 91 -17.23 -1.45 -42.14
C ILE I 91 -17.65 -1.86 -43.54
N ALA I 92 -18.13 -0.90 -44.32
CA ALA I 92 -18.51 -1.12 -45.71
C ALA I 92 -17.50 -0.44 -46.61
N ILE I 93 -17.11 -1.14 -47.68
CA ILE I 93 -16.13 -0.63 -48.64
C ILE I 93 -16.82 -0.49 -49.99
N SER I 94 -16.88 0.73 -50.50
CA SER I 94 -17.45 1.00 -51.82
C SER I 94 -16.77 2.25 -52.38
N SER I 95 -17.39 2.85 -53.39
CA SER I 95 -16.92 4.08 -53.99
C SER I 95 -18.09 5.02 -54.19
N ASP I 96 -17.78 6.31 -54.39
CA ASP I 96 -18.79 7.34 -54.60
C ASP I 96 -19.21 7.47 -56.06
N ARG I 97 -19.04 6.42 -56.85
CA ARG I 97 -19.33 6.45 -58.29
C ARG I 97 -20.51 5.53 -58.60
N GLY I 98 -21.37 5.98 -59.53
CA GLY I 98 -22.49 5.19 -59.98
C GLY I 98 -22.15 4.28 -61.14
N LEU I 99 -23.19 3.61 -61.66
CA LEU I 99 -23.09 2.66 -62.77
C LEU I 99 -22.09 1.55 -62.47
N CYS I 100 -22.11 1.06 -61.23
CA CYS I 100 -21.20 0.01 -60.77
C CYS I 100 -21.80 -1.39 -60.91
N GLY I 101 -22.98 -1.51 -61.49
CA GLY I 101 -23.60 -2.81 -61.65
C GLY I 101 -24.37 -3.21 -60.41
N ALA I 102 -23.98 -4.33 -59.80
CA ALA I 102 -24.63 -4.82 -58.60
C ALA I 102 -23.64 -5.10 -57.48
N VAL I 103 -22.44 -4.51 -57.55
CA VAL I 103 -21.44 -4.71 -56.50
C VAL I 103 -21.88 -4.03 -55.21
N HIS I 104 -22.30 -2.76 -55.32
CA HIS I 104 -22.85 -2.06 -54.15
C HIS I 104 -24.17 -2.67 -53.71
N SER I 105 -24.92 -3.26 -54.65
CA SER I 105 -26.11 -4.02 -54.29
C SER I 105 -25.74 -5.25 -53.47
N SER I 106 -24.62 -5.91 -53.82
CA SER I 106 -24.16 -7.05 -53.03
C SER I 106 -23.70 -6.62 -51.64
N VAL I 107 -23.02 -5.47 -51.55
CA VAL I 107 -22.61 -4.94 -50.25
C VAL I 107 -23.84 -4.60 -49.39
N GLY I 108 -24.84 -3.98 -50.00
CA GLY I 108 -26.07 -3.68 -49.28
C GLY I 108 -26.84 -4.91 -48.86
N ARG I 109 -26.82 -5.96 -49.70
CA ARG I 109 -27.43 -7.23 -49.33
C ARG I 109 -26.72 -7.86 -48.14
N GLN I 110 -25.39 -7.83 -48.13
CA GLN I 110 -24.64 -8.34 -47.00
C GLN I 110 -24.89 -7.52 -45.74
N LEU I 111 -25.04 -6.21 -45.89
CA LEU I 111 -25.34 -5.36 -44.73
C LEU I 111 -26.75 -5.62 -44.20
N LYS I 112 -27.70 -5.86 -45.09
CA LYS I 112 -29.06 -6.25 -44.67
C LYS I 112 -29.03 -7.59 -43.93
N ALA I 113 -28.22 -8.53 -44.40
CA ALA I 113 -28.07 -9.80 -43.69
C ALA I 113 -27.40 -9.60 -42.33
N ASP I 114 -26.44 -8.68 -42.24
CA ASP I 114 -25.77 -8.41 -40.99
C ASP I 114 -26.66 -7.68 -39.99
N LEU I 115 -27.64 -6.91 -40.48
CA LEU I 115 -28.54 -6.19 -39.58
C LEU I 115 -29.47 -7.12 -38.82
N ALA I 116 -29.69 -8.34 -39.30
CA ALA I 116 -30.56 -9.29 -38.62
C ALA I 116 -29.86 -10.04 -37.50
N ALA I 117 -28.56 -9.83 -37.30
CA ALA I 117 -27.79 -10.50 -36.25
C ALA I 117 -27.45 -9.58 -35.10
N ASN I 118 -26.90 -8.40 -35.38
CA ASN I 118 -26.53 -7.43 -34.35
C ASN I 118 -27.13 -6.07 -34.72
N PRO I 119 -28.39 -5.82 -34.35
CA PRO I 119 -29.02 -4.53 -34.68
C PRO I 119 -28.43 -3.33 -33.94
N ASP I 120 -27.61 -3.55 -32.92
CA ASP I 120 -27.00 -2.48 -32.15
C ASP I 120 -25.66 -2.02 -32.74
N THR I 121 -25.47 -2.18 -34.04
CA THR I 121 -24.21 -1.89 -34.69
C THR I 121 -24.26 -0.50 -35.32
N MET I 122 -23.26 0.32 -35.02
CA MET I 122 -23.04 1.58 -35.72
C MET I 122 -22.07 1.32 -36.87
N VAL I 123 -22.50 1.70 -38.08
CA VAL I 123 -21.78 1.34 -39.30
C VAL I 123 -21.02 2.56 -39.81
N ILE I 124 -19.74 2.36 -40.09
CA ILE I 124 -18.89 3.37 -40.73
C ILE I 124 -18.47 2.82 -42.08
N CYS I 125 -18.79 3.54 -43.15
CA CYS I 125 -18.61 3.05 -44.50
C CYS I 125 -17.54 3.85 -45.24
N VAL I 126 -16.86 3.17 -46.15
CA VAL I 126 -15.95 3.83 -47.09
C VAL I 126 -16.72 3.92 -48.40
N GLY I 127 -17.41 5.04 -48.60
CA GLY I 127 -18.21 5.23 -49.79
C GLY I 127 -19.57 5.82 -49.50
N ASP I 128 -19.90 6.91 -50.21
CA ASP I 128 -21.17 7.59 -49.98
C ASP I 128 -22.37 6.81 -50.51
N LYS I 129 -22.16 5.92 -51.49
CA LYS I 129 -23.27 5.19 -52.08
C LYS I 129 -23.90 4.22 -51.08
N ILE I 130 -23.08 3.58 -50.24
CA ILE I 130 -23.63 2.69 -49.22
C ILE I 130 -24.40 3.48 -48.18
N ARG I 131 -23.93 4.68 -47.83
CA ARG I 131 -24.68 5.53 -46.91
C ARG I 131 -26.02 5.95 -47.53
N ASN I 132 -26.02 6.28 -48.82
CA ASN I 132 -27.26 6.64 -49.50
C ASN I 132 -28.23 5.46 -49.59
N ILE I 133 -27.70 4.24 -49.76
CA ILE I 133 -28.56 3.06 -49.80
C ILE I 133 -29.14 2.78 -48.43
N LEU I 134 -28.31 2.80 -47.38
CA LEU I 134 -28.72 2.42 -46.05
C LEU I 134 -29.34 3.55 -45.24
N GLN I 135 -29.45 4.75 -45.82
CA GLN I 135 -30.06 5.87 -45.10
C GLN I 135 -31.51 5.58 -44.75
N ARG I 136 -32.32 5.20 -45.75
CA ARG I 136 -33.73 4.92 -45.54
C ARG I 136 -33.94 3.74 -44.59
N LEU I 137 -32.97 2.82 -44.54
CA LEU I 137 -33.07 1.68 -43.63
C LEU I 137 -32.75 2.08 -42.19
N TYR I 138 -31.54 2.59 -41.96
CA TYR I 138 -31.02 2.77 -40.61
C TYR I 138 -30.36 4.15 -40.45
N GLY I 139 -31.06 5.22 -40.83
CA GLY I 139 -30.55 6.55 -40.57
C GLY I 139 -30.39 6.90 -39.10
N ASN I 140 -31.08 6.18 -38.22
CA ASN I 140 -30.90 6.42 -36.79
C ASN I 140 -29.58 5.84 -36.28
N ASN I 141 -29.01 4.87 -36.99
CA ASN I 141 -27.78 4.21 -36.59
C ASN I 141 -26.66 4.44 -37.61
N LEU I 142 -26.56 5.66 -38.11
CA LEU I 142 -25.47 6.07 -39.00
C LEU I 142 -24.65 7.14 -38.30
N ALA I 143 -23.46 6.77 -37.82
CA ALA I 143 -22.61 7.73 -37.12
C ALA I 143 -21.86 8.61 -38.10
N MET I 144 -21.00 8.01 -38.93
CA MET I 144 -20.27 8.75 -39.94
C MET I 144 -19.86 7.77 -41.04
N VAL I 145 -19.77 8.30 -42.27
CA VAL I 145 -19.35 7.52 -43.43
C VAL I 145 -18.25 8.30 -44.13
N CYS I 146 -17.10 7.67 -44.32
CA CYS I 146 -15.98 8.33 -44.97
C CYS I 146 -16.23 8.44 -46.48
N ASN I 147 -16.09 9.64 -47.01
CA ASN I 147 -16.36 9.92 -48.42
C ASN I 147 -15.05 10.18 -49.16
N ASP I 148 -15.18 10.57 -50.42
CA ASP I 148 -14.06 10.88 -51.32
C ASP I 148 -13.12 9.67 -51.47
N PHE I 149 -13.67 8.59 -52.04
CA PHE I 149 -12.91 7.38 -52.28
C PHE I 149 -13.40 6.74 -53.58
N GLY I 150 -12.47 6.13 -54.31
CA GLY I 150 -12.82 5.39 -55.51
C GLY I 150 -12.25 5.99 -56.79
N ARG I 151 -12.25 7.32 -56.88
CA ARG I 151 -11.77 7.98 -58.09
C ARG I 151 -10.26 7.94 -58.22
N ARG I 152 -9.55 7.64 -57.14
CA ARG I 152 -8.10 7.51 -57.14
C ARG I 152 -7.72 6.18 -56.50
N PRO I 153 -6.60 5.59 -56.92
CA PRO I 153 -6.14 4.35 -56.29
C PRO I 153 -5.83 4.57 -54.82
N PRO I 154 -6.20 3.61 -53.96
CA PRO I 154 -6.01 3.82 -52.52
C PRO I 154 -4.55 3.73 -52.10
N VAL I 155 -4.25 4.46 -51.03
CA VAL I 155 -2.94 4.44 -50.37
C VAL I 155 -3.16 4.19 -48.88
N PHE I 156 -2.08 4.22 -48.11
CA PHE I 156 -2.20 3.89 -46.69
C PHE I 156 -2.86 5.00 -45.89
N GLU I 157 -2.74 6.25 -46.34
CA GLU I 157 -3.30 7.38 -45.60
C GLU I 157 -4.81 7.26 -45.48
N ASP I 158 -5.47 6.70 -46.49
CA ASP I 158 -6.92 6.50 -46.43
C ASP I 158 -7.30 5.49 -45.36
N ALA I 159 -6.55 4.38 -45.27
CA ALA I 159 -6.79 3.40 -44.22
C ALA I 159 -6.53 3.98 -42.84
N THR I 160 -5.48 4.80 -42.72
CA THR I 160 -5.19 5.46 -41.44
C THR I 160 -6.31 6.40 -41.04
N LYS I 161 -6.84 7.16 -42.00
CA LYS I 161 -7.93 8.09 -41.71
C LYS I 161 -9.21 7.35 -41.31
N VAL I 162 -9.50 6.23 -41.98
CA VAL I 162 -10.69 5.45 -41.62
C VAL I 162 -10.53 4.82 -40.25
N ALA I 163 -9.32 4.32 -39.93
CA ALA I 163 -9.07 3.75 -38.61
C ALA I 163 -9.18 4.81 -37.52
N ARG I 164 -8.67 6.02 -37.78
CA ARG I 164 -8.80 7.11 -36.82
C ARG I 164 -10.26 7.52 -36.64
N ALA I 165 -11.04 7.52 -37.73
CA ALA I 165 -12.46 7.82 -37.62
C ALA I 165 -13.19 6.75 -36.81
N VAL I 166 -12.79 5.48 -36.96
CA VAL I 166 -13.41 4.40 -36.20
C VAL I 166 -13.08 4.52 -34.72
N LEU I 167 -11.81 4.72 -34.39
CA LEU I 167 -11.37 4.64 -33.00
C LEU I 167 -11.51 5.95 -32.23
N GLU I 168 -11.64 7.08 -32.92
CA GLU I 168 -11.75 8.38 -32.25
C GLU I 168 -13.20 8.81 -32.06
N SER I 169 -14.16 7.98 -32.43
CA SER I 169 -15.57 8.33 -32.21
C SER I 169 -15.97 8.20 -30.76
N GLY I 170 -15.25 7.41 -29.97
CA GLY I 170 -15.61 7.19 -28.58
C GLY I 170 -16.67 6.13 -28.37
N MET I 171 -17.09 5.43 -29.41
CA MET I 171 -18.10 4.40 -29.28
C MET I 171 -17.51 3.14 -28.65
N GLU I 172 -18.33 2.45 -27.88
CA GLU I 172 -17.91 1.24 -27.17
C GLU I 172 -18.15 0.03 -28.07
N PHE I 173 -17.06 -0.63 -28.48
CA PHE I 173 -17.17 -1.83 -29.28
C PHE I 173 -16.12 -2.82 -28.83
N THR I 174 -16.43 -4.11 -28.96
CA THR I 174 -15.50 -5.17 -28.60
C THR I 174 -15.10 -5.99 -29.82
N ASN I 175 -16.06 -6.56 -30.54
CA ASN I 175 -15.80 -7.35 -31.73
C ASN I 175 -16.07 -6.50 -32.97
N GLY I 176 -16.00 -7.14 -34.14
CA GLY I 176 -16.30 -6.43 -35.37
C GLY I 176 -15.82 -7.20 -36.57
N LYS I 177 -16.15 -6.65 -37.74
CA LYS I 177 -15.72 -7.21 -39.02
C LYS I 177 -15.75 -6.12 -40.07
N ILE I 178 -14.94 -6.32 -41.11
CA ILE I 178 -14.84 -5.38 -42.23
C ILE I 178 -15.23 -6.16 -43.48
N VAL I 179 -16.44 -5.95 -43.97
CA VAL I 179 -16.93 -6.68 -45.14
C VAL I 179 -16.37 -6.02 -46.38
N TYR I 180 -15.66 -6.80 -47.20
CA TYR I 180 -15.02 -6.28 -48.39
C TYR I 180 -15.19 -7.27 -49.53
N ASN I 181 -15.26 -6.74 -50.74
CA ASN I 181 -15.44 -7.56 -51.93
C ASN I 181 -14.07 -8.06 -52.36
N ALA I 182 -13.72 -9.28 -51.96
CA ALA I 182 -12.41 -9.82 -52.26
C ALA I 182 -12.29 -10.12 -53.75
N PHE I 183 -11.06 -10.34 -54.19
CA PHE I 183 -10.74 -10.55 -55.61
C PHE I 183 -10.24 -11.96 -55.81
N ARG I 184 -11.00 -12.78 -56.55
CA ARG I 184 -10.61 -14.14 -56.89
C ARG I 184 -10.13 -14.27 -58.33
N SER I 185 -10.95 -13.83 -59.28
CA SER I 185 -10.59 -13.88 -60.69
C SER I 185 -11.03 -12.60 -61.37
N VAL I 186 -10.62 -12.45 -62.63
CA VAL I 186 -11.03 -11.28 -63.41
C VAL I 186 -12.53 -11.33 -63.69
N VAL I 187 -13.02 -12.48 -64.15
CA VAL I 187 -14.41 -12.57 -64.60
C VAL I 187 -15.40 -12.68 -63.44
N SER I 188 -14.96 -13.16 -62.28
CA SER I 188 -15.85 -13.30 -61.14
C SER I 188 -15.01 -13.22 -59.87
N PHE I 189 -15.65 -12.80 -58.78
CA PHE I 189 -14.95 -12.61 -57.52
C PHE I 189 -15.79 -13.21 -56.40
N ARG I 190 -15.35 -13.03 -55.17
CA ARG I 190 -16.01 -13.54 -53.99
C ARG I 190 -16.09 -12.43 -52.95
N THR I 191 -17.23 -12.31 -52.28
CA THR I 191 -17.42 -11.34 -51.21
C THR I 191 -17.17 -12.03 -49.88
N THR I 192 -16.19 -11.52 -49.12
CA THR I 192 -15.84 -12.07 -47.82
C THR I 192 -15.76 -10.97 -46.78
N ASP I 193 -15.19 -11.29 -45.60
CA ASP I 193 -14.94 -10.30 -44.57
C ASP I 193 -13.76 -10.72 -43.74
N ILE I 194 -13.13 -9.75 -43.09
CA ILE I 194 -12.04 -9.96 -42.14
C ILE I 194 -12.55 -9.57 -40.76
N PRO I 195 -12.53 -10.48 -39.78
CA PRO I 195 -12.96 -10.11 -38.42
C PRO I 195 -11.97 -9.17 -37.77
N VAL I 196 -12.47 -8.04 -37.28
CA VAL I 196 -11.63 -7.05 -36.62
C VAL I 196 -11.87 -7.13 -35.12
N PHE I 197 -10.89 -6.71 -34.34
CA PHE I 197 -10.96 -6.80 -32.89
C PHE I 197 -10.46 -5.49 -32.28
N SER I 198 -10.93 -5.22 -31.06
CA SER I 198 -10.58 -4.01 -30.34
C SER I 198 -9.42 -4.30 -29.40
N LYS I 199 -9.11 -3.35 -28.52
CA LYS I 199 -8.04 -3.54 -27.54
C LYS I 199 -8.45 -4.53 -26.46
N ASN I 200 -9.67 -4.37 -25.93
CA ASN I 200 -10.12 -5.23 -24.84
C ASN I 200 -10.49 -6.63 -25.31
N ALA I 201 -10.77 -6.80 -26.61
CA ALA I 201 -11.04 -8.13 -27.13
C ALA I 201 -9.77 -8.99 -27.13
N ILE I 202 -8.62 -8.38 -27.42
CA ILE I 202 -7.36 -9.11 -27.45
C ILE I 202 -6.65 -9.08 -26.11
N GLU I 203 -6.97 -8.11 -25.23
CA GLU I 203 -6.40 -8.11 -23.89
C GLU I 203 -6.96 -9.25 -23.06
N SER I 204 -8.27 -9.53 -23.18
CA SER I 204 -8.93 -10.57 -22.41
C SER I 204 -8.89 -11.92 -23.09
N ALA I 205 -8.18 -12.04 -24.20
CA ALA I 205 -8.12 -13.30 -24.93
C ALA I 205 -7.33 -14.35 -24.15
N ASP I 206 -7.76 -15.59 -24.27
CA ASP I 206 -7.07 -16.70 -23.63
C ASP I 206 -5.77 -17.08 -24.33
N SER I 207 -5.60 -16.68 -25.59
CA SER I 207 -4.42 -17.01 -26.37
C SER I 207 -3.38 -15.90 -26.36
N ILE I 208 -3.69 -14.73 -25.80
CA ILE I 208 -2.72 -13.64 -25.74
C ILE I 208 -1.72 -13.81 -24.60
N ALA I 209 -1.97 -14.76 -23.69
CA ALA I 209 -1.06 -14.98 -22.57
C ALA I 209 0.30 -15.50 -23.00
N ALA I 210 0.37 -16.16 -24.17
CA ALA I 210 1.67 -16.55 -24.70
C ALA I 210 2.43 -15.36 -25.29
N TYR I 211 1.73 -14.25 -25.56
CA TYR I 211 2.36 -13.06 -26.12
C TYR I 211 2.81 -12.16 -24.97
N ASP I 212 4.12 -11.98 -24.84
CA ASP I 212 4.72 -11.30 -23.71
C ASP I 212 5.24 -9.93 -24.12
N SER I 213 5.92 -9.27 -23.17
CA SER I 213 6.42 -7.89 -23.31
C SER I 213 5.28 -6.92 -23.64
N LEU I 214 4.14 -7.14 -23.00
CA LEU I 214 2.93 -6.37 -23.29
C LEU I 214 2.48 -5.58 -22.07
N ASP I 215 1.87 -4.44 -22.34
CA ASP I 215 1.18 -3.66 -21.31
C ASP I 215 0.02 -2.95 -21.98
N SER I 216 -0.54 -1.94 -21.30
CA SER I 216 -1.68 -1.22 -21.85
C SER I 216 -1.31 -0.42 -23.09
N ASP I 217 -0.12 0.19 -23.09
CA ASP I 217 0.25 1.06 -24.20
C ASP I 217 0.63 0.29 -25.46
N VAL I 218 1.29 -0.86 -25.32
CA VAL I 218 1.74 -1.61 -26.48
C VAL I 218 0.55 -2.23 -27.22
N ILE I 219 -0.39 -2.81 -26.47
CA ILE I 219 -1.57 -3.40 -27.10
C ILE I 219 -2.46 -2.32 -27.72
N GLN I 220 -2.56 -1.16 -27.06
CA GLN I 220 -3.34 -0.05 -27.62
C GLN I 220 -2.70 0.46 -28.90
N SER I 221 -1.38 0.60 -28.92
CA SER I 221 -0.68 1.09 -30.09
C SER I 221 -0.54 0.05 -31.18
N TYR I 222 -0.67 -1.23 -30.84
CA TYR I 222 -0.66 -2.29 -31.85
C TYR I 222 -2.00 -2.37 -32.57
N VAL I 223 -3.10 -2.12 -31.86
CA VAL I 223 -4.42 -2.23 -32.45
C VAL I 223 -4.64 -1.12 -33.49
N GLU I 224 -4.29 0.12 -33.15
CA GLU I 224 -4.54 1.25 -34.04
C GLU I 224 -3.54 1.35 -35.17
N TYR I 225 -2.66 0.38 -35.34
CA TYR I 225 -1.93 0.19 -36.59
C TYR I 225 -2.33 -1.09 -37.31
N SER I 226 -2.68 -2.14 -36.57
CA SER I 226 -3.17 -3.36 -37.20
C SER I 226 -4.56 -3.13 -37.81
N LEU I 227 -5.40 -2.35 -37.14
CA LEU I 227 -6.70 -1.99 -37.71
C LEU I 227 -6.54 -1.07 -38.91
N ALA I 228 -5.47 -0.27 -38.93
CA ALA I 228 -5.16 0.54 -40.11
C ALA I 228 -4.44 -0.25 -41.18
N SER I 229 -4.01 -1.48 -40.89
CA SER I 229 -3.40 -2.34 -41.88
C SER I 229 -4.38 -3.33 -42.48
N LEU I 230 -5.39 -3.78 -41.71
CA LEU I 230 -6.41 -4.64 -42.26
C LEU I 230 -7.32 -3.86 -43.20
N ILE I 231 -7.64 -2.61 -42.86
CA ILE I 231 -8.47 -1.77 -43.72
C ILE I 231 -7.77 -1.52 -45.04
N TYR I 232 -6.45 -1.32 -45.02
CA TYR I 232 -5.69 -1.20 -46.25
C TYR I 232 -5.72 -2.49 -47.07
N TYR I 233 -5.84 -3.64 -46.43
CA TYR I 233 -5.97 -4.88 -47.19
C TYR I 233 -7.37 -5.02 -47.77
N THR I 234 -8.38 -4.57 -47.03
CA THR I 234 -9.74 -4.61 -47.56
C THR I 234 -9.92 -3.59 -48.68
N MET I 235 -9.27 -2.43 -48.56
CA MET I 235 -9.38 -1.40 -49.59
C MET I 235 -8.72 -1.81 -50.89
N LYS I 236 -7.54 -2.43 -50.81
CA LYS I 236 -6.80 -2.76 -52.02
C LYS I 236 -7.41 -3.95 -52.76
N GLU I 237 -8.03 -4.90 -52.04
CA GLU I 237 -8.73 -5.97 -52.72
C GLU I 237 -10.05 -5.50 -53.31
N ASN I 238 -10.78 -4.65 -52.58
CA ASN I 238 -12.05 -4.13 -53.06
C ASN I 238 -11.86 -3.24 -54.28
N ALA I 239 -10.80 -2.43 -54.29
CA ALA I 239 -10.53 -1.54 -55.42
C ALA I 239 -10.11 -2.28 -56.68
N THR I 240 -9.82 -3.57 -56.59
CA THR I 240 -9.64 -4.40 -57.77
C THR I 240 -10.96 -5.05 -58.18
N SER I 241 -11.72 -5.55 -57.20
CA SER I 241 -12.99 -6.20 -57.51
C SER I 241 -14.02 -5.21 -58.01
N GLU I 242 -14.00 -3.98 -57.48
CA GLU I 242 -14.96 -2.98 -57.92
C GLU I 242 -14.65 -2.47 -59.32
N GLN I 243 -13.45 -2.71 -59.82
CA GLN I 243 -13.06 -2.32 -61.17
C GLN I 243 -12.99 -3.49 -62.14
N SER I 244 -12.49 -4.64 -61.70
CA SER I 244 -12.40 -5.79 -62.60
C SER I 244 -13.77 -6.36 -62.93
N SER I 245 -14.71 -6.29 -62.00
CA SER I 245 -16.09 -6.67 -62.25
C SER I 245 -16.90 -5.57 -62.92
N ARG I 246 -16.36 -4.36 -63.01
CA ARG I 246 -16.99 -3.28 -63.76
C ARG I 246 -16.53 -3.27 -65.21
N MET I 247 -15.30 -3.71 -65.46
CA MET I 247 -14.79 -3.82 -66.83
C MET I 247 -15.60 -4.83 -67.63
N THR I 248 -15.96 -5.95 -67.01
CA THR I 248 -16.79 -6.92 -67.69
C THR I 248 -18.25 -6.48 -67.76
N ALA I 249 -18.69 -5.66 -66.80
CA ALA I 249 -20.03 -5.08 -66.90
C ALA I 249 -20.10 -4.05 -68.02
N MET I 250 -19.00 -3.38 -68.33
CA MET I 250 -18.91 -2.59 -69.54
C MET I 250 -18.73 -3.47 -70.77
N ASP I 251 -18.09 -4.63 -70.61
CA ASP I 251 -17.93 -5.56 -71.72
C ASP I 251 -19.21 -6.32 -72.04
N ASN I 252 -20.06 -6.56 -71.03
CA ASN I 252 -21.32 -7.27 -71.26
C ASN I 252 -22.24 -6.49 -72.17
N ALA I 253 -22.18 -5.16 -72.13
CA ALA I 253 -22.91 -4.32 -73.07
C ALA I 253 -22.11 -4.05 -74.35
N SER I 254 -20.94 -4.64 -74.48
CA SER I 254 -20.09 -4.44 -75.65
C SER I 254 -20.18 -5.62 -76.63
N GLN J 34 14.63 -21.85 -39.04
CA GLN J 34 13.24 -22.28 -39.04
C GLN J 34 12.31 -21.10 -38.73
N MET J 35 12.71 -19.91 -39.16
CA MET J 35 11.95 -18.70 -38.91
C MET J 35 11.32 -18.22 -40.21
N ALA J 36 10.01 -17.96 -40.17
CA ALA J 36 9.26 -17.48 -41.33
C ALA J 36 9.05 -15.98 -41.17
N PHE J 37 9.96 -15.21 -41.76
CA PHE J 37 10.00 -13.76 -41.58
C PHE J 37 9.31 -13.07 -42.75
N THR J 38 8.44 -12.11 -42.45
CA THR J 38 7.69 -11.34 -43.43
C THR J 38 7.93 -9.85 -43.19
N PHE J 39 8.69 -9.22 -44.06
CA PHE J 39 8.94 -7.78 -44.00
C PHE J 39 8.20 -7.15 -45.17
N ALA J 40 7.18 -6.36 -44.88
CA ALA J 40 6.25 -5.89 -45.91
C ALA J 40 5.86 -4.46 -45.61
N ALA J 41 6.45 -3.52 -46.34
CA ALA J 41 5.96 -2.17 -46.39
C ALA J 41 4.71 -2.12 -47.29
N PRO J 42 3.86 -1.10 -47.14
CA PRO J 42 2.66 -1.02 -47.99
C PRO J 42 2.94 -0.70 -49.45
N SER J 43 4.20 -0.63 -49.89
CA SER J 43 4.53 -0.34 -51.27
C SER J 43 5.57 -1.33 -51.79
N GLN J 44 6.39 -1.86 -50.89
CA GLN J 44 7.39 -2.87 -51.22
C GLN J 44 7.24 -4.04 -50.27
N VAL J 45 7.41 -5.25 -50.80
CA VAL J 45 7.45 -6.46 -49.98
C VAL J 45 8.84 -7.06 -50.13
N PHE J 46 9.62 -7.03 -49.06
CA PHE J 46 11.01 -7.47 -49.07
C PHE J 46 11.11 -8.97 -48.84
N TYR J 47 10.59 -9.45 -47.72
CA TYR J 47 10.56 -10.86 -47.37
C TYR J 47 9.12 -11.28 -47.23
N ASN J 48 8.74 -12.35 -47.92
CA ASN J 48 7.37 -12.87 -47.90
C ASN J 48 7.45 -14.30 -47.37
N ASN J 49 7.37 -14.43 -46.04
CA ASN J 49 7.55 -15.69 -45.33
C ASN J 49 8.86 -16.36 -45.70
N ALA J 50 9.91 -15.55 -45.81
CA ALA J 50 11.23 -16.06 -46.14
C ALA J 50 11.89 -16.64 -44.90
N ASN J 51 12.93 -17.44 -45.13
CA ASN J 51 13.70 -18.05 -44.05
C ASN J 51 14.86 -17.14 -43.70
N ILE J 52 14.84 -16.64 -42.46
CA ILE J 52 15.78 -15.62 -41.99
C ILE J 52 16.40 -16.10 -40.68
N ARG J 53 17.72 -15.94 -40.56
CA ARG J 53 18.40 -16.31 -39.32
C ARG J 53 17.98 -15.42 -38.16
N GLN J 54 18.05 -14.10 -38.34
CA GLN J 54 17.86 -13.19 -37.22
C GLN J 54 17.25 -11.88 -37.70
N VAL J 55 16.40 -11.29 -36.86
CA VAL J 55 15.77 -10.00 -37.13
C VAL J 55 15.94 -9.12 -35.90
N ASP J 56 16.63 -7.99 -36.07
CA ASP J 56 16.72 -6.96 -35.03
C ASP J 56 15.69 -5.89 -35.31
N VAL J 57 14.92 -5.51 -34.29
CA VAL J 57 13.84 -4.54 -34.52
C VAL J 57 13.81 -3.46 -33.44
N PRO J 58 14.08 -2.20 -33.80
CA PRO J 58 13.93 -1.11 -32.82
C PRO J 58 12.48 -0.77 -32.56
N SER J 59 11.97 -1.13 -31.39
CA SER J 59 10.57 -0.96 -31.05
C SER J 59 10.43 -0.01 -29.87
N PHE J 60 9.19 0.28 -29.49
CA PHE J 60 8.90 1.05 -28.30
C PHE J 60 9.14 0.26 -27.02
N SER J 61 9.27 -1.06 -27.11
CA SER J 61 9.64 -1.90 -25.99
C SER J 61 11.14 -2.06 -25.86
N GLY J 62 11.92 -1.22 -26.56
CA GLY J 62 13.35 -1.36 -26.57
C GLY J 62 13.81 -2.26 -27.70
N SER J 63 14.98 -1.98 -28.25
CA SER J 63 15.47 -2.74 -29.39
C SER J 63 15.81 -4.17 -28.97
N PHE J 64 15.34 -5.15 -29.72
CA PHE J 64 15.58 -6.55 -29.40
C PHE J 64 15.87 -7.33 -30.67
N GLY J 65 16.52 -8.47 -30.49
CA GLY J 65 16.88 -9.35 -31.58
C GLY J 65 16.04 -10.62 -31.53
N ILE J 66 15.56 -11.03 -32.70
CA ILE J 66 14.63 -12.14 -32.84
C ILE J 66 15.36 -13.31 -33.49
N LEU J 67 15.27 -14.48 -32.88
CA LEU J 67 15.91 -15.68 -33.37
C LEU J 67 14.85 -16.75 -33.56
N PRO J 68 15.15 -17.88 -34.22
CA PRO J 68 14.16 -18.97 -34.29
C PRO J 68 13.78 -19.48 -32.91
N ALA J 69 12.51 -19.90 -32.79
CA ALA J 69 11.91 -20.30 -31.52
C ALA J 69 11.99 -19.17 -30.48
N HIS J 70 11.78 -17.94 -30.93
CA HIS J 70 11.64 -16.81 -30.04
C HIS J 70 10.29 -16.88 -29.34
N VAL J 71 10.14 -16.07 -28.28
CA VAL J 71 8.86 -15.97 -27.61
C VAL J 71 7.85 -15.27 -28.51
N ALA J 72 6.60 -15.68 -28.38
CA ALA J 72 5.52 -14.86 -28.90
C ALA J 72 5.51 -13.53 -28.17
N THR J 73 5.67 -12.45 -28.92
CA THR J 73 5.60 -11.09 -28.40
C THR J 73 5.26 -10.16 -29.54
N LEU J 74 4.32 -9.25 -29.32
CA LEU J 74 3.94 -8.27 -30.32
C LEU J 74 4.48 -6.91 -29.89
N ALA J 75 5.23 -6.27 -30.77
CA ALA J 75 5.92 -5.02 -30.47
C ALA J 75 5.56 -3.96 -31.49
N VAL J 76 5.58 -2.71 -31.04
CA VAL J 76 5.21 -1.56 -31.85
C VAL J 76 6.49 -0.87 -32.29
N LEU J 77 6.67 -0.71 -33.60
CA LEU J 77 7.91 -0.19 -34.14
C LEU J 77 8.08 1.30 -33.84
N LYS J 78 9.32 1.70 -33.69
CA LYS J 78 9.77 3.08 -33.58
C LYS J 78 10.82 3.27 -34.64
N PRO J 79 11.10 4.51 -35.07
CA PRO J 79 12.05 4.72 -36.17
C PRO J 79 13.44 4.21 -35.85
N GLY J 80 14.05 3.58 -36.84
CA GLY J 80 15.36 2.99 -36.67
C GLY J 80 15.56 1.84 -37.63
N VAL J 81 16.78 1.34 -37.64
CA VAL J 81 17.19 0.37 -38.64
C VAL J 81 16.76 -1.03 -38.21
N VAL J 82 15.94 -1.67 -39.03
CA VAL J 82 15.60 -3.09 -38.86
C VAL J 82 16.60 -3.86 -39.70
N THR J 83 17.62 -4.42 -39.06
CA THR J 83 18.68 -5.12 -39.77
C THR J 83 18.39 -6.61 -39.77
N VAL J 84 18.43 -7.21 -40.94
CA VAL J 84 18.00 -8.58 -41.16
C VAL J 84 19.23 -9.43 -41.47
N TYR J 85 19.45 -10.47 -40.67
CA TYR J 85 20.56 -11.40 -40.89
C TYR J 85 20.03 -12.55 -41.73
N GLN J 86 20.27 -12.48 -43.04
CA GLN J 86 19.75 -13.49 -43.94
C GLN J 86 20.55 -14.78 -43.81
N GLU J 87 19.96 -15.88 -44.31
CA GLU J 87 20.53 -17.20 -44.13
C GLU J 87 21.77 -17.45 -44.99
N ASP J 88 22.09 -16.57 -45.93
CA ASP J 88 23.26 -16.74 -46.78
C ASP J 88 24.51 -16.07 -46.19
N GLY J 89 24.43 -15.52 -44.99
CA GLY J 89 25.55 -14.84 -44.38
C GLY J 89 25.65 -13.36 -44.69
N SER J 90 24.75 -12.82 -45.51
CA SER J 90 24.76 -11.41 -45.86
C SER J 90 23.66 -10.70 -45.10
N THR J 91 24.01 -9.58 -44.47
CA THR J 91 23.09 -8.81 -43.64
C THR J 91 22.65 -7.56 -44.38
N LYS J 92 21.34 -7.36 -44.49
CA LYS J 92 20.78 -6.19 -45.14
C LYS J 92 20.03 -5.35 -44.11
N LYS J 93 20.39 -4.07 -44.03
CA LYS J 93 19.77 -3.15 -43.10
C LYS J 93 18.67 -2.36 -43.79
N TYR J 94 17.55 -2.19 -43.10
CA TYR J 94 16.43 -1.43 -43.62
C TYR J 94 15.94 -0.49 -42.53
N PHE J 95 15.71 0.77 -42.91
CA PHE J 95 15.06 1.70 -42.01
C PHE J 95 13.57 1.37 -41.95
N VAL J 96 12.92 1.77 -40.85
CA VAL J 96 11.47 1.74 -40.78
C VAL J 96 10.98 3.07 -40.23
N SER J 97 9.94 3.62 -40.85
CA SER J 97 9.29 4.80 -40.29
C SER J 97 8.48 4.42 -39.06
N SER J 98 7.68 3.38 -39.17
CA SER J 98 6.86 2.88 -38.07
C SER J 98 6.42 1.47 -38.42
N GLY J 99 5.50 0.95 -37.63
CA GLY J 99 4.89 -0.33 -37.93
C GLY J 99 4.69 -1.13 -36.67
N THR J 100 4.57 -2.44 -36.85
CA THR J 100 4.40 -3.39 -35.75
C THR J 100 5.30 -4.59 -36.00
N VAL J 101 5.80 -5.16 -34.92
CA VAL J 101 6.55 -6.42 -34.96
C VAL J 101 5.73 -7.47 -34.25
N THR J 102 5.56 -8.64 -34.88
CA THR J 102 4.79 -9.73 -34.32
C THR J 102 5.61 -11.01 -34.44
N VAL J 103 6.05 -11.53 -33.30
CA VAL J 103 6.69 -12.84 -33.23
C VAL J 103 5.65 -13.84 -32.81
N ASN J 104 5.59 -14.97 -33.50
CA ASN J 104 4.60 -16.00 -33.24
C ASN J 104 5.26 -17.25 -32.66
N ASP J 105 4.47 -18.00 -31.91
CA ASP J 105 4.95 -19.17 -31.19
C ASP J 105 5.40 -20.31 -32.11
N ASP J 106 5.04 -20.28 -33.39
CA ASP J 106 5.56 -21.24 -34.36
C ASP J 106 6.82 -20.75 -35.04
N SER J 107 7.54 -19.80 -34.42
CA SER J 107 8.77 -19.19 -34.94
C SER J 107 8.54 -18.56 -36.32
N SER J 108 7.67 -17.55 -36.33
CA SER J 108 7.38 -16.80 -37.54
C SER J 108 7.16 -15.34 -37.17
N VAL J 109 7.90 -14.45 -37.84
CA VAL J 109 7.84 -13.02 -37.56
C VAL J 109 7.17 -12.31 -38.73
N GLN J 110 6.45 -11.23 -38.43
CA GLN J 110 5.84 -10.37 -39.44
C GLN J 110 6.10 -8.92 -39.03
N VAL J 111 7.17 -8.33 -39.56
CA VAL J 111 7.42 -6.91 -39.38
C VAL J 111 6.71 -6.18 -40.51
N LEU J 112 5.62 -5.50 -40.18
CA LEU J 112 4.81 -4.76 -41.15
C LEU J 112 5.11 -3.29 -40.97
N ALA J 113 6.04 -2.78 -41.77
CA ALA J 113 6.46 -1.40 -41.66
C ALA J 113 5.42 -0.47 -42.27
N GLU J 114 5.74 0.82 -42.26
CA GLU J 114 4.92 1.84 -42.90
C GLU J 114 5.66 2.53 -44.02
N GLU J 115 6.88 2.97 -43.78
CA GLU J 115 7.85 3.23 -44.83
C GLU J 115 9.11 2.45 -44.51
N ALA J 116 9.70 1.85 -45.53
CA ALA J 116 10.94 1.12 -45.35
C ALA J 116 11.67 1.14 -46.68
N VAL J 117 12.81 1.82 -46.71
CA VAL J 117 13.77 1.69 -47.80
C VAL J 117 15.11 1.49 -47.11
N PRO J 118 16.07 0.81 -47.73
CA PRO J 118 17.30 0.44 -46.99
C PRO J 118 18.15 1.61 -46.53
N VAL J 119 19.22 1.31 -45.80
CA VAL J 119 20.20 2.33 -45.46
C VAL J 119 21.02 2.77 -46.66
N GLU J 120 20.94 2.01 -47.77
CA GLU J 120 21.66 2.37 -48.98
C GLU J 120 21.14 3.67 -49.58
N ASN J 121 19.82 3.85 -49.61
CA ASN J 121 19.23 5.08 -50.13
C ASN J 121 18.75 5.93 -48.95
N LEU J 122 19.62 6.83 -48.50
CA LEU J 122 19.25 7.86 -47.54
C LEU J 122 20.09 9.10 -47.83
N ASP J 123 19.48 10.27 -47.68
CA ASP J 123 20.15 11.56 -47.88
C ASP J 123 20.30 12.23 -46.51
N LEU J 124 21.55 12.41 -46.09
CA LEU J 124 21.85 12.90 -44.75
C LEU J 124 21.39 14.34 -44.55
N GLN J 125 21.55 15.17 -45.58
CA GLN J 125 21.22 16.59 -45.48
C GLN J 125 19.71 16.80 -45.29
N ALA J 126 18.89 15.99 -45.97
CA ALA J 126 17.44 16.09 -45.80
C ALA J 126 17.02 15.69 -44.39
N ALA J 127 17.70 14.69 -43.82
CA ALA J 127 17.44 14.31 -42.44
C ALA J 127 17.81 15.43 -41.47
N ARG J 128 18.95 16.09 -41.70
CA ARG J 128 19.35 17.20 -40.84
C ARG J 128 18.40 18.39 -40.99
N ASP J 129 17.92 18.65 -42.20
CA ASP J 129 16.96 19.73 -42.42
C ASP J 129 15.64 19.45 -41.73
N ILE J 130 15.17 18.20 -41.79
CA ILE J 130 13.94 17.82 -41.09
C ILE J 130 14.12 17.93 -39.58
N LEU J 131 15.30 17.55 -39.08
CA LEU J 131 15.59 17.68 -37.65
C LEU J 131 15.58 19.14 -37.21
N SER J 132 16.21 20.02 -38.00
CA SER J 132 16.24 21.45 -37.68
C SER J 132 14.85 22.05 -37.74
N LYS J 133 14.05 21.65 -38.74
CA LYS J 133 12.67 22.11 -38.84
C LYS J 133 11.85 21.65 -37.64
N ALA J 134 12.07 20.41 -37.19
CA ALA J 134 11.37 19.89 -36.01
C ALA J 134 11.75 20.66 -34.75
N GLN J 135 13.05 20.96 -34.60
CA GLN J 135 13.49 21.74 -33.44
C GLN J 135 12.93 23.15 -33.48
N SER J 136 12.85 23.75 -34.67
CA SER J 136 12.23 25.07 -34.80
C SER J 136 10.75 25.02 -34.46
N ASP J 137 10.06 23.94 -34.87
CA ASP J 137 8.65 23.79 -34.53
C ASP J 137 8.45 23.60 -33.03
N VAL J 138 9.38 22.89 -32.39
CA VAL J 138 9.31 22.73 -30.93
C VAL J 138 9.51 24.07 -30.24
N THR J 139 10.51 24.85 -30.69
CA THR J 139 10.78 26.14 -30.04
C THR J 139 9.69 27.16 -30.33
N SER J 140 9.02 27.07 -31.48
CA SER J 140 7.97 28.00 -31.85
C SER J 140 6.58 27.46 -31.57
N ALA J 141 6.46 26.30 -30.93
CA ALA J 141 5.15 25.79 -30.56
C ALA J 141 4.56 26.59 -29.40
N GLY J 142 5.38 26.88 -28.39
CA GLY J 142 4.92 27.61 -27.22
C GLY J 142 3.95 26.83 -26.37
N ALA J 143 2.71 27.31 -26.29
CA ALA J 143 1.66 26.65 -25.52
C ALA J 143 0.90 25.61 -26.32
N ASP J 144 1.25 25.41 -27.58
CA ASP J 144 0.58 24.42 -28.43
C ASP J 144 1.11 23.04 -28.04
N MET J 145 0.30 22.27 -27.31
CA MET J 145 0.72 20.93 -26.90
C MET J 145 0.75 19.98 -28.08
N LEU J 146 -0.18 20.13 -29.03
CA LEU J 146 -0.23 19.23 -30.18
C LEU J 146 0.96 19.46 -31.11
N LYS J 147 1.28 20.72 -31.40
CA LYS J 147 2.44 21.01 -32.23
C LYS J 147 3.73 20.63 -31.54
N LEU J 148 3.79 20.76 -30.21
CA LEU J 148 4.95 20.30 -29.46
C LEU J 148 5.10 18.79 -29.55
N ALA J 149 3.99 18.06 -29.47
CA ALA J 149 4.05 16.60 -29.59
C ALA J 149 4.50 16.17 -30.98
N GLU J 150 3.96 16.81 -32.03
CA GLU J 150 4.38 16.47 -33.38
C GLU J 150 5.83 16.86 -33.63
N GLY J 151 6.28 17.97 -33.05
CA GLY J 151 7.69 18.33 -33.15
C GLY J 151 8.59 17.35 -32.44
N GLN J 152 8.14 16.81 -31.30
CA GLN J 152 8.92 15.78 -30.61
C GLN J 152 8.98 14.50 -31.43
N ILE J 153 7.87 14.11 -32.07
CA ILE J 153 7.87 12.93 -32.93
C ILE J 153 8.83 13.13 -34.10
N ALA J 154 8.78 14.29 -34.74
CA ALA J 154 9.67 14.57 -35.86
C ALA J 154 11.12 14.71 -35.40
N VAL J 155 11.34 15.11 -34.14
CA VAL J 155 12.69 15.12 -33.58
C VAL J 155 13.21 13.71 -33.42
N GLU J 156 12.37 12.79 -32.94
CA GLU J 156 12.76 11.38 -32.83
C GLU J 156 13.11 10.80 -34.19
N VAL J 157 12.28 11.08 -35.20
CA VAL J 157 12.55 10.58 -36.55
C VAL J 157 13.79 11.21 -37.13
N GLY J 158 14.02 12.50 -36.84
CA GLY J 158 15.21 13.17 -37.34
C GLY J 158 16.49 12.62 -36.73
N GLU J 159 16.48 12.37 -35.41
CA GLU J 159 17.64 11.77 -34.76
C GLU J 159 17.89 10.37 -35.29
N ALA J 160 16.83 9.58 -35.47
CA ALA J 160 16.98 8.23 -36.02
C ALA J 160 17.54 8.25 -37.43
N LEU J 161 17.06 9.18 -38.27
CA LEU J 161 17.54 9.27 -39.65
C LEU J 161 18.98 9.77 -39.71
N VAL J 162 19.33 10.74 -38.87
CA VAL J 162 20.72 11.23 -38.80
C VAL J 162 21.65 10.10 -38.37
N LYS J 163 21.23 9.32 -37.37
CA LYS J 163 22.05 8.20 -36.89
C LYS J 163 22.17 7.11 -37.96
N ALA J 164 21.09 6.85 -38.69
CA ALA J 164 21.11 5.76 -39.67
C ALA J 164 21.87 6.11 -40.94
N ALA J 165 21.81 7.37 -41.38
CA ALA J 165 22.44 7.73 -42.65
C ALA J 165 23.96 7.80 -42.58
N GLU J 166 24.55 7.75 -41.38
CA GLU J 166 26.00 7.85 -41.22
C GLU J 166 26.69 6.50 -41.22
N GLY J 167 26.14 5.51 -41.92
CA GLY J 167 26.75 4.20 -41.99
C GLY J 167 27.10 3.78 -43.41
N SER K 11 4.79 7.33 -24.96
CA SER K 11 5.68 8.43 -24.61
C SER K 11 4.93 9.76 -24.58
N GLY K 12 5.55 10.80 -25.12
CA GLY K 12 4.87 12.08 -25.27
C GLY K 12 3.86 12.10 -26.40
N ARG K 13 3.83 11.05 -27.22
CA ARG K 13 2.84 10.96 -28.29
C ARG K 13 1.44 10.75 -27.72
N ARG K 14 1.25 9.65 -26.98
CA ARG K 14 -0.07 9.36 -26.43
C ARG K 14 -0.45 10.32 -25.30
N GLY K 15 0.54 10.88 -24.61
CA GLY K 15 0.27 11.78 -23.50
C GLY K 15 -0.35 13.10 -23.90
N ARG K 16 -0.16 13.52 -25.14
CA ARG K 16 -0.74 14.75 -25.65
C ARG K 16 -1.98 14.51 -26.49
N HIS K 17 -2.72 13.44 -26.19
CA HIS K 17 -3.97 13.06 -26.88
C HIS K 17 -3.75 12.84 -28.37
N VAL K 18 -2.59 12.29 -28.73
CA VAL K 18 -2.25 11.97 -30.10
C VAL K 18 -2.10 10.45 -30.19
N ASP K 19 -2.88 9.84 -31.08
CA ASP K 19 -2.90 8.39 -31.22
C ASP K 19 -1.68 7.93 -32.03
N PHE K 20 -1.63 6.64 -32.35
CA PHE K 20 -0.50 6.12 -33.11
C PHE K 20 -0.67 6.30 -34.62
N GLY K 21 -1.89 6.57 -35.09
CA GLY K 21 -2.08 6.86 -36.51
C GLY K 21 -1.41 8.15 -36.94
N ALA K 22 -1.57 9.21 -36.15
CA ALA K 22 -0.92 10.48 -36.46
C ALA K 22 0.60 10.37 -36.33
N SER K 23 1.07 9.63 -35.33
CA SER K 23 2.51 9.39 -35.19
C SER K 23 3.05 8.64 -36.38
N VAL K 24 2.30 7.64 -36.86
CA VAL K 24 2.66 6.90 -38.06
C VAL K 24 2.74 7.83 -39.27
N ASP K 25 1.77 8.74 -39.40
CA ASP K 25 1.76 9.67 -40.52
C ASP K 25 2.97 10.60 -40.50
N PHE K 26 3.32 11.13 -39.32
CA PHE K 26 4.49 12.01 -39.24
C PHE K 26 5.78 11.25 -39.51
N GLU K 27 5.90 10.03 -38.97
CA GLU K 27 7.09 9.22 -39.20
C GLU K 27 7.25 8.89 -40.68
N VAL K 28 6.15 8.54 -41.35
CA VAL K 28 6.25 8.16 -42.75
C VAL K 28 6.50 9.36 -43.64
N HIS K 29 5.95 10.54 -43.29
CA HIS K 29 6.24 11.74 -44.08
C HIS K 29 7.71 12.11 -43.98
N MET K 30 8.26 12.14 -42.77
CA MET K 30 9.68 12.45 -42.61
C MET K 30 10.57 11.37 -43.21
N MET K 31 10.09 10.12 -43.30
CA MET K 31 10.89 9.06 -43.91
C MET K 31 10.87 9.15 -45.43
N ARG K 32 9.73 9.51 -46.02
CA ARG K 32 9.68 9.72 -47.47
C ARG K 32 10.54 10.91 -47.88
N ARG K 33 10.54 11.97 -47.07
CA ARG K 33 11.20 13.22 -47.48
C ARG K 33 12.72 13.13 -47.52
N ALA K 34 13.32 12.05 -47.03
CA ALA K 34 14.78 11.92 -47.00
C ALA K 34 15.31 11.17 -48.22
N LEU K 35 14.68 11.34 -49.37
CA LEU K 35 15.02 10.64 -50.60
C LEU K 35 15.05 11.62 -51.78
N LYS K 36 15.79 12.72 -51.61
CA LYS K 36 15.75 13.83 -52.57
C LYS K 36 16.21 13.47 -53.98
N PRO K 37 17.48 13.09 -54.22
CA PRO K 37 18.03 13.24 -55.59
C PRO K 37 17.42 12.30 -56.63
N GLU K 38 16.85 11.17 -56.24
CA GLU K 38 16.26 10.28 -57.24
C GLU K 38 14.87 9.78 -56.84
N LEU K 39 14.60 9.65 -55.55
CA LEU K 39 13.54 8.78 -55.09
C LEU K 39 12.37 9.46 -54.38
N ARG K 40 12.40 10.78 -54.18
CA ARG K 40 11.22 11.43 -53.64
C ARG K 40 10.09 11.47 -54.67
N ASN K 41 10.44 11.49 -55.95
CA ASN K 41 9.42 11.48 -57.00
C ASN K 41 8.76 10.10 -57.09
N GLU K 42 9.55 9.04 -57.10
CA GLU K 42 9.06 7.68 -57.28
C GLU K 42 8.76 6.97 -55.97
N ALA K 43 8.90 7.65 -54.83
CA ALA K 43 8.62 7.05 -53.54
C ALA K 43 7.27 7.45 -52.97
N ILE K 44 6.71 8.58 -53.41
CA ILE K 44 5.44 9.08 -52.89
C ILE K 44 4.44 9.09 -54.03
N LYS K 45 3.34 8.36 -53.86
CA LYS K 45 2.21 8.41 -54.77
C LYS K 45 1.16 9.42 -54.34
N ARG K 46 1.44 10.18 -53.27
CA ARG K 46 0.52 11.16 -52.66
C ARG K 46 -0.73 10.41 -52.22
N GLU K 47 -1.92 10.81 -52.63
CA GLU K 47 -3.14 10.15 -52.21
C GLU K 47 -3.97 9.66 -53.39
N PRO L 58 -41.75 15.90 24.70
CA PRO L 58 -41.47 16.52 23.40
C PRO L 58 -40.42 15.75 22.60
N ARG L 59 -40.58 15.70 21.28
CA ARG L 59 -39.63 14.98 20.45
C ARG L 59 -38.29 15.70 20.41
N PRO L 60 -37.19 14.95 20.36
CA PRO L 60 -35.87 15.60 20.22
C PRO L 60 -35.70 16.22 18.84
N LEU L 61 -34.89 17.27 18.80
CA LEU L 61 -34.57 17.99 17.58
C LEU L 61 -33.07 17.94 17.34
N ARG L 62 -32.68 17.78 16.08
CA ARG L 62 -31.26 17.68 15.73
C ARG L 62 -30.76 19.03 15.26
N PRO L 63 -29.90 19.71 16.01
CA PRO L 63 -29.35 20.98 15.54
C PRO L 63 -28.34 20.76 14.43
N VAL L 64 -28.21 21.77 13.57
CA VAL L 64 -27.23 21.71 12.50
C VAL L 64 -25.81 21.82 13.06
N ASN L 65 -25.61 22.77 13.98
CA ASN L 65 -24.28 23.01 14.52
C ASN L 65 -24.14 22.41 15.91
N PRO L 66 -22.97 21.86 16.24
CA PRO L 66 -22.74 21.30 17.57
C PRO L 66 -22.56 22.39 18.62
N GLY L 67 -22.20 21.99 19.84
CA GLY L 67 -22.00 22.96 20.90
C GLY L 67 -20.85 23.89 20.60
N LYS L 68 -20.97 25.12 21.11
CA LYS L 68 -19.98 26.15 20.85
C LYS L 68 -18.67 25.82 21.56
N VAL L 69 -17.57 25.88 20.82
CA VAL L 69 -16.26 25.44 21.30
C VAL L 69 -15.29 26.59 21.18
N ARG L 70 -14.59 26.89 22.28
CA ARG L 70 -13.51 27.87 22.27
C ARG L 70 -12.19 27.17 22.55
N VAL L 71 -11.11 27.83 22.13
CA VAL L 71 -9.72 27.35 22.22
C VAL L 71 -9.61 25.94 21.62
N GLY L 72 -10.31 25.71 20.52
CA GLY L 72 -10.19 24.43 19.81
C GLY L 72 -10.99 23.25 20.33
N PHE L 73 -10.96 23.01 21.64
CA PHE L 73 -11.67 21.89 22.25
C PHE L 73 -12.45 22.23 23.51
N VAL L 74 -12.16 23.35 24.16
CA VAL L 74 -12.84 23.69 25.42
C VAL L 74 -14.27 24.13 25.11
N PRO L 75 -15.26 23.76 25.92
CA PRO L 75 -16.61 24.32 25.74
C PRO L 75 -16.64 25.82 26.00
N GLU L 76 -17.46 26.52 25.20
CA GLU L 76 -17.68 27.95 25.41
C GLU L 76 -18.45 28.23 26.70
N GLU L 77 -19.31 27.29 27.11
CA GLU L 77 -20.11 27.48 28.33
C GLU L 77 -19.24 27.60 29.57
N TRP L 78 -18.09 26.91 29.58
CA TRP L 78 -17.14 27.02 30.67
C TRP L 78 -16.57 28.42 30.80
N PHE L 79 -16.53 29.19 29.71
CA PHE L 79 -16.08 30.56 29.74
C PHE L 79 -17.21 31.52 30.08
N THR L 80 -18.37 31.34 29.43
CA THR L 80 -19.49 32.23 29.69
C THR L 80 -20.10 32.03 31.08
N PHE L 81 -19.72 30.97 31.78
CA PHE L 81 -20.12 30.81 33.17
C PHE L 81 -19.58 31.92 34.07
N PHE L 82 -18.44 32.50 33.71
CA PHE L 82 -17.76 33.49 34.54
C PHE L 82 -18.09 34.92 34.17
N TYR L 83 -19.09 35.15 33.32
CA TYR L 83 -19.35 36.50 32.85
C TYR L 83 -20.04 37.37 33.89
N ASN L 84 -20.79 36.77 34.82
CA ASN L 84 -21.43 37.53 35.88
C ASN L 84 -20.45 37.94 36.97
N LYS L 85 -19.25 37.37 37.01
CA LYS L 85 -18.26 37.69 38.02
C LYS L 85 -17.06 38.44 37.45
N THR L 86 -16.41 37.92 36.40
CA THR L 86 -15.15 38.48 35.96
C THR L 86 -15.05 38.55 34.43
N GLY L 87 -16.17 38.72 33.75
CA GLY L 87 -16.18 39.12 32.36
C GLY L 87 -15.59 38.17 31.32
N VAL L 88 -14.49 38.59 30.69
CA VAL L 88 -13.91 37.92 29.54
C VAL L 88 -12.54 37.31 29.86
N THR L 89 -11.66 38.11 30.45
CA THR L 89 -10.33 37.63 30.81
C THR L 89 -10.32 36.82 32.09
N GLY L 90 -11.48 36.64 32.73
CA GLY L 90 -11.60 35.83 33.91
C GLY L 90 -11.21 34.37 33.71
N PRO L 91 -11.93 33.66 32.84
CA PRO L 91 -11.55 32.27 32.55
C PRO L 91 -10.15 32.11 31.98
N TYR L 92 -9.67 33.06 31.20
CA TYR L 92 -8.33 32.95 30.65
C TYR L 92 -7.26 33.18 31.71
N VAL L 93 -7.50 34.12 32.63
CA VAL L 93 -6.61 34.32 33.76
C VAL L 93 -6.62 33.10 34.68
N LEU L 94 -7.80 32.50 34.86
CA LEU L 94 -7.90 31.27 35.65
C LEU L 94 -7.14 30.11 35.01
N GLY L 95 -7.25 29.97 33.69
CA GLY L 95 -6.52 28.92 33.00
C GLY L 95 -5.02 29.13 33.03
N ALA L 96 -4.58 30.38 32.82
CA ALA L 96 -3.15 30.68 32.89
C ALA L 96 -2.60 30.47 34.29
N GLY L 97 -3.35 30.87 35.32
CA GLY L 97 -2.91 30.65 36.68
C GLY L 97 -2.88 29.18 37.05
N ALA L 98 -3.85 28.40 36.57
CA ALA L 98 -3.85 26.97 36.83
C ALA L 98 -2.69 26.28 36.11
N LEU L 99 -2.38 26.71 34.89
CA LEU L 99 -1.22 26.15 34.19
C LEU L 99 0.08 26.50 34.89
N THR L 100 0.22 27.75 35.35
CA THR L 100 1.44 28.15 36.05
C THR L 100 1.54 27.49 37.42
N PHE L 101 0.39 27.21 38.06
CA PHE L 101 0.41 26.48 39.33
C PHE L 101 0.80 25.03 39.13
N LEU L 102 0.26 24.38 38.09
CA LEU L 102 0.61 22.99 37.85
C LEU L 102 2.06 22.84 37.39
N LEU L 103 2.58 23.82 36.65
CA LEU L 103 3.98 23.76 36.27
C LEU L 103 4.92 24.12 37.42
N SER L 104 4.52 25.11 38.23
CA SER L 104 5.41 25.63 39.26
C SER L 104 5.63 24.64 40.39
N LYS L 105 4.59 23.94 40.80
CA LYS L 105 4.69 23.00 41.90
C LYS L 105 5.20 21.63 41.47
N GLU L 106 5.51 21.47 40.18
CA GLU L 106 5.87 20.19 39.56
C GLU L 106 4.79 19.13 39.78
N ILE L 107 3.53 19.56 39.84
CA ILE L 107 2.41 18.63 39.72
C ILE L 107 2.33 18.12 38.29
N TYR L 108 2.44 19.02 37.32
CA TYR L 108 2.49 18.68 35.90
C TYR L 108 3.96 18.59 35.53
N VAL L 109 4.52 17.39 35.61
CA VAL L 109 5.94 17.18 35.36
C VAL L 109 6.22 17.27 33.87
N VAL L 110 7.17 18.13 33.50
CA VAL L 110 7.61 18.21 32.11
C VAL L 110 8.64 17.13 31.87
N GLU L 111 8.17 15.93 31.57
CA GLU L 111 8.98 14.76 31.33
C GLU L 111 9.07 14.50 29.82
N HIS L 112 9.61 13.34 29.45
CA HIS L 112 9.75 12.98 28.04
C HIS L 112 8.41 12.84 27.32
N GLU L 113 7.31 12.61 28.04
CA GLU L 113 6.02 12.49 27.38
C GLU L 113 5.50 13.85 26.92
N PHE L 114 5.84 14.93 27.62
CA PHE L 114 5.38 16.25 27.23
C PHE L 114 5.95 16.70 25.89
N TYR L 115 7.11 16.18 25.50
CA TYR L 115 7.69 16.48 24.21
C TYR L 115 7.16 15.57 23.10
N THR L 116 6.28 14.63 23.42
CA THR L 116 5.51 13.87 22.45
C THR L 116 4.12 14.46 22.23
N GLY L 117 3.50 14.96 23.30
CA GLY L 117 2.23 15.65 23.17
C GLY L 117 2.34 16.93 22.35
N VAL L 118 3.49 17.60 22.43
CA VAL L 118 3.74 18.73 21.55
C VAL L 118 3.82 18.27 20.09
N ALA L 119 4.57 17.19 19.85
CA ALA L 119 4.69 16.66 18.49
C ALA L 119 3.38 16.07 17.99
N ILE L 120 2.53 15.59 18.89
CA ILE L 120 1.18 15.17 18.52
C ILE L 120 0.34 16.38 18.13
N ALA L 121 0.43 17.46 18.93
CA ALA L 121 -0.43 18.61 18.72
C ALA L 121 -0.07 19.38 17.47
N ILE L 122 1.22 19.43 17.10
CA ILE L 122 1.61 20.12 15.88
C ILE L 122 1.10 19.37 14.66
N MET L 123 1.27 18.05 14.65
CA MET L 123 0.71 17.23 13.57
C MET L 123 -0.81 17.22 13.61
N GLY L 124 -1.39 17.24 14.82
CA GLY L 124 -2.84 17.28 14.94
C GLY L 124 -3.44 18.58 14.44
N THR L 125 -2.78 19.70 14.73
CA THR L 125 -3.26 20.98 14.19
C THR L 125 -3.07 21.06 12.68
N TYR L 126 -1.96 20.54 12.17
CA TYR L 126 -1.70 20.59 10.74
C TYR L 126 -2.70 19.74 9.96
N GLY L 127 -3.02 18.55 10.47
CA GLY L 127 -3.97 17.69 9.79
C GLY L 127 -5.39 18.25 9.77
N VAL L 128 -5.82 18.82 10.90
CA VAL L 128 -7.17 19.38 10.98
C VAL L 128 -7.27 20.66 10.14
N LYS L 129 -6.24 21.51 10.19
CA LYS L 129 -6.28 22.76 9.42
C LYS L 129 -6.05 22.57 7.93
N LYS L 130 -5.69 21.37 7.49
CA LYS L 130 -5.50 21.09 6.06
C LYS L 130 -6.60 20.20 5.49
N PHE L 131 -6.86 19.05 6.11
CA PHE L 131 -7.85 18.10 5.61
C PHE L 131 -9.21 18.27 6.25
N GLY L 132 -9.40 19.30 7.08
CA GLY L 132 -10.66 19.46 7.80
C GLY L 132 -11.83 19.76 6.88
N LYS L 133 -11.65 20.69 5.95
CA LYS L 133 -12.74 21.04 5.05
C LYS L 133 -12.96 19.99 3.96
N GLN L 134 -11.89 19.31 3.55
CA GLN L 134 -12.04 18.28 2.52
C GLN L 134 -12.83 17.08 3.04
N ILE L 135 -12.51 16.62 4.25
CA ILE L 135 -13.17 15.45 4.81
C ILE L 135 -14.61 15.79 5.21
N ALA L 136 -14.83 16.97 5.78
CA ALA L 136 -16.18 17.37 6.19
C ALA L 136 -17.09 17.54 4.98
N ASP L 137 -16.59 18.16 3.91
CA ASP L 137 -17.40 18.30 2.70
C ASP L 137 -17.63 16.97 2.00
N TYR L 138 -16.64 16.07 2.05
CA TYR L 138 -16.84 14.72 1.53
C TYR L 138 -17.87 13.96 2.35
N ALA L 139 -17.83 14.10 3.68
CA ALA L 139 -18.80 13.42 4.52
C ALA L 139 -20.18 14.03 4.38
N ASP L 140 -20.27 15.37 4.40
CA ASP L 140 -21.55 16.04 4.27
C ASP L 140 -22.17 15.87 2.89
N LYS L 141 -21.36 15.56 1.87
CA LYS L 141 -21.90 15.21 0.56
C LYS L 141 -22.70 13.91 0.65
N GLY L 142 -22.19 12.92 1.37
CA GLY L 142 -22.88 11.66 1.49
C GLY L 142 -24.13 11.72 2.33
N ILE L 143 -24.19 12.67 3.28
CA ILE L 143 -25.39 12.84 4.08
C ILE L 143 -26.55 13.33 3.22
N GLY L 144 -26.27 14.28 2.33
CA GLY L 144 -27.29 14.74 1.41
C GLY L 144 -27.69 13.68 0.39
N GLU L 145 -26.71 12.89 -0.07
CA GLU L 145 -27.00 11.83 -1.03
C GLU L 145 -27.86 10.73 -0.41
N ILE L 146 -27.72 10.48 0.89
CA ILE L 146 -28.65 9.61 1.58
C ILE L 146 -30.04 10.24 1.61
N GLU L 147 -30.11 11.55 1.91
CA GLU L 147 -31.38 12.26 1.83
C GLU L 147 -31.89 12.33 0.39
N GLN L 148 -30.99 12.47 -0.58
CA GLN L 148 -31.38 12.39 -1.98
C GLN L 148 -31.88 11.00 -2.33
N SER L 149 -31.29 9.96 -1.74
CA SER L 149 -31.86 8.62 -1.85
C SER L 149 -33.18 8.52 -1.09
N PHE L 150 -33.29 9.21 0.04
CA PHE L 150 -34.52 9.17 0.81
C PHE L 150 -35.63 10.02 0.20
N LYS L 151 -35.28 11.19 -0.37
CA LYS L 151 -36.29 12.02 -1.00
C LYS L 151 -36.77 11.46 -2.33
N GLU L 152 -36.05 10.50 -2.91
CA GLU L 152 -36.53 9.77 -4.07
C GLU L 152 -37.44 8.61 -3.70
N TYR L 153 -37.68 8.39 -2.41
CA TYR L 153 -38.61 7.35 -1.97
C TYR L 153 -40.01 7.91 -1.76
N GLN L 154 -40.14 8.90 -0.86
CA GLN L 154 -41.46 9.39 -0.49
C GLN L 154 -42.11 10.21 -1.60
N ASP L 155 -41.31 10.99 -2.33
CA ASP L 155 -41.86 11.76 -3.45
C ASP L 155 -42.34 10.85 -4.56
N SER L 156 -41.60 9.80 -4.87
CA SER L 156 -42.00 8.86 -5.92
C SER L 156 -43.20 8.02 -5.48
N SER L 157 -43.30 7.72 -4.19
CA SER L 157 -44.39 6.87 -3.72
C SER L 157 -45.73 7.61 -3.75
N LYS L 158 -45.73 8.91 -3.49
CA LYS L 158 -46.99 9.67 -3.56
C LYS L 158 -47.46 9.81 -4.99
N ILE L 159 -46.54 10.15 -5.91
CA ILE L 159 -46.90 10.25 -7.32
C ILE L 159 -47.21 8.87 -7.89
N GLY L 160 -46.48 7.85 -7.45
CA GLY L 160 -46.76 6.49 -7.90
C GLY L 160 -48.12 5.97 -7.45
N PHE L 161 -48.58 6.41 -6.28
CA PHE L 161 -49.90 6.00 -5.82
C PHE L 161 -51.00 6.73 -6.59
N GLU L 162 -50.78 8.01 -6.93
CA GLU L 162 -51.76 8.74 -7.73
C GLU L 162 -51.85 8.19 -9.14
N GLU L 163 -50.74 7.71 -9.69
CA GLU L 163 -50.78 7.01 -10.96
C GLU L 163 -51.56 5.70 -10.84
N ALA L 164 -51.39 4.99 -9.73
CA ALA L 164 -52.13 3.76 -9.49
C ALA L 164 -53.62 4.01 -9.26
N ILE L 165 -53.99 5.22 -8.86
CA ILE L 165 -55.41 5.56 -8.77
C ILE L 165 -56.04 5.60 -10.15
N THR L 166 -55.36 6.24 -11.11
CA THR L 166 -55.90 6.32 -12.47
C THR L 166 -55.93 4.97 -13.16
N LEU L 167 -55.05 4.05 -12.75
CA LEU L 167 -55.18 2.66 -13.21
C LEU L 167 -56.46 2.04 -12.69
N GLU L 168 -56.80 2.32 -11.42
CA GLU L 168 -58.07 1.85 -10.88
C GLU L 168 -59.25 2.67 -11.37
N GLU L 169 -59.03 3.95 -11.69
CA GLU L 169 -60.10 4.77 -12.22
C GLU L 169 -60.48 4.35 -13.64
N ARG L 170 -59.47 4.08 -14.48
CA ARG L 170 -59.75 3.66 -15.85
C ARG L 170 -60.27 2.24 -15.91
N ALA L 171 -60.01 1.42 -14.88
CA ALA L 171 -60.66 0.12 -14.79
C ALA L 171 -62.16 0.26 -14.57
N GLN L 172 -62.57 1.32 -13.88
CA GLN L 172 -63.99 1.62 -13.75
C GLN L 172 -64.57 2.13 -15.07
N LYS L 173 -63.75 2.81 -15.88
CA LYS L 173 -64.22 3.33 -17.15
C LYS L 173 -64.57 2.22 -18.14
N SER L 174 -63.91 1.07 -18.02
CA SER L 174 -64.32 -0.10 -18.80
C SER L 174 -65.70 -0.57 -18.37
N ALA L 175 -65.98 -0.54 -17.06
CA ALA L 175 -67.32 -0.85 -16.58
C ALA L 175 -68.33 0.21 -16.99
N GLU L 176 -67.91 1.47 -17.06
CA GLU L 176 -68.79 2.53 -17.54
C GLU L 176 -69.16 2.32 -19.00
N ALA L 177 -68.21 1.91 -19.83
CA ALA L 177 -68.44 1.67 -21.24
C ALA L 177 -68.94 0.26 -21.53
N GLN L 178 -69.06 -0.59 -20.51
CA GLN L 178 -69.56 -1.94 -20.72
C GLN L 178 -71.07 -1.94 -20.97
N ILE L 179 -71.78 -0.94 -20.44
CA ILE L 179 -73.22 -0.86 -20.63
C ILE L 179 -73.55 -0.58 -22.09
N MET L 180 -72.81 0.32 -22.74
CA MET L 180 -73.02 0.64 -24.14
C MET L 180 -72.55 -0.47 -25.07
N LEU L 181 -71.78 -1.44 -24.57
CA LEU L 181 -71.32 -2.54 -25.42
C LEU L 181 -72.49 -3.42 -25.85
N PHE L 182 -73.36 -3.78 -24.91
CA PHE L 182 -74.52 -4.58 -25.24
C PHE L 182 -75.65 -3.77 -25.85
N GLN L 183 -75.57 -2.44 -25.79
CA GLN L 183 -76.46 -1.57 -26.55
C GLN L 183 -75.97 -1.36 -27.97
N ALA L 184 -74.74 -1.79 -28.27
CA ALA L 184 -74.20 -1.67 -29.62
C ALA L 184 -74.33 -2.95 -30.42
N LYS L 185 -74.57 -4.09 -29.77
CA LYS L 185 -74.73 -5.34 -30.50
C LYS L 185 -76.18 -5.63 -30.88
N ARG L 186 -77.13 -4.85 -30.36
CA ARG L 186 -78.54 -5.06 -30.68
C ARG L 186 -78.96 -4.33 -31.95
N GLU L 187 -78.05 -3.60 -32.60
CA GLU L 187 -78.39 -2.89 -33.83
C GLU L 187 -78.21 -3.74 -35.07
N ASN L 188 -77.35 -4.76 -35.02
CA ASN L 188 -77.05 -5.58 -36.19
C ASN L 188 -78.24 -6.44 -36.58
N VAL L 189 -79.12 -6.75 -35.63
CA VAL L 189 -80.31 -7.55 -35.92
C VAL L 189 -81.31 -6.74 -36.73
N ARG M 8 -80.45 3.73 -41.00
CA ARG M 8 -80.38 4.85 -40.06
C ARG M 8 -80.05 4.32 -38.66
N SER M 9 -78.85 3.78 -38.49
CA SER M 9 -78.41 3.20 -37.23
C SER M 9 -76.90 3.29 -37.12
N SER M 10 -76.41 3.72 -35.96
CA SER M 10 -74.97 3.82 -35.72
C SER M 10 -74.71 3.87 -34.21
N ILE M 11 -73.46 3.56 -33.85
CA ILE M 11 -73.02 3.53 -32.47
C ILE M 11 -71.86 4.53 -32.31
N ASP M 12 -71.48 4.75 -31.05
CA ASP M 12 -70.36 5.64 -30.72
C ASP M 12 -69.09 4.80 -30.79
N TRP M 13 -68.40 4.85 -31.93
CA TRP M 13 -67.19 4.06 -32.12
C TRP M 13 -66.00 4.61 -31.35
N ALA M 14 -66.00 5.91 -31.04
CA ALA M 14 -64.85 6.51 -30.37
C ALA M 14 -64.71 6.00 -28.94
N LYS M 15 -65.80 6.02 -28.18
CA LYS M 15 -65.77 5.52 -26.81
C LYS M 15 -65.54 4.01 -26.78
N MET M 16 -66.09 3.30 -27.76
CA MET M 16 -65.89 1.85 -27.83
C MET M 16 -64.44 1.50 -28.16
N ALA M 17 -63.78 2.33 -28.97
CA ALA M 17 -62.37 2.09 -29.28
C ALA M 17 -61.48 2.49 -28.10
N GLU M 18 -61.81 3.58 -27.42
CA GLU M 18 -61.02 4.04 -26.28
C GLU M 18 -61.27 3.23 -25.02
N SER M 19 -62.32 2.43 -24.98
CA SER M 19 -62.62 1.65 -23.78
C SER M 19 -61.59 0.54 -23.57
N VAL M 20 -61.29 -0.22 -24.61
CA VAL M 20 -60.37 -1.35 -24.50
C VAL M 20 -58.94 -0.82 -24.45
N PRO M 21 -58.02 -1.52 -23.77
CA PRO M 21 -56.60 -1.19 -23.83
C PRO M 21 -55.88 -1.78 -25.04
N GLU M 22 -56.53 -1.67 -26.22
CA GLU M 22 -56.01 -2.13 -27.51
C GLU M 22 -55.62 -3.61 -27.50
N SER M 23 -54.32 -3.88 -27.32
CA SER M 23 -53.80 -5.23 -27.46
C SER M 23 -54.23 -6.13 -26.31
N GLN M 24 -54.54 -5.56 -25.14
CA GLN M 24 -54.96 -6.38 -24.02
C GLN M 24 -56.37 -6.94 -24.23
N LYS M 25 -57.20 -6.22 -24.98
CA LYS M 25 -58.57 -6.64 -25.31
C LYS M 25 -58.77 -6.60 -26.82
N ALA M 26 -57.86 -7.26 -27.55
CA ALA M 26 -57.83 -7.22 -29.01
C ALA M 26 -59.02 -7.90 -29.67
N MET M 27 -59.85 -8.63 -28.91
CA MET M 27 -61.06 -9.23 -29.47
C MET M 27 -62.07 -8.19 -29.92
N TYR M 28 -61.97 -6.95 -29.43
CA TYR M 28 -62.76 -5.86 -29.98
C TYR M 28 -62.37 -5.58 -31.43
N ASN M 29 -61.06 -5.64 -31.73
CA ASN M 29 -60.58 -5.36 -33.07
C ASN M 29 -61.06 -6.40 -34.07
N GLN M 30 -61.16 -7.67 -33.64
CA GLN M 30 -61.81 -8.67 -34.46
C GLN M 30 -63.30 -8.36 -34.62
N PHE M 31 -63.95 -7.90 -33.54
CA PHE M 31 -65.34 -7.48 -33.64
C PHE M 31 -65.48 -6.21 -34.46
N LYS M 32 -64.47 -5.35 -34.44
CA LYS M 32 -64.47 -4.17 -35.31
C LYS M 32 -64.42 -4.57 -36.77
N ALA M 33 -63.63 -5.61 -37.09
CA ALA M 33 -63.61 -6.13 -38.45
C ALA M 33 -64.91 -6.84 -38.82
N LYS M 34 -65.56 -7.48 -37.85
CA LYS M 34 -66.86 -8.09 -38.10
C LYS M 34 -67.92 -7.03 -38.35
N SER M 35 -68.00 -6.02 -37.48
CA SER M 35 -69.07 -5.04 -37.54
C SER M 35 -68.96 -4.12 -38.75
N ASP M 36 -67.77 -4.04 -39.36
CA ASP M 36 -67.60 -3.25 -40.56
C ASP M 36 -68.40 -3.81 -41.73
N GLY M 37 -68.44 -5.13 -41.87
CA GLY M 37 -69.16 -5.73 -42.98
C GLY M 37 -70.66 -5.67 -42.81
N TYR M 38 -71.14 -5.53 -41.57
CA TYR M 38 -72.57 -5.47 -41.30
C TYR M 38 -73.14 -4.08 -41.50
N ILE M 39 -72.28 -3.10 -41.77
CA ILE M 39 -72.71 -1.72 -42.00
C ILE M 39 -73.55 -1.63 -43.27
N ARG M 40 -73.13 -2.33 -44.32
CA ARG M 40 -73.69 -2.19 -45.67
C ARG M 40 -75.17 -2.57 -45.77
N VAL M 86 -82.20 -14.47 -29.91
CA VAL M 86 -80.84 -14.14 -29.52
C VAL M 86 -80.82 -12.86 -28.69
N SER M 87 -81.92 -12.11 -28.74
CA SER M 87 -82.02 -10.87 -27.97
C SER M 87 -82.12 -11.15 -26.47
N SER M 88 -82.80 -12.23 -26.11
CA SER M 88 -82.94 -12.60 -24.70
C SER M 88 -81.60 -13.00 -24.09
N GLN M 89 -80.73 -13.63 -24.88
CA GLN M 89 -79.37 -13.93 -24.42
C GLN M 89 -78.60 -12.65 -24.13
N ILE M 90 -78.76 -11.63 -24.98
CA ILE M 90 -78.10 -10.35 -24.75
C ILE M 90 -78.66 -9.66 -23.52
N ASP M 91 -79.97 -9.79 -23.27
CA ASP M 91 -80.54 -9.20 -22.05
C ASP M 91 -80.04 -9.90 -20.78
N ALA M 92 -79.94 -11.23 -20.83
CA ALA M 92 -79.39 -11.98 -19.70
C ALA M 92 -77.93 -11.63 -19.47
N GLN M 93 -77.15 -11.49 -20.55
CA GLN M 93 -75.77 -11.04 -20.43
C GLN M 93 -75.69 -9.62 -19.89
N GLU M 94 -76.67 -8.77 -20.24
CA GLU M 94 -76.72 -7.43 -19.66
C GLU M 94 -76.91 -7.47 -18.16
N ALA M 95 -77.79 -8.35 -17.68
CA ALA M 95 -77.98 -8.50 -16.24
C ALA M 95 -76.73 -9.05 -15.56
N GLU M 96 -76.12 -10.07 -16.15
CA GLU M 96 -74.89 -10.65 -15.58
C GLU M 96 -73.76 -9.63 -15.56
N ALA M 97 -73.62 -8.86 -16.64
CA ALA M 97 -72.60 -7.84 -16.72
C ALA M 97 -72.86 -6.70 -15.75
N LYS M 98 -74.14 -6.37 -15.49
CA LYS M 98 -74.45 -5.38 -14.48
C LYS M 98 -74.03 -5.84 -13.09
N LYS M 99 -74.29 -7.12 -12.77
CA LYS M 99 -73.83 -7.65 -11.49
C LYS M 99 -72.30 -7.65 -11.39
N GLU M 100 -71.62 -8.04 -12.47
CA GLU M 100 -70.16 -8.03 -12.48
C GLU M 100 -69.61 -6.61 -12.43
N ILE M 101 -70.33 -5.64 -13.01
CA ILE M 101 -69.94 -4.24 -12.95
C ILE M 101 -70.03 -3.74 -11.52
N THR M 102 -71.11 -4.10 -10.81
CA THR M 102 -71.22 -3.72 -9.40
C THR M 102 -70.11 -4.36 -8.56
N LYS M 103 -69.78 -5.62 -8.84
CA LYS M 103 -68.70 -6.30 -8.13
C LYS M 103 -67.36 -5.63 -8.40
N PHE M 104 -67.08 -5.30 -9.66
CA PHE M 104 -65.82 -4.66 -10.00
C PHE M 104 -65.75 -3.25 -9.46
N ILE M 105 -66.88 -2.55 -9.39
CA ILE M 105 -66.92 -1.20 -8.83
C ILE M 105 -66.63 -1.23 -7.34
N GLN M 106 -67.22 -2.18 -6.60
CA GLN M 106 -66.94 -2.24 -5.18
C GLN M 106 -65.52 -2.72 -4.89
N GLU M 107 -64.96 -3.60 -5.74
CA GLU M 107 -63.56 -3.98 -5.59
C GLU M 107 -62.63 -2.82 -5.89
N SER M 108 -62.95 -2.01 -6.92
CA SER M 108 -62.15 -0.84 -7.23
C SER M 108 -62.24 0.21 -6.13
N ARG M 109 -63.42 0.36 -5.52
CA ARG M 109 -63.57 1.24 -4.37
C ARG M 109 -62.72 0.77 -3.20
N GLY M 110 -62.69 -0.54 -2.95
CA GLY M 110 -61.83 -1.07 -1.90
C GLY M 110 -60.35 -0.83 -2.17
N ARG M 111 -59.92 -1.03 -3.42
CA ARG M 111 -58.54 -0.78 -3.77
C ARG M 111 -58.19 0.70 -3.66
N ILE M 112 -59.12 1.58 -4.06
CA ILE M 112 -58.91 3.02 -3.94
C ILE M 112 -58.82 3.42 -2.46
N GLU M 113 -59.65 2.82 -1.62
CA GLU M 113 -59.58 3.08 -0.18
C GLU M 113 -58.25 2.60 0.42
N ASN M 114 -57.76 1.45 -0.04
CA ASN M 114 -56.45 0.98 0.41
C ASN M 114 -55.33 1.92 -0.03
N TYR M 115 -55.40 2.42 -1.27
CA TYR M 115 -54.41 3.37 -1.74
C TYR M 115 -54.48 4.68 -0.97
N LYS M 116 -55.68 5.13 -0.63
CA LYS M 116 -55.85 6.32 0.20
C LYS M 116 -55.29 6.09 1.60
N ALA M 117 -55.45 4.88 2.14
CA ALA M 117 -54.87 4.55 3.43
C ALA M 117 -53.35 4.57 3.37
N GLU M 118 -52.77 4.07 2.27
CA GLU M 118 -51.31 4.13 2.10
C GLU M 118 -50.83 5.58 1.99
N LEU M 119 -51.57 6.41 1.25
CA LEU M 119 -51.21 7.82 1.13
C LEU M 119 -51.33 8.54 2.47
N GLY M 120 -52.37 8.21 3.26
CA GLY M 120 -52.49 8.79 4.59
C GLY M 120 -51.40 8.34 5.53
N LYS M 121 -50.95 7.08 5.40
CA LYS M 121 -49.82 6.60 6.18
C LYS M 121 -48.55 7.36 5.81
N LEU M 122 -48.34 7.61 4.52
CA LEU M 122 -47.18 8.38 4.08
C LEU M 122 -47.27 9.83 4.56
N GLY M 123 -48.46 10.41 4.55
CA GLY M 123 -48.62 11.78 5.02
C GLY M 123 -48.40 11.93 6.51
N GLN M 124 -48.92 10.97 7.29
CA GLN M 124 -48.76 11.02 8.74
C GLN M 124 -47.36 10.64 9.20
N MET M 125 -46.54 10.08 8.31
CA MET M 125 -45.18 9.72 8.68
C MET M 125 -44.34 10.97 8.86
N ILE M 126 -43.53 10.97 9.91
CA ILE M 126 -42.61 12.08 10.21
C ILE M 126 -41.55 12.13 9.13
N PRO M 127 -41.02 13.32 8.79
CA PRO M 127 -40.03 13.39 7.71
C PRO M 127 -38.72 12.74 8.08
N PHE M 128 -37.94 12.41 7.05
CA PHE M 128 -36.66 11.75 7.22
C PHE M 128 -35.55 12.67 7.71
N GLU M 129 -35.85 13.93 8.00
CA GLU M 129 -34.83 14.83 8.55
C GLU M 129 -34.69 14.63 10.04
N HIS M 130 -35.72 14.96 10.81
CA HIS M 130 -35.71 14.73 12.24
C HIS M 130 -36.42 13.42 12.56
N MET M 131 -35.77 12.34 12.17
CA MET M 131 -36.22 10.98 12.42
C MET M 131 -35.03 10.19 12.95
N THR M 132 -35.32 9.24 13.84
CA THR M 132 -34.29 8.41 14.45
C THR M 132 -34.38 6.99 13.91
N LEU M 133 -33.44 6.14 14.34
CA LEU M 133 -33.48 4.75 13.96
C LEU M 133 -34.67 4.02 14.59
N GLU M 134 -35.07 4.44 15.79
CA GLU M 134 -36.25 3.87 16.43
C GLU M 134 -37.52 4.22 15.66
N ASP M 135 -37.66 5.48 15.26
CA ASP M 135 -38.83 5.87 14.47
C ASP M 135 -38.84 5.24 13.09
N PHE M 136 -37.66 5.06 12.49
CA PHE M 136 -37.56 4.36 11.22
C PHE M 136 -37.96 2.89 11.35
N PHE M 137 -37.49 2.22 12.40
CA PHE M 137 -37.87 0.84 12.63
C PHE M 137 -39.32 0.70 13.11
N GLU M 138 -39.93 1.77 13.60
CA GLU M 138 -41.35 1.74 13.90
C GLU M 138 -42.19 1.89 12.64
N ALA M 139 -41.88 2.88 11.82
CA ALA M 139 -42.66 3.11 10.60
C ALA M 139 -42.37 2.05 9.55
N PHE M 140 -41.16 1.51 9.52
CA PHE M 140 -40.81 0.43 8.61
C PHE M 140 -40.50 -0.81 9.42
N PRO M 141 -41.40 -1.79 9.47
CA PRO M 141 -41.24 -2.91 10.41
C PRO M 141 -40.30 -4.01 9.92
N GLU M 142 -39.44 -3.70 8.94
CA GLU M 142 -38.44 -4.67 8.51
C GLU M 142 -37.50 -5.04 9.65
N LYS M 143 -36.90 -4.03 10.29
CA LYS M 143 -36.17 -4.13 11.56
C LYS M 143 -34.89 -4.97 11.47
N VAL M 144 -34.08 -4.90 12.52
CA VAL M 144 -33.02 -5.87 12.78
C VAL M 144 -33.24 -6.40 14.18
N LEU M 145 -33.51 -7.70 14.29
CA LEU M 145 -33.93 -8.31 15.53
C LEU M 145 -33.03 -9.50 15.85
N ASN M 146 -33.19 -10.04 17.06
CA ASN M 146 -32.41 -11.20 17.47
C ASN M 146 -32.66 -12.46 16.63
N PRO M 147 -33.93 -12.89 16.32
CA PRO M 147 -34.09 -14.06 15.45
C PRO M 147 -34.12 -13.70 13.97
N ASP M 148 -33.06 -13.06 13.50
CA ASP M 148 -32.92 -12.63 12.12
C ASP M 148 -31.78 -13.37 11.44
N PRO M 149 -31.81 -13.48 10.11
CA PRO M 149 -30.68 -14.06 9.38
C PRO M 149 -29.42 -13.23 9.58
N PRO M 150 -28.26 -13.87 9.73
CA PRO M 150 -27.01 -13.12 9.90
C PRO M 150 -26.51 -12.56 8.58
N SER M 151 -26.22 -11.27 8.58
CA SER M 151 -25.65 -10.58 7.42
C SER M 151 -24.54 -9.65 7.89
N PRO M 152 -23.52 -9.43 7.06
CA PRO M 152 -22.45 -8.49 7.44
C PRO M 152 -22.95 -7.05 7.52
N ASN M 153 -23.58 -6.58 6.45
CA ASN M 153 -24.19 -5.24 6.41
C ASN M 153 -25.70 -5.43 6.47
N VAL M 154 -26.22 -5.50 7.69
CA VAL M 154 -27.64 -5.75 7.91
C VAL M 154 -28.47 -4.54 7.52
N MET N 1 22.36 10.81 23.69
CA MET N 1 23.76 11.15 23.86
C MET N 1 24.11 11.31 25.34
N MET N 2 23.09 11.61 26.15
CA MET N 2 23.26 11.80 27.58
C MET N 2 22.81 10.58 28.38
N ALA N 3 21.53 10.22 28.28
CA ALA N 3 20.94 9.12 29.03
C ALA N 3 19.60 8.80 28.39
N SER N 4 18.82 7.95 29.07
CA SER N 4 17.49 7.59 28.60
C SER N 4 16.61 7.33 29.82
N LEU N 5 15.47 6.69 29.59
CA LEU N 5 14.53 6.39 30.67
C LEU N 5 13.76 5.13 30.31
N PHE N 6 13.17 4.51 31.32
CA PHE N 6 12.44 3.26 31.14
C PHE N 6 11.40 3.15 32.25
N SER N 7 10.85 1.94 32.41
CA SER N 7 9.83 1.61 33.42
C SER N 7 8.57 2.47 33.24
N VAL N 8 7.94 2.28 32.09
CA VAL N 8 6.66 2.93 31.79
C VAL N 8 5.52 1.94 31.62
N PHE N 9 5.81 0.63 31.61
CA PHE N 9 4.80 -0.40 31.44
C PHE N 9 4.24 -0.92 32.76
N ASP N 10 4.23 -0.10 33.80
CA ASP N 10 3.77 -0.54 35.11
C ASP N 10 2.25 -0.69 35.13
N PRO N 11 1.72 -1.86 35.47
CA PRO N 11 0.27 -2.01 35.58
C PRO N 11 -0.31 -1.62 36.93
N THR N 12 0.51 -1.19 37.88
CA THR N 12 0.07 -0.87 39.23
C THR N 12 0.38 0.59 39.58
N SER N 13 0.06 1.50 38.66
CA SER N 13 0.39 2.91 38.86
C SER N 13 -0.39 3.52 40.02
N SER N 14 -1.66 3.14 40.19
CA SER N 14 -2.49 3.66 41.26
C SER N 14 -3.55 2.62 41.60
N PHE N 15 -4.54 3.03 42.41
CA PHE N 15 -5.66 2.14 42.73
C PHE N 15 -6.50 1.89 41.48
N LEU N 16 -6.84 2.95 40.75
CA LEU N 16 -7.43 2.80 39.42
C LEU N 16 -6.32 2.39 38.48
N SER N 17 -6.21 1.09 38.21
CA SER N 17 -5.07 0.54 37.51
C SER N 17 -5.14 0.87 36.02
N ASN N 18 -4.18 0.36 35.25
CA ASN N 18 -4.06 0.66 33.84
C ASN N 18 -5.00 -0.15 32.97
N TRP N 19 -5.94 -0.89 33.55
CA TRP N 19 -6.93 -1.61 32.75
C TRP N 19 -7.97 -0.68 32.15
N LEU N 20 -8.08 0.55 32.67
CA LEU N 20 -8.92 1.56 32.04
C LEU N 20 -8.30 2.13 30.78
N SER N 21 -7.03 1.85 30.52
CA SER N 21 -6.36 2.26 29.29
C SER N 21 -6.67 1.34 28.13
N MET N 22 -7.49 0.30 28.33
CA MET N 22 -7.96 -0.53 27.23
C MET N 22 -9.43 -0.32 26.91
N LEU N 23 -10.18 0.36 27.77
CA LEU N 23 -11.59 0.64 27.54
C LEU N 23 -11.83 1.91 26.74
N ILE N 24 -10.79 2.68 26.45
CA ILE N 24 -10.90 3.93 25.70
C ILE N 24 -11.43 3.77 24.27
N PRO N 25 -11.36 2.60 23.60
CA PRO N 25 -12.19 2.45 22.39
C PRO N 25 -13.69 2.60 22.61
N LEU N 26 -14.20 2.35 23.82
CA LEU N 26 -15.62 2.56 24.06
C LEU N 26 -16.00 4.03 23.99
N LEU N 27 -15.10 4.92 24.41
CA LEU N 27 -15.35 6.35 24.26
C LEU N 27 -15.33 6.77 22.79
N PHE N 28 -14.48 6.14 22.01
CA PHE N 28 -14.36 6.43 20.59
C PHE N 28 -15.26 5.56 19.73
N MET N 29 -16.08 4.72 20.36
CA MET N 29 -17.13 4.00 19.64
C MET N 29 -18.14 5.00 19.08
N VAL N 30 -18.60 4.74 17.86
CA VAL N 30 -19.55 5.62 17.18
C VAL N 30 -20.95 5.16 17.56
N MET N 31 -21.64 5.96 18.38
CA MET N 31 -22.98 5.65 18.82
C MET N 31 -23.98 6.46 18.00
N SER N 32 -24.88 5.75 17.32
CA SER N 32 -25.75 6.33 16.31
C SER N 32 -27.16 6.49 16.85
N PHE N 33 -27.74 7.67 16.62
CA PHE N 33 -29.08 8.00 17.09
C PHE N 33 -30.04 8.33 15.96
N TRP N 34 -29.67 9.26 15.08
CA TRP N 34 -30.59 9.75 14.07
C TRP N 34 -30.57 8.88 12.82
N LEU N 35 -31.63 9.01 12.02
CA LEU N 35 -31.75 8.22 10.79
C LEU N 35 -30.72 8.67 9.77
N ILE N 36 -30.61 9.96 9.54
CA ILE N 36 -29.56 10.50 8.68
C ILE N 36 -28.29 10.56 9.51
N PRO N 37 -27.19 9.95 9.06
CA PRO N 37 -26.03 9.78 9.93
C PRO N 37 -25.28 11.09 10.13
N SER N 38 -24.42 11.08 11.14
CA SER N 38 -23.50 12.20 11.36
C SER N 38 -22.24 12.01 10.54
N ARG N 39 -21.37 13.02 10.57
CA ARG N 39 -20.12 12.92 9.84
C ARG N 39 -19.20 11.81 10.34
N PRO N 40 -18.93 11.63 11.65
CA PRO N 40 -18.10 10.49 12.04
C PRO N 40 -18.75 9.14 11.78
N GLN N 41 -20.07 9.03 11.94
CA GLN N 41 -20.76 7.79 11.64
C GLN N 41 -20.68 7.45 10.15
N PHE N 42 -20.89 8.44 9.28
CA PHE N 42 -20.80 8.20 7.85
C PHE N 42 -19.38 7.87 7.41
N LEU N 43 -18.38 8.55 8.00
CA LEU N 43 -17.00 8.24 7.69
C LEU N 43 -16.64 6.83 8.12
N ALA N 44 -17.07 6.41 9.31
CA ALA N 44 -16.81 5.05 9.78
C ALA N 44 -17.52 4.03 8.91
N LYS N 45 -18.75 4.32 8.50
CA LYS N 45 -19.49 3.41 7.62
C LYS N 45 -18.79 3.27 6.27
N SER N 46 -18.29 4.38 5.72
CA SER N 46 -17.56 4.33 4.45
C SER N 46 -16.28 3.51 4.59
N VAL N 47 -15.55 3.69 5.70
CA VAL N 47 -14.32 2.95 5.91
C VAL N 47 -14.60 1.45 6.02
N LEU N 48 -15.60 1.09 6.82
CA LEU N 48 -15.90 -0.33 7.02
C LEU N 48 -16.47 -0.97 5.76
N MET N 49 -17.27 -0.23 5.00
CA MET N 49 -17.79 -0.76 3.73
C MET N 49 -16.67 -0.95 2.71
N GLY N 50 -15.72 -0.02 2.67
CA GLY N 50 -14.57 -0.19 1.79
C GLY N 50 -13.73 -1.39 2.17
N LEU N 51 -13.52 -1.60 3.48
CA LEU N 51 -12.79 -2.78 3.93
C LEU N 51 -13.53 -4.07 3.60
N ASN N 52 -14.86 -4.07 3.75
CA ASN N 52 -15.65 -5.24 3.40
C ASN N 52 -15.58 -5.55 1.91
N ARG N 53 -15.64 -4.51 1.07
CA ARG N 53 -15.52 -4.71 -0.37
C ARG N 53 -14.12 -5.17 -0.77
N GLU N 54 -13.09 -4.71 -0.06
CA GLU N 54 -11.74 -5.15 -0.38
C GLU N 54 -11.50 -6.59 0.06
N MET N 55 -12.08 -7.00 1.19
CA MET N 55 -11.87 -8.35 1.70
C MET N 55 -12.95 -9.35 1.27
N SER N 56 -13.91 -8.92 0.43
CA SER N 56 -14.94 -9.84 -0.06
C SER N 56 -14.35 -10.97 -0.89
N LEU N 57 -13.22 -10.75 -1.56
CA LEU N 57 -12.60 -11.79 -2.37
C LEU N 57 -11.75 -12.75 -1.55
N LEU N 58 -11.60 -12.52 -0.25
CA LEU N 58 -10.80 -13.38 0.60
C LEU N 58 -11.59 -14.04 1.72
N MET N 59 -12.92 -13.93 1.70
CA MET N 59 -13.72 -14.43 2.82
C MET N 59 -13.83 -15.95 2.79
N GLY N 60 -14.41 -16.50 1.73
CA GLY N 60 -14.60 -17.93 1.63
C GLY N 60 -15.94 -18.37 2.17
N PRO N 61 -16.34 -19.61 1.86
CA PRO N 61 -17.66 -20.09 2.31
C PRO N 61 -17.68 -20.47 3.79
N ALA N 62 -16.53 -20.87 4.33
CA ALA N 62 -16.49 -21.31 5.72
C ALA N 62 -16.64 -20.13 6.68
N SER N 63 -16.09 -18.97 6.32
CA SER N 63 -16.17 -17.79 7.17
C SER N 63 -16.87 -16.66 6.44
N PHE N 64 -17.99 -16.96 5.81
CA PHE N 64 -18.77 -15.92 5.12
C PHE N 64 -19.33 -14.92 6.11
N GLY N 65 -19.83 -15.39 7.24
CA GLY N 65 -20.37 -14.54 8.27
C GLY N 65 -19.40 -14.09 9.33
N ALA N 66 -18.11 -14.38 9.18
CA ALA N 66 -17.10 -14.02 10.16
C ALA N 66 -16.31 -12.79 9.78
N ASN N 67 -16.75 -12.05 8.76
CA ASN N 67 -16.06 -10.82 8.37
C ASN N 67 -16.22 -9.74 9.44
N ILE N 68 -17.32 -9.76 10.19
CA ILE N 68 -17.53 -8.80 11.26
C ILE N 68 -16.49 -8.98 12.35
N LEU N 69 -16.13 -10.24 12.66
CA LEU N 69 -15.08 -10.49 13.64
C LEU N 69 -13.73 -9.99 13.16
N VAL N 70 -13.43 -10.16 11.86
CA VAL N 70 -12.18 -9.65 11.31
C VAL N 70 -12.13 -8.13 11.37
N ILE N 71 -13.25 -7.47 11.06
CA ILE N 71 -13.31 -6.02 11.12
C ILE N 71 -13.19 -5.51 12.56
N ALA N 72 -13.79 -6.23 13.51
CA ALA N 72 -13.63 -5.88 14.92
C ALA N 72 -12.19 -6.06 15.37
N LEU N 73 -11.51 -7.09 14.85
CA LEU N 73 -10.08 -7.25 15.14
C LEU N 73 -9.26 -6.10 14.55
N PHE N 74 -9.60 -5.68 13.33
CA PHE N 74 -8.91 -4.56 12.70
C PHE N 74 -9.08 -3.28 13.52
N LEU N 75 -10.30 -3.01 13.98
CA LEU N 75 -10.54 -1.83 14.81
C LEU N 75 -9.85 -1.95 16.16
N PHE N 76 -9.80 -3.17 16.72
CA PHE N 76 -9.12 -3.39 17.98
C PHE N 76 -7.63 -3.08 17.88
N ILE N 77 -6.99 -3.56 16.81
CA ILE N 77 -5.58 -3.27 16.58
C ILE N 77 -5.35 -1.79 16.34
N LEU N 78 -6.22 -1.17 15.53
CA LEU N 78 -6.05 0.25 15.20
C LEU N 78 -6.22 1.14 16.43
N PHE N 79 -7.18 0.82 17.29
CA PHE N 79 -7.39 1.61 18.49
C PHE N 79 -6.35 1.34 19.56
N ASN N 80 -5.80 0.13 19.61
CA ASN N 80 -4.73 -0.15 20.56
C ASN N 80 -3.37 0.33 20.07
N ASN N 81 -3.25 0.68 18.80
CA ASN N 81 -2.00 1.22 18.28
C ASN N 81 -2.01 2.75 18.17
N PHE N 82 -3.13 3.34 17.75
CA PHE N 82 -3.20 4.79 17.63
C PHE N 82 -3.30 5.47 18.98
N ILE N 83 -4.29 5.07 19.79
CA ILE N 83 -4.45 5.69 21.10
C ILE N 83 -3.37 5.24 22.07
N GLY N 84 -2.69 4.12 21.77
CA GLY N 84 -1.55 3.71 22.58
C GLY N 84 -0.33 4.55 22.40
N LEU N 85 -0.22 5.29 21.30
CA LEU N 85 0.93 6.14 21.04
C LEU N 85 0.81 7.52 21.67
N PHE N 86 -0.37 7.87 22.21
CA PHE N 86 -0.51 9.14 22.90
C PHE N 86 0.30 9.13 24.19
N PRO N 87 0.89 10.27 24.58
CA PRO N 87 2.02 10.23 25.54
C PRO N 87 1.68 9.71 26.93
N TYR N 88 0.47 9.96 27.42
CA TYR N 88 0.13 9.60 28.79
C TYR N 88 -0.73 8.33 28.86
N ILE N 89 -0.76 7.56 27.79
CA ILE N 89 -1.45 6.28 27.74
C ILE N 89 -0.42 5.18 27.51
N PHE N 90 -0.40 4.19 28.38
CA PHE N 90 0.65 3.17 28.35
C PHE N 90 0.39 2.17 27.22
N THR N 91 1.45 1.48 26.82
CA THR N 91 1.37 0.50 25.75
C THR N 91 0.72 -0.77 26.27
N ALA N 92 -0.51 -1.03 25.83
CA ALA N 92 -1.25 -2.20 26.30
C ALA N 92 -0.63 -3.50 25.80
N THR N 93 -0.07 -3.48 24.59
CA THR N 93 0.52 -4.67 24.00
C THR N 93 1.85 -5.04 24.64
N SER N 94 2.41 -4.18 25.50
CA SER N 94 3.61 -4.53 26.23
C SER N 94 3.37 -5.73 27.15
N HIS N 95 2.21 -5.76 27.80
CA HIS N 95 1.74 -6.98 28.45
C HIS N 95 1.15 -7.89 27.39
N LEU N 96 1.60 -9.14 27.36
CA LEU N 96 1.35 -10.02 26.22
C LEU N 96 -0.01 -10.71 26.28
N ALA N 97 -0.81 -10.46 27.31
CA ALA N 97 -2.15 -11.04 27.36
C ALA N 97 -3.05 -10.45 26.27
N VAL N 98 -2.87 -9.15 25.98
CA VAL N 98 -3.66 -8.50 24.94
C VAL N 98 -3.37 -9.10 23.58
N THR N 99 -2.09 -9.25 23.24
CA THR N 99 -1.71 -9.85 21.97
C THR N 99 -2.04 -11.34 21.94
N LEU N 100 -2.01 -12.01 23.10
CA LEU N 100 -2.42 -13.40 23.19
C LEU N 100 -3.89 -13.56 22.80
N SER N 101 -4.76 -12.77 23.44
CA SER N 101 -6.19 -12.82 23.11
C SER N 101 -6.47 -12.33 21.70
N LEU N 102 -5.61 -11.44 21.18
CA LEU N 102 -5.81 -10.90 19.84
C LEU N 102 -5.46 -11.92 18.76
N ALA N 103 -4.40 -12.70 18.97
CA ALA N 103 -3.87 -13.55 17.90
C ALA N 103 -4.11 -15.04 18.12
N VAL N 104 -3.80 -15.58 19.29
CA VAL N 104 -3.73 -17.02 19.52
C VAL N 104 -5.05 -17.79 19.34
N PRO N 105 -6.20 -17.39 19.93
CA PRO N 105 -7.37 -18.28 19.88
C PRO N 105 -7.95 -18.48 18.49
N LEU N 106 -7.87 -17.47 17.60
CA LEU N 106 -8.36 -17.67 16.25
C LEU N 106 -7.48 -18.64 15.47
N TRP N 107 -6.16 -18.59 15.70
CA TRP N 107 -5.29 -19.58 15.10
C TRP N 107 -5.56 -20.98 15.65
N ILE N 108 -5.84 -21.09 16.95
CA ILE N 108 -6.18 -22.39 17.52
C ILE N 108 -7.46 -22.92 16.91
N SER N 109 -8.46 -22.06 16.73
CA SER N 109 -9.72 -22.47 16.09
C SER N 109 -9.48 -22.91 14.65
N PHE N 110 -8.66 -22.17 13.90
CA PHE N 110 -8.40 -22.53 12.51
C PHE N 110 -7.62 -23.84 12.40
N ILE N 111 -6.62 -24.04 13.25
CA ILE N 111 -5.83 -25.27 13.16
C ILE N 111 -6.64 -26.46 13.65
N LEU N 112 -7.56 -26.26 14.61
CA LEU N 112 -8.42 -27.36 15.03
C LEU N 112 -9.45 -27.69 13.96
N TYR N 113 -9.98 -26.66 13.27
CA TYR N 113 -10.89 -26.90 12.16
C TYR N 113 -10.20 -27.64 11.03
N THR N 114 -8.94 -27.28 10.74
CA THR N 114 -8.16 -28.00 9.73
C THR N 114 -7.89 -29.44 10.16
N TRP N 115 -7.52 -29.65 11.43
CA TRP N 115 -7.19 -30.99 11.89
C TRP N 115 -8.41 -31.90 11.98
N ILE N 116 -9.58 -31.33 12.21
CA ILE N 116 -10.80 -32.14 12.30
C ILE N 116 -11.43 -32.37 10.94
N LYS N 117 -11.63 -31.31 10.15
CA LYS N 117 -12.38 -31.44 8.91
C LYS N 117 -11.53 -32.03 7.78
N GLU N 118 -10.45 -31.35 7.41
CA GLU N 118 -9.61 -31.77 6.28
C GLU N 118 -8.24 -32.17 6.82
N THR N 119 -8.12 -33.42 7.25
CA THR N 119 -6.82 -33.92 7.69
C THR N 119 -5.85 -34.08 6.52
N THR N 120 -6.39 -34.40 5.34
CA THR N 120 -5.55 -34.50 4.14
C THR N 120 -4.93 -33.17 3.78
N ASN N 121 -5.71 -32.08 3.89
CA ASN N 121 -5.14 -30.75 3.66
C ASN N 121 -4.11 -30.37 4.73
N ALA N 122 -4.33 -30.80 5.98
CA ALA N 122 -3.37 -30.54 7.04
C ALA N 122 -2.05 -31.26 6.78
N LEU N 123 -2.11 -32.50 6.27
CA LEU N 123 -0.90 -33.24 5.95
C LEU N 123 -0.29 -32.85 4.61
N ALA N 124 -1.05 -32.18 3.75
CA ALA N 124 -0.55 -31.81 2.42
C ALA N 124 -0.05 -30.37 2.33
N HIS N 125 -0.50 -29.47 3.21
CA HIS N 125 -0.01 -28.10 3.17
C HIS N 125 1.43 -28.01 3.66
N LEU N 126 1.84 -28.92 4.54
CA LEU N 126 3.22 -28.94 5.00
C LEU N 126 4.17 -29.34 3.88
N VAL N 127 3.80 -30.34 3.10
CA VAL N 127 4.64 -30.85 2.01
C VAL N 127 4.50 -29.94 0.80
N PRO N 128 5.59 -29.34 0.31
CA PRO N 128 5.50 -28.53 -0.91
C PRO N 128 5.20 -29.39 -2.13
N LEU N 129 4.52 -28.78 -3.09
CA LEU N 129 4.19 -29.48 -4.33
C LEU N 129 5.44 -29.70 -5.17
N GLY N 130 5.51 -30.86 -5.82
CA GLY N 130 6.64 -31.19 -6.67
C GLY N 130 7.92 -31.53 -5.93
N THR N 131 7.81 -31.94 -4.66
CA THR N 131 8.97 -32.29 -3.87
C THR N 131 9.24 -33.78 -3.96
N PRO N 132 10.43 -34.20 -4.39
CA PRO N 132 10.74 -35.64 -4.46
C PRO N 132 10.90 -36.29 -3.10
N ALA N 133 11.11 -37.62 -3.10
CA ALA N 133 11.22 -38.39 -1.86
C ALA N 133 12.41 -38.01 -0.97
N PRO N 134 13.65 -37.83 -1.45
CA PRO N 134 14.74 -37.52 -0.50
C PRO N 134 14.70 -36.09 0.05
N LEU N 135 13.81 -35.24 -0.43
CA LEU N 135 13.72 -33.86 0.04
C LEU N 135 12.60 -33.67 1.06
N MET N 136 12.01 -34.74 1.55
CA MET N 136 10.84 -34.70 2.42
C MET N 136 11.10 -34.30 3.89
N PRO N 137 11.96 -35.02 4.65
CA PRO N 137 11.85 -34.92 6.12
C PRO N 137 12.27 -33.59 6.71
N PHE N 138 13.32 -32.96 6.17
CA PHE N 138 13.72 -31.65 6.68
C PHE N 138 12.66 -30.59 6.38
N MET N 139 12.04 -30.67 5.19
CA MET N 139 10.93 -29.78 4.88
C MET N 139 9.76 -30.00 5.84
N VAL N 140 9.47 -31.25 6.16
CA VAL N 140 8.36 -31.58 7.06
C VAL N 140 8.62 -30.99 8.45
N LEU N 141 9.82 -31.22 8.99
CA LEU N 141 10.14 -30.71 10.33
C LEU N 141 10.16 -29.18 10.35
N MET N 142 10.79 -28.56 9.34
CA MET N 142 10.89 -27.11 9.31
C MET N 142 9.52 -26.45 9.17
N GLU N 143 8.66 -26.99 8.30
CA GLU N 143 7.33 -26.43 8.14
C GLU N 143 6.47 -26.66 9.37
N ILE N 144 6.62 -27.81 10.06
CA ILE N 144 5.87 -28.06 11.28
C ILE N 144 6.25 -27.05 12.36
N ILE N 145 7.55 -26.81 12.55
CA ILE N 145 8.00 -25.86 13.56
C ILE N 145 7.56 -24.44 13.20
N SER N 146 7.72 -24.06 11.93
CA SER N 146 7.35 -22.71 11.50
C SER N 146 5.85 -22.46 11.63
N ASN N 147 5.03 -23.44 11.25
CA ASN N 147 3.59 -23.26 11.36
C ASN N 147 3.10 -23.35 12.79
N MET N 148 3.79 -24.09 13.66
CA MET N 148 3.40 -24.12 15.06
C MET N 148 3.84 -22.87 15.82
N ILE N 149 4.82 -22.13 15.29
CA ILE N 149 5.25 -20.90 15.95
C ILE N 149 4.76 -19.63 15.25
N ARG N 150 4.14 -19.75 14.07
CA ARG N 150 3.73 -18.58 13.29
C ARG N 150 2.76 -17.63 13.99
N PRO N 151 1.67 -18.08 14.65
CA PRO N 151 0.84 -17.10 15.39
C PRO N 151 1.57 -16.43 16.54
N ILE N 152 2.52 -17.13 17.17
CA ILE N 152 3.34 -16.52 18.19
C ILE N 152 4.22 -15.42 17.58
N THR N 153 4.77 -15.66 16.39
CA THR N 153 5.54 -14.63 15.71
C THR N 153 4.68 -13.43 15.35
N LEU N 154 3.44 -13.68 14.90
CA LEU N 154 2.54 -12.57 14.57
C LEU N 154 2.19 -11.74 15.80
N SER N 155 1.91 -12.41 16.93
CA SER N 155 1.58 -11.70 18.16
C SER N 155 2.77 -10.91 18.70
N VAL N 156 3.96 -11.52 18.71
CA VAL N 156 5.15 -10.82 19.19
C VAL N 156 5.51 -9.67 18.26
N ARG N 157 5.26 -9.80 16.96
CA ARG N 157 5.49 -8.69 16.04
C ARG N 157 4.52 -7.54 16.30
N LEU N 158 3.23 -7.87 16.45
CA LEU N 158 2.23 -6.84 16.71
C LEU N 158 2.42 -6.16 18.06
N ALA N 159 3.07 -6.82 19.01
CA ALA N 159 3.48 -6.13 20.22
C ALA N 159 4.75 -5.32 20.01
N ALA N 160 5.73 -5.90 19.29
CA ALA N 160 7.08 -5.38 19.25
C ALA N 160 7.22 -4.14 18.37
N ASN N 161 6.39 -4.00 17.33
CA ASN N 161 6.45 -2.76 16.56
C ASN N 161 6.02 -1.56 17.39
N MET N 162 4.97 -1.74 18.20
CA MET N 162 4.53 -0.68 19.09
C MET N 162 5.52 -0.47 20.23
N ILE N 163 6.14 -1.55 20.71
CA ILE N 163 7.17 -1.43 21.74
C ILE N 163 8.35 -0.62 21.23
N ALA N 164 8.82 -0.91 20.02
CA ALA N 164 9.93 -0.18 19.43
C ALA N 164 9.57 1.28 19.16
N GLY N 165 8.35 1.52 18.67
CA GLY N 165 7.93 2.89 18.42
C GLY N 165 7.85 3.72 19.69
N HIS N 166 7.26 3.15 20.75
CA HIS N 166 7.15 3.90 22.00
C HIS N 166 8.49 4.07 22.67
N LEU N 167 9.39 3.08 22.58
CA LEU N 167 10.72 3.22 23.13
C LEU N 167 11.51 4.30 22.42
N LEU N 168 11.43 4.35 21.09
CA LEU N 168 12.13 5.39 20.34
C LEU N 168 11.53 6.78 20.61
N LEU N 169 10.21 6.86 20.76
CA LEU N 169 9.59 8.13 21.09
C LEU N 169 10.00 8.63 22.48
N THR N 170 10.02 7.73 23.47
CA THR N 170 10.44 8.14 24.82
C THR N 170 11.93 8.49 24.84
N LEU N 171 12.74 7.79 24.05
CA LEU N 171 14.17 8.11 23.98
C LEU N 171 14.38 9.47 23.33
N LEU N 172 13.61 9.80 22.30
CA LEU N 172 13.72 11.11 21.67
C LEU N 172 13.23 12.21 22.62
N GLY N 173 12.16 11.94 23.37
CA GLY N 173 11.67 12.94 24.30
C GLY N 173 12.61 13.19 25.46
N ALA N 174 13.24 12.13 25.97
CA ALA N 174 14.11 12.25 27.14
C ALA N 174 15.40 13.00 26.79
N GLN N 175 15.86 12.89 25.54
CA GLN N 175 17.05 13.62 25.09
C GLN N 175 16.72 15.00 24.56
N GLY N 176 15.60 15.58 25.00
CA GLY N 176 15.24 16.93 24.62
C GLY N 176 15.19 17.86 25.81
N THR N 177 15.80 19.04 25.67
CA THR N 177 15.89 20.00 26.75
C THR N 177 14.74 21.00 26.64
N LEU N 178 14.80 22.05 27.47
CA LEU N 178 13.80 23.12 27.44
C LEU N 178 14.42 24.50 27.23
N GLU N 179 15.62 24.75 27.75
CA GLU N 179 16.25 26.05 27.60
C GLU N 179 16.79 26.29 26.20
N ASN N 180 17.08 25.24 25.44
CA ASN N 180 17.61 25.37 24.08
C ASN N 180 16.46 25.18 23.10
N LEU N 181 16.06 26.27 22.45
CA LEU N 181 14.96 26.21 21.49
C LEU N 181 15.34 25.40 20.26
N TYR N 182 16.61 25.43 19.85
CA TYR N 182 17.04 24.68 18.68
C TYR N 182 16.97 23.18 18.92
N VAL N 183 17.49 22.72 20.07
CA VAL N 183 17.49 21.29 20.37
C VAL N 183 16.06 20.79 20.61
N THR N 184 15.25 21.57 21.31
CA THR N 184 13.86 21.19 21.54
C THR N 184 13.07 21.15 20.23
N SER N 185 13.30 22.12 19.34
CA SER N 185 12.62 22.13 18.06
C SER N 185 13.05 20.97 17.17
N ILE N 186 14.34 20.62 17.20
CA ILE N 186 14.83 19.45 16.46
C ILE N 186 14.23 18.16 17.01
N VAL N 187 14.16 18.06 18.35
CA VAL N 187 13.55 16.89 18.99
C VAL N 187 12.08 16.78 18.63
N VAL N 188 11.35 17.89 18.66
CA VAL N 188 9.93 17.89 18.33
C VAL N 188 9.72 17.53 16.87
N PHE N 189 10.54 18.07 15.96
CA PHE N 189 10.41 17.76 14.54
C PHE N 189 10.72 16.29 14.27
N SER N 190 11.75 15.75 14.91
CA SER N 190 12.07 14.34 14.74
C SER N 190 10.99 13.44 15.34
N GLN N 191 10.37 13.87 16.44
CA GLN N 191 9.24 13.11 16.98
C GLN N 191 8.03 13.20 16.06
N ILE N 192 7.86 14.32 15.35
CA ILE N 192 6.77 14.42 14.37
C ILE N 192 6.98 13.43 13.23
N ILE N 193 8.22 13.37 12.72
CA ILE N 193 8.52 12.43 11.64
C ILE N 193 8.38 10.99 12.12
N LEU N 194 8.87 10.69 13.31
CA LEU N 194 8.77 9.36 13.86
C LEU N 194 7.32 8.98 14.16
N LEU N 195 6.51 9.95 14.58
CA LEU N 195 5.10 9.68 14.86
C LEU N 195 4.34 9.42 13.56
N MET N 196 4.68 10.13 12.48
CA MET N 196 4.09 9.83 11.18
C MET N 196 4.47 8.43 10.73
N LEU N 197 5.74 8.06 10.91
CA LEU N 197 6.19 6.71 10.54
C LEU N 197 5.48 5.65 11.38
N GLU N 198 5.31 5.90 12.67
CA GLU N 198 4.66 4.92 13.55
C GLU N 198 3.16 4.83 13.27
N PHE N 199 2.51 5.94 12.93
CA PHE N 199 1.09 5.91 12.55
C PHE N 199 0.90 5.10 11.27
N SER N 200 1.75 5.34 10.26
CA SER N 200 1.67 4.57 9.03
C SER N 200 1.94 3.09 9.28
N VAL N 201 2.95 2.79 10.11
CA VAL N 201 3.28 1.40 10.43
C VAL N 201 2.13 0.73 11.18
N ALA N 202 1.46 1.47 12.06
CA ALA N 202 0.31 0.93 12.79
C ALA N 202 -0.85 0.61 11.86
N ILE N 203 -1.16 1.51 10.92
CA ILE N 203 -2.24 1.25 9.97
C ILE N 203 -1.90 0.07 9.07
N ILE N 204 -0.66 0.00 8.60
CA ILE N 204 -0.24 -1.10 7.74
C ILE N 204 -0.23 -2.42 8.51
N GLN N 205 0.13 -2.38 9.79
CA GLN N 205 0.12 -3.60 10.61
C GLN N 205 -1.29 -4.11 10.85
N SER N 206 -2.24 -3.20 11.13
CA SER N 206 -3.63 -3.62 11.26
C SER N 206 -4.16 -4.17 9.95
N TYR N 207 -3.81 -3.54 8.83
CA TYR N 207 -4.26 -4.02 7.52
C TYR N 207 -3.67 -5.40 7.19
N VAL N 208 -2.38 -5.61 7.50
CA VAL N 208 -1.77 -6.90 7.17
C VAL N 208 -2.29 -7.99 8.09
N PHE N 209 -2.63 -7.66 9.34
CA PHE N 209 -3.24 -8.67 10.20
C PHE N 209 -4.64 -9.02 9.70
N MET N 210 -5.40 -8.03 9.23
CA MET N 210 -6.71 -8.32 8.65
C MET N 210 -6.60 -9.18 7.40
N THR N 211 -5.64 -8.88 6.54
CA THR N 211 -5.47 -9.65 5.30
C THR N 211 -5.00 -11.07 5.59
N LEU N 212 -4.08 -11.24 6.55
CA LEU N 212 -3.65 -12.56 6.95
C LEU N 212 -4.78 -13.36 7.58
N MET N 213 -5.61 -12.70 8.40
CA MET N 213 -6.74 -13.38 9.00
C MET N 213 -7.76 -13.82 7.95
N THR N 214 -8.04 -12.97 6.97
CA THR N 214 -8.96 -13.34 5.90
C THR N 214 -8.41 -14.46 5.03
N LEU N 215 -7.12 -14.40 4.69
CA LEU N 215 -6.52 -15.44 3.86
C LEU N 215 -6.42 -16.77 4.59
N TYR N 216 -6.16 -16.74 5.90
CA TYR N 216 -6.14 -17.99 6.67
C TYR N 216 -7.54 -18.53 6.91
N ALA N 217 -8.54 -17.65 6.99
CA ALA N 217 -9.92 -18.12 7.05
C ALA N 217 -10.36 -18.72 5.73
N SER N 218 -9.78 -18.27 4.62
CA SER N 218 -10.05 -18.88 3.32
C SER N 218 -9.50 -20.29 3.24
N GLU N 219 -8.43 -20.58 3.97
CA GLU N 219 -7.84 -21.92 4.00
C GLU N 219 -8.75 -22.90 4.73
N UNK O 1 -33.54 0.08 18.70
CA UNK O 1 -32.53 -0.09 17.67
C UNK O 1 -31.16 -0.32 18.28
N UNK O 2 -31.15 -0.69 19.56
CA UNK O 2 -29.95 -0.93 20.35
C UNK O 2 -29.06 0.30 20.39
N UNK O 3 -29.64 1.40 20.88
CA UNK O 3 -28.95 2.69 20.86
C UNK O 3 -27.79 2.72 21.85
N UNK O 4 -28.03 2.28 23.07
CA UNK O 4 -26.99 2.28 24.09
C UNK O 4 -25.95 1.21 23.79
N UNK O 5 -24.78 1.34 24.43
CA UNK O 5 -23.71 0.37 24.22
C UNK O 5 -24.06 -0.98 24.80
N UNK O 6 -24.76 -1.00 25.93
CA UNK O 6 -25.18 -2.26 26.54
C UNK O 6 -26.34 -2.90 25.80
N UNK O 7 -27.19 -2.09 25.13
CA UNK O 7 -28.28 -2.64 24.35
C UNK O 7 -27.77 -3.27 23.06
N UNK O 8 -26.64 -2.80 22.53
CA UNK O 8 -26.07 -3.40 21.33
C UNK O 8 -25.49 -4.78 21.60
N UNK O 9 -25.23 -5.12 22.86
CA UNK O 9 -24.83 -6.46 23.22
C UNK O 9 -26.01 -7.32 23.64
N UNK O 10 -26.99 -6.75 24.33
CA UNK O 10 -28.17 -7.50 24.73
C UNK O 10 -29.08 -7.77 23.54
N UNK O 11 -29.37 -6.75 22.74
CA UNK O 11 -30.25 -6.91 21.58
C UNK O 11 -29.43 -7.21 20.32
N UNK O 12 -28.56 -8.20 20.44
CA UNK O 12 -27.63 -8.55 19.37
C UNK O 12 -28.02 -9.89 18.76
N UNK O 13 -28.05 -9.95 17.43
CA UNK O 13 -28.26 -11.19 16.70
C UNK O 13 -26.98 -11.97 16.46
N UNK O 14 -25.95 -11.73 17.26
CA UNK O 14 -24.65 -12.33 17.03
C UNK O 14 -24.57 -13.77 17.55
N UNK O 15 -25.52 -14.20 18.37
CA UNK O 15 -25.49 -15.57 18.88
C UNK O 15 -25.71 -16.58 17.77
N UNK O 16 -26.68 -16.31 16.89
CA UNK O 16 -26.95 -17.20 15.76
C UNK O 16 -25.79 -17.20 14.77
N UNK O 17 -25.17 -16.04 14.56
CA UNK O 17 -24.04 -15.96 13.63
C UNK O 17 -22.82 -16.69 14.17
N UNK O 18 -22.46 -16.43 15.43
CA UNK O 18 -21.29 -17.08 16.02
C UNK O 18 -21.55 -18.55 16.33
N UNK O 19 -22.81 -18.96 16.40
CA UNK O 19 -23.11 -20.37 16.69
C UNK O 19 -22.81 -21.27 15.49
N UNK O 20 -23.25 -20.87 14.29
CA UNK O 20 -23.24 -21.80 13.18
C UNK O 20 -22.81 -21.14 11.88
N UNK O 21 -21.85 -20.22 11.93
CA UNK O 21 -21.18 -19.79 10.69
C UNK O 21 -19.68 -20.09 10.72
N UNK O 22 -18.91 -19.47 11.62
CA UNK O 22 -17.50 -19.81 11.72
C UNK O 22 -16.93 -19.66 13.13
N UNK O 23 -17.71 -19.28 14.14
CA UNK O 23 -17.14 -18.79 15.38
C UNK O 23 -17.45 -19.65 16.60
N UNK O 24 -18.12 -20.79 16.40
CA UNK O 24 -18.23 -21.76 17.50
C UNK O 24 -16.85 -22.32 17.85
N UNK O 25 -16.05 -22.62 16.83
CA UNK O 25 -14.66 -23.03 17.06
C UNK O 25 -13.86 -21.88 17.68
N UNK O 26 -14.15 -20.64 17.27
CA UNK O 26 -13.47 -19.49 17.86
C UNK O 26 -13.77 -19.35 19.35
N UNK O 27 -15.05 -19.54 19.72
CA UNK O 27 -15.42 -19.46 21.13
C UNK O 27 -14.82 -20.62 21.93
N UNK O 28 -14.82 -21.82 21.36
CA UNK O 28 -14.23 -22.97 22.05
C UNK O 28 -12.73 -22.79 22.25
N UNK O 29 -12.03 -22.29 21.23
CA UNK O 29 -10.59 -22.06 21.35
C UNK O 29 -10.29 -20.87 22.26
N UNK O 30 -11.20 -19.89 22.33
CA UNK O 30 -11.03 -18.80 23.29
C UNK O 30 -11.17 -19.32 24.73
N UNK O 31 -12.13 -20.21 24.96
CA UNK O 31 -12.25 -20.83 26.29
C UNK O 31 -11.04 -21.68 26.62
N UNK O 32 -10.52 -22.41 25.63
CA UNK O 32 -9.30 -23.20 25.83
C UNK O 32 -8.10 -22.30 26.13
N UNK O 33 -8.02 -21.15 25.45
CA UNK O 33 -6.94 -20.19 25.70
C UNK O 33 -7.06 -19.58 27.09
N UNK O 34 -8.29 -19.31 27.54
CA UNK O 34 -8.49 -18.81 28.90
C UNK O 34 -8.09 -19.85 29.94
N UNK O 35 -8.42 -21.11 29.70
CA UNK O 35 -8.01 -22.18 30.60
C UNK O 35 -6.49 -22.34 30.61
N UNK O 36 -5.85 -22.22 29.44
CA UNK O 36 -4.40 -22.30 29.37
C UNK O 36 -3.74 -21.12 30.07
N UNK O 37 -4.32 -19.93 29.96
CA UNK O 37 -3.81 -18.76 30.67
C UNK O 37 -3.95 -18.94 32.18
N UNK O 38 -5.06 -19.51 32.63
CA UNK O 38 -5.23 -19.80 34.05
C UNK O 38 -4.20 -20.82 34.54
N UNK O 39 -3.95 -21.86 33.73
CA UNK O 39 -2.94 -22.85 34.09
C UNK O 39 -1.54 -22.25 34.13
N UNK O 40 -1.24 -21.35 33.19
CA UNK O 40 0.07 -20.70 33.19
C UNK O 40 0.22 -19.74 34.36
N UNK O 41 -0.86 -19.06 34.74
CA UNK O 41 -0.82 -18.19 35.91
C UNK O 41 -0.66 -19.00 37.20
N UNK O 42 -1.27 -20.19 37.25
CA UNK O 42 -1.03 -21.09 38.37
C UNK O 42 0.41 -21.57 38.41
N UNK O 43 0.98 -21.89 37.24
CA UNK O 43 2.36 -22.33 37.17
C UNK O 43 3.32 -21.16 37.39
N UNK O 44 2.95 -19.96 36.96
CA UNK O 44 3.79 -18.78 37.14
C UNK O 44 3.08 -17.74 38.01
N PRO P 8 -2.98 -11.38 37.05
CA PRO P 8 -4.01 -10.52 36.48
C PRO P 8 -4.16 -10.70 34.97
N TRP P 9 -3.43 -11.68 34.42
CA TRP P 9 -3.46 -11.92 32.98
C TRP P 9 -4.82 -12.42 32.52
N ILE P 10 -5.51 -13.19 33.36
CA ILE P 10 -6.87 -13.63 33.03
C ILE P 10 -7.82 -12.43 33.02
N MET P 11 -7.61 -11.48 33.93
CA MET P 11 -8.42 -10.26 33.94
C MET P 11 -8.20 -9.44 32.67
N VAL P 12 -6.95 -9.34 32.22
CA VAL P 12 -6.64 -8.63 30.98
C VAL P 12 -7.24 -9.35 29.78
N PHE P 13 -7.20 -10.69 29.80
CA PHE P 13 -7.82 -11.49 28.74
C PHE P 13 -9.32 -11.24 28.67
N LEU P 14 -9.99 -11.23 29.83
CA LEU P 14 -11.42 -11.00 29.87
C LEU P 14 -11.77 -9.57 29.44
N VAL P 15 -10.97 -8.59 29.85
CA VAL P 15 -11.22 -7.20 29.48
C VAL P 15 -11.07 -7.02 27.96
N SER P 16 -10.00 -7.59 27.39
CA SER P 16 -9.80 -7.49 25.95
C SER P 16 -10.90 -8.23 25.18
N MET P 17 -11.34 -9.38 25.67
CA MET P 17 -12.39 -10.13 25.00
C MET P 17 -13.73 -9.40 25.05
N ALA P 18 -14.03 -8.78 26.20
CA ALA P 18 -15.27 -8.01 26.31
C ALA P 18 -15.22 -6.77 25.43
N LEU P 19 -14.06 -6.11 25.34
CA LEU P 19 -13.92 -4.98 24.45
C LEU P 19 -14.07 -5.40 22.99
N LEU P 20 -13.50 -6.55 22.62
CA LEU P 20 -13.66 -7.06 21.26
C LEU P 20 -15.10 -7.41 20.95
N TRP P 21 -15.81 -7.98 21.92
CA TRP P 21 -17.23 -8.27 21.72
C TRP P 21 -18.05 -7.00 21.57
N ALA P 22 -17.73 -5.96 22.35
CA ALA P 22 -18.41 -4.69 22.23
C ALA P 22 -18.15 -4.04 20.87
N ILE P 23 -16.91 -4.11 20.38
CA ILE P 23 -16.58 -3.56 19.06
C ILE P 23 -17.27 -4.37 17.97
N MET P 24 -17.37 -5.69 18.13
CA MET P 24 -18.08 -6.52 17.17
C MET P 24 -19.56 -6.17 17.10
N THR P 25 -20.19 -5.97 18.25
CA THR P 25 -21.59 -5.54 18.27
C THR P 25 -21.75 -4.13 17.70
N MET P 26 -20.76 -3.26 17.91
CA MET P 26 -20.82 -1.92 17.34
C MET P 26 -20.73 -1.96 15.81
N VAL P 27 -19.83 -2.78 15.27
CA VAL P 27 -19.68 -2.90 13.83
C VAL P 27 -20.90 -3.57 13.21
N PHE P 28 -21.45 -4.56 13.91
CA PHE P 28 -22.62 -5.29 13.41
C PHE P 28 -23.82 -4.36 13.27
N PHE P 29 -23.96 -3.39 14.18
CA PHE P 29 -25.06 -2.46 14.15
C PHE P 29 -24.76 -1.17 13.39
N LEU P 30 -23.52 -1.00 12.91
CA LEU P 30 -23.13 0.23 12.22
C LEU P 30 -23.49 0.07 10.75
N TYR P 31 -24.72 0.42 10.41
CA TYR P 31 -25.16 0.43 9.02
C TYR P 31 -26.20 1.52 8.85
N GLN P 32 -26.35 1.98 7.61
CA GLN P 32 -27.35 2.99 7.30
C GLN P 32 -28.52 2.34 6.59
N PRO P 33 -29.68 2.21 7.23
CA PRO P 33 -30.83 1.60 6.54
C PRO P 33 -31.46 2.58 5.55
N ARG P 34 -31.89 2.03 4.43
CA ARG P 34 -32.49 2.83 3.36
C ARG P 34 -33.79 2.20 2.92
N SER P 35 -34.74 3.05 2.54
CA SER P 35 -36.08 2.63 2.13
C SER P 35 -36.20 2.82 0.62
N VAL P 36 -36.36 1.71 -0.10
CA VAL P 36 -36.45 1.74 -1.56
C VAL P 36 -37.67 0.97 -2.03
N SER P 37 -38.65 0.82 -1.15
CA SER P 37 -39.88 0.10 -1.47
C SER P 37 -40.95 1.09 -1.94
N SER P 38 -40.70 1.69 -3.09
CA SER P 38 -41.57 2.72 -3.64
C SER P 38 -42.77 2.07 -4.35
N ALA P 39 -43.53 2.88 -5.08
CA ALA P 39 -44.77 2.44 -5.72
C ALA P 39 -44.56 1.96 -7.16
N LYS P 40 -43.36 1.46 -7.49
CA LYS P 40 -43.11 0.99 -8.84
C LYS P 40 -43.86 -0.31 -9.12
N GLY P 41 -44.00 -1.19 -8.12
CA GLY P 41 -44.73 -2.42 -8.32
C GLY P 41 -46.23 -2.24 -8.46
N PHE P 42 -46.77 -1.14 -7.94
CA PHE P 42 -48.21 -0.90 -8.05
C PHE P 42 -48.60 -0.49 -9.46
N SER P 43 -47.68 0.09 -10.22
CA SER P 43 -47.98 0.52 -11.58
C SER P 43 -48.08 -0.63 -12.56
N ASP P 44 -47.60 -1.82 -12.18
CA ASP P 44 -47.63 -3.00 -13.04
C ASP P 44 -48.81 -3.90 -12.73
N ARG P 45 -49.78 -3.42 -11.96
CA ARG P 45 -50.95 -4.18 -11.55
C ARG P 45 -52.22 -3.57 -12.11
N THR P 46 -52.19 -3.17 -13.39
CA THR P 46 -53.33 -2.53 -14.05
C THR P 46 -54.39 -3.59 -14.33
N VAL P 47 -55.16 -3.92 -13.29
CA VAL P 47 -56.19 -4.94 -13.41
C VAL P 47 -57.38 -4.36 -14.16
N TYR P 48 -57.77 -5.02 -15.23
CA TYR P 48 -58.86 -4.57 -16.09
C TYR P 48 -59.89 -5.68 -16.26
N LEU P 49 -61.14 -5.28 -16.45
CA LEU P 49 -62.23 -6.24 -16.62
C LEU P 49 -62.35 -6.65 -18.08
N ASN P 50 -62.51 -7.95 -18.31
CA ASN P 50 -62.67 -8.46 -19.66
C ASN P 50 -64.08 -8.20 -20.17
N TRP P 51 -64.28 -8.40 -21.47
CA TRP P 51 -65.53 -8.13 -22.14
C TRP P 51 -66.21 -9.42 -22.56
N LYS P 52 -67.53 -9.34 -22.74
CA LYS P 52 -68.34 -10.46 -23.21
C LYS P 52 -68.81 -10.18 -24.62
N TRP P 53 -68.71 -11.20 -25.49
CA TRP P 53 -69.11 -11.04 -26.88
C TRP P 53 -70.12 -12.12 -27.28
N GLY Q 4 -30.49 -5.17 28.88
CA GLY Q 4 -30.19 -4.01 28.06
C GLY Q 4 -31.36 -3.49 27.27
N ASP Q 5 -32.42 -3.07 27.98
CA ASP Q 5 -33.62 -2.54 27.35
C ASP Q 5 -33.94 -1.18 27.95
N TYR Q 6 -35.13 -0.65 27.63
CA TYR Q 6 -35.54 0.65 28.14
C TYR Q 6 -35.75 0.57 29.65
N PRO Q 7 -35.52 1.66 30.37
CA PRO Q 7 -35.78 1.66 31.81
C PRO Q 7 -37.27 1.57 32.11
N ALA Q 8 -37.58 1.12 33.33
CA ALA Q 8 -38.95 0.87 33.74
C ALA Q 8 -39.78 2.13 33.88
N GLU Q 9 -39.17 3.31 33.85
CA GLU Q 9 -39.88 4.57 34.00
C GLU Q 9 -40.28 5.18 32.66
N TYR Q 10 -40.05 4.48 31.56
CA TYR Q 10 -40.29 4.99 30.22
C TYR Q 10 -41.43 4.21 29.58
N ASN Q 11 -42.47 4.92 29.13
CA ASN Q 11 -43.55 4.33 28.36
C ASN Q 11 -43.76 5.19 27.14
N PRO Q 12 -43.57 4.66 25.92
CA PRO Q 12 -43.66 5.50 24.71
C PRO Q 12 -45.05 6.05 24.43
N LYS Q 13 -46.10 5.49 25.04
CA LYS Q 13 -47.43 6.04 24.86
C LYS Q 13 -47.60 7.38 25.56
N VAL Q 14 -46.80 7.62 26.61
CA VAL Q 14 -46.89 8.86 27.39
C VAL Q 14 -45.74 9.80 27.07
N HIS Q 15 -44.52 9.28 27.02
CA HIS Q 15 -43.34 10.13 26.87
C HIS Q 15 -43.09 10.51 25.41
N GLY Q 16 -42.77 9.52 24.57
CA GLY Q 16 -42.39 9.76 23.21
C GLY Q 16 -41.24 8.87 22.78
N PRO Q 17 -40.53 9.26 21.72
CA PRO Q 17 -39.39 8.46 21.27
C PRO Q 17 -38.26 8.47 22.29
N TYR Q 18 -37.51 7.38 22.32
CA TYR Q 18 -36.51 7.18 23.36
C TYR Q 18 -35.28 8.01 23.06
N ASP Q 19 -34.96 8.93 23.96
CA ASP Q 19 -33.67 9.61 23.98
C ASP Q 19 -32.90 9.08 25.18
N PRO Q 20 -31.79 8.36 24.97
CA PRO Q 20 -31.07 7.78 26.13
C PRO Q 20 -30.45 8.81 27.06
N ALA Q 21 -30.35 10.07 26.64
CA ALA Q 21 -29.84 11.14 27.48
C ALA Q 21 -30.92 11.76 28.36
N ARG Q 22 -32.11 11.19 28.41
CA ARG Q 22 -33.22 11.75 29.18
C ARG Q 22 -33.48 10.91 30.42
N PHE Q 23 -34.05 11.56 31.43
CA PHE Q 23 -34.49 10.91 32.66
C PHE Q 23 -36.01 10.97 32.71
N TYR Q 24 -36.66 9.80 32.56
CA TYR Q 24 -38.11 9.73 32.50
C TYR Q 24 -38.74 9.42 33.85
N GLY Q 25 -37.95 9.40 34.93
CA GLY Q 25 -38.49 9.09 36.24
C GLY Q 25 -39.18 10.27 36.91
N LYS Q 26 -38.92 10.46 38.20
CA LYS Q 26 -39.54 11.55 38.94
C LYS Q 26 -38.89 12.88 38.57
N ALA Q 27 -39.72 13.91 38.48
CA ALA Q 27 -39.23 15.27 38.19
C ALA Q 27 -38.46 15.78 39.40
N ASP Q 28 -37.15 15.69 39.34
CA ASP Q 28 -36.27 15.99 40.46
C ASP Q 28 -35.72 17.41 40.35
N VAL Q 29 -35.22 17.90 41.48
CA VAL Q 29 -34.54 19.20 41.53
C VAL Q 29 -33.27 19.13 40.70
N PRO Q 30 -32.98 20.14 39.86
CA PRO Q 30 -31.73 20.12 39.09
C PRO Q 30 -30.51 20.22 39.99
N LEU Q 31 -29.41 19.62 39.54
CA LEU Q 31 -28.20 19.55 40.35
C LEU Q 31 -27.58 20.92 40.58
N GLY Q 32 -27.75 21.83 39.64
CA GLY Q 32 -27.19 23.16 39.73
C GLY Q 32 -28.04 24.17 40.46
N GLN Q 33 -29.16 23.76 41.04
CA GLN Q 33 -30.05 24.68 41.75
C GLN Q 33 -30.33 24.25 43.19
N VAL Q 34 -29.58 23.29 43.73
CA VAL Q 34 -29.77 22.88 45.11
C VAL Q 34 -29.14 23.91 46.03
N LYS Q 35 -29.90 24.39 47.01
CA LYS Q 35 -29.54 25.57 47.77
C LYS Q 35 -28.45 25.33 48.83
N LEU Q 36 -27.76 24.18 48.78
CA LEU Q 36 -26.64 23.78 49.63
C LEU Q 36 -27.02 23.52 51.09
N GLY Q 37 -28.26 23.77 51.49
CA GLY Q 37 -28.69 23.43 52.83
C GLY Q 37 -29.35 22.08 52.84
N GLU Q 38 -29.93 21.70 51.70
CA GLU Q 38 -30.51 20.40 51.48
C GLU Q 38 -29.71 19.57 50.48
N LEU Q 39 -28.44 19.91 50.29
CA LEU Q 39 -27.61 19.25 49.28
C LEU Q 39 -27.24 17.83 49.71
N SER Q 40 -27.02 17.60 51.00
CA SER Q 40 -26.77 16.25 51.48
C SER Q 40 -28.00 15.36 51.29
N GLN Q 41 -29.18 15.90 51.57
CA GLN Q 41 -30.41 15.16 51.30
C GLN Q 41 -30.62 14.97 49.80
N TRP Q 42 -30.16 15.92 48.99
CA TRP Q 42 -30.24 15.77 47.54
C TRP Q 42 -29.34 14.63 47.05
N LEU Q 43 -28.13 14.52 47.62
CA LEU Q 43 -27.24 13.44 47.24
C LEU Q 43 -27.73 12.09 47.77
N GLY Q 44 -28.37 12.09 48.95
CA GLY Q 44 -28.97 10.87 49.45
C GLY Q 44 -30.29 10.49 48.79
N ARG Q 45 -30.90 11.42 48.06
CA ARG Q 45 -32.14 11.12 47.35
C ARG Q 45 -31.90 10.18 46.18
N ARG Q 46 -30.78 10.35 45.48
CA ARG Q 46 -30.46 9.52 44.33
C ARG Q 46 -29.99 8.14 44.80
N ASN Q 47 -30.44 7.10 44.09
CA ASN Q 47 -29.99 5.75 44.38
C ASN Q 47 -28.53 5.58 43.98
N LYS Q 48 -27.79 4.82 44.78
CA LYS Q 48 -26.35 4.67 44.62
C LYS Q 48 -25.96 3.25 44.25
N ASN Q 49 -26.87 2.51 43.63
CA ASN Q 49 -26.52 1.21 43.08
C ASN Q 49 -25.61 1.41 41.87
N PRO Q 50 -24.78 0.41 41.55
CA PRO Q 50 -23.99 0.48 40.30
C PRO Q 50 -24.84 0.60 39.05
N GLN Q 51 -26.04 0.03 39.05
CA GLN Q 51 -26.97 0.23 37.94
C GLN Q 51 -27.38 1.70 37.84
N ALA Q 52 -27.66 2.35 38.97
CA ALA Q 52 -28.07 3.74 38.95
C ALA Q 52 -26.93 4.67 38.52
N VAL Q 53 -25.73 4.43 39.02
CA VAL Q 53 -24.61 5.28 38.63
C VAL Q 53 -24.21 5.02 37.18
N ALA Q 54 -24.40 3.78 36.69
CA ALA Q 54 -24.13 3.50 35.28
C ALA Q 54 -25.16 4.17 34.38
N ALA Q 55 -26.42 4.19 34.82
CA ALA Q 55 -27.45 4.90 34.07
C ALA Q 55 -27.20 6.40 34.03
N ALA Q 56 -26.77 6.98 35.16
CA ALA Q 56 -26.45 8.41 35.19
C ALA Q 56 -25.24 8.73 34.32
N VAL Q 57 -24.21 7.87 34.36
CA VAL Q 57 -23.03 8.08 33.53
C VAL Q 57 -23.38 7.99 32.05
N SER Q 58 -24.19 7.01 31.67
CA SER Q 58 -24.60 6.90 30.26
C SER Q 58 -25.51 8.04 29.85
N ARG Q 59 -26.35 8.55 30.76
CA ARG Q 59 -27.16 9.72 30.45
C ARG Q 59 -26.29 10.94 30.20
N GLY Q 60 -25.27 11.16 31.04
CA GLY Q 60 -24.37 12.28 30.80
C GLY Q 60 -23.56 12.11 29.53
N TRP Q 61 -23.13 10.89 29.24
CA TRP Q 61 -22.39 10.60 28.01
C TRP Q 61 -23.24 10.84 26.77
N TRP Q 62 -24.52 10.48 26.83
CA TRP Q 62 -25.38 10.74 25.68
C TRP Q 62 -25.80 12.19 25.59
N ARG Q 63 -25.83 12.93 26.70
CA ARG Q 63 -25.97 14.38 26.61
C ARG Q 63 -24.78 15.01 25.91
N TRP Q 64 -23.58 14.52 26.23
CA TRP Q 64 -22.38 14.97 25.53
C TRP Q 64 -22.42 14.61 24.05
N GLN Q 65 -22.89 13.41 23.71
CA GLN Q 65 -23.06 13.01 22.32
C GLN Q 65 -24.06 13.91 21.60
N HIS Q 66 -25.16 14.24 22.27
CA HIS Q 66 -26.18 15.10 21.69
C HIS Q 66 -25.73 16.54 21.56
N LYS Q 67 -24.74 16.97 22.34
CA LYS Q 67 -24.25 18.33 22.19
C LYS Q 67 -23.07 18.43 21.22
N TYR Q 68 -22.30 17.36 21.04
CA TYR Q 68 -21.04 17.49 20.32
C TYR Q 68 -20.86 16.56 19.13
N VAL Q 69 -21.59 15.45 19.03
CA VAL Q 69 -21.37 14.46 17.98
C VAL Q 69 -22.59 14.28 17.09
N LEU Q 70 -23.75 14.06 17.69
CA LEU Q 70 -24.97 13.74 16.96
C LEU Q 70 -25.53 14.87 16.09
N PRO Q 71 -25.29 16.19 16.40
CA PRO Q 71 -25.54 17.22 15.38
C PRO Q 71 -24.87 16.99 14.04
N ARG Q 72 -25.42 17.60 12.99
CA ARG Q 72 -25.01 17.29 11.62
C ARG Q 72 -23.58 17.75 11.33
N LYS Q 73 -23.24 18.97 11.72
CA LYS Q 73 -21.91 19.50 11.43
C LYS Q 73 -20.92 19.22 12.56
N GLY Q 74 -20.85 17.96 12.98
CA GLY Q 74 -19.94 17.58 14.05
C GLY Q 74 -18.49 17.67 13.60
N GLY Q 75 -17.66 18.34 14.39
CA GLY Q 75 -16.28 18.55 14.07
C GLY Q 75 -15.34 17.65 14.84
N ILE Q 76 -14.06 18.03 14.85
CA ILE Q 76 -13.05 17.26 15.57
C ILE Q 76 -12.99 17.63 17.05
N ALA Q 77 -13.75 18.65 17.46
CA ALA Q 77 -13.74 19.08 18.86
C ALA Q 77 -14.15 18.01 19.87
N PRO Q 78 -15.18 17.17 19.66
CA PRO Q 78 -15.42 16.08 20.63
C PRO Q 78 -14.28 15.10 20.76
N TYR Q 79 -13.58 14.78 19.68
CA TYR Q 79 -12.52 13.79 19.77
C TYR Q 79 -11.24 14.36 20.41
N ILE Q 80 -10.94 15.63 20.12
CA ILE Q 80 -9.84 16.29 20.83
C ILE Q 80 -10.18 16.43 22.31
N GLN Q 81 -11.45 16.70 22.61
CA GLN Q 81 -11.90 16.77 23.99
C GLN Q 81 -11.72 15.44 24.71
N LEU Q 82 -12.10 14.34 24.05
CA LEU Q 82 -11.92 13.00 24.62
C LEU Q 82 -10.45 12.70 24.84
N ILE Q 83 -9.60 13.06 23.88
CA ILE Q 83 -8.17 12.76 23.98
C ILE Q 83 -7.55 13.52 25.15
N VAL Q 84 -7.87 14.82 25.29
CA VAL Q 84 -7.29 15.61 26.37
C VAL Q 84 -7.82 15.15 27.72
N GLY Q 85 -9.11 14.77 27.79
CA GLY Q 85 -9.64 14.23 29.03
C GLY Q 85 -9.00 12.91 29.42
N CYS Q 86 -8.75 12.06 28.44
CA CYS Q 86 -8.08 10.78 28.72
C CYS Q 86 -6.65 10.98 29.15
N SER Q 87 -5.94 11.93 28.54
CA SER Q 87 -4.57 12.24 28.96
C SER Q 87 -4.54 12.81 30.37
N ILE Q 88 -5.50 13.66 30.72
CA ILE Q 88 -5.60 14.21 32.07
C ILE Q 88 -5.87 13.10 33.08
N PHE Q 89 -6.84 12.23 32.76
CA PHE Q 89 -7.21 11.17 33.70
C PHE Q 89 -6.09 10.15 33.88
N PHE Q 90 -5.43 9.77 32.79
CA PHE Q 90 -4.34 8.81 32.92
C PHE Q 90 -3.08 9.45 33.50
N TYR Q 91 -2.92 10.77 33.40
CA TYR Q 91 -1.90 11.45 34.19
C TYR Q 91 -2.25 11.42 35.68
N ALA Q 92 -3.53 11.56 36.01
CA ALA Q 92 -3.95 11.42 37.40
C ALA Q 92 -3.72 10.00 37.91
N ILE Q 93 -3.84 9.01 37.03
CA ILE Q 93 -3.51 7.63 37.40
C ILE Q 93 -2.00 7.47 37.59
N ASN Q 94 -1.20 7.97 36.64
CA ASN Q 94 0.24 7.80 36.64
C ASN Q 94 0.98 8.91 37.40
N TYR Q 95 0.25 9.69 38.20
CA TYR Q 95 0.87 10.76 38.98
C TYR Q 95 1.93 10.25 39.95
N GLY Q 96 1.78 9.02 40.44
CA GLY Q 96 2.82 8.43 41.28
C GLY Q 96 4.13 8.24 40.54
N LYS Q 97 4.05 7.77 39.29
CA LYS Q 97 5.26 7.63 38.47
C LYS Q 97 5.79 8.97 38.02
N MET Q 98 4.90 9.94 37.77
CA MET Q 98 5.35 11.26 37.30
C MET Q 98 6.04 12.03 38.41
N VAL Q 99 5.54 11.94 39.64
CA VAL Q 99 6.12 12.68 40.76
C VAL Q 99 7.46 12.07 41.19
N ALA Q 100 7.72 10.81 40.81
CA ALA Q 100 8.96 10.16 41.24
C ALA Q 100 10.17 10.65 40.45
N HIS Q 101 9.96 11.11 39.21
CA HIS Q 101 11.08 11.55 38.38
C HIS Q 101 11.31 13.05 38.50
N ARG Q 102 10.31 13.84 38.10
CA ARG Q 102 10.29 15.31 38.18
C ARG Q 102 11.46 15.98 37.46
N GLN Q 103 11.61 17.28 37.68
CA GLN Q 103 12.71 18.08 37.15
C GLN Q 103 13.40 18.89 38.23
N ARG Q 104 12.66 19.41 39.19
CA ARG Q 104 13.23 20.15 40.31
C ARG Q 104 13.52 19.21 41.47
N LYS Q 105 14.34 19.69 42.41
CA LYS Q 105 14.69 18.91 43.58
C LYS Q 105 14.16 19.48 44.89
N TYR Q 106 13.86 20.78 44.94
CA TYR Q 106 13.27 21.40 46.12
C TYR Q 106 11.86 21.91 45.84
N HIS Q 107 11.70 22.78 44.85
CA HIS Q 107 10.42 23.31 44.39
C HIS Q 107 9.57 23.94 45.50
N LEU R 27 -5.16 39.35 19.00
CA LEU R 27 -4.53 39.50 20.31
C LEU R 27 -4.78 40.90 20.87
N ALA R 28 -5.26 41.80 20.01
CA ALA R 28 -5.53 43.16 20.45
C ALA R 28 -6.78 43.23 21.31
N THR R 29 -7.84 42.53 20.91
CA THR R 29 -9.11 42.57 21.65
C THR R 29 -8.96 41.96 23.03
N PHE R 30 -8.17 40.89 23.15
CA PHE R 30 -7.87 40.31 24.45
C PHE R 30 -7.12 41.31 25.33
N LEU R 31 -6.23 42.11 24.74
CA LEU R 31 -5.55 43.15 25.50
C LEU R 31 -6.51 44.25 25.95
N LYS R 32 -7.49 44.61 25.11
CA LYS R 32 -8.48 45.60 25.53
C LYS R 32 -9.34 45.06 26.68
N TYR R 33 -9.72 43.79 26.61
CA TYR R 33 -10.48 43.18 27.70
C TYR R 33 -9.65 43.11 28.98
N ALA R 34 -8.35 42.83 28.86
CA ALA R 34 -7.48 42.82 30.03
C ALA R 34 -7.31 44.22 30.60
N LYS R 35 -7.29 45.24 29.74
CA LYS R 35 -7.24 46.62 30.22
C LYS R 35 -8.50 46.96 31.01
N VAL R 36 -9.65 46.49 30.55
CA VAL R 36 -10.90 46.77 31.27
C VAL R 36 -10.96 46.00 32.59
N GLU R 37 -10.56 44.73 32.59
CA GLU R 37 -10.92 43.82 33.68
C GLU R 37 -9.72 43.24 34.42
N LEU R 38 -8.62 43.99 34.54
CA LEU R 38 -7.51 43.56 35.38
C LEU R 38 -6.92 44.72 36.18
N THR R 39 -7.70 45.78 36.40
CA THR R 39 -7.19 46.96 37.08
C THR R 39 -6.98 46.67 38.56
N PRO R 40 -5.88 47.14 39.15
CA PRO R 40 -5.73 47.06 40.61
C PRO R 40 -6.78 47.92 41.29
N PRO R 41 -7.18 47.56 42.51
CA PRO R 41 -8.17 48.38 43.23
C PRO R 41 -7.60 49.75 43.59
N GLY R 42 -8.44 50.78 43.42
CA GLY R 42 -8.01 52.15 43.57
C GLY R 42 -7.88 52.56 45.01
N PRO R 43 -7.29 53.75 45.22
CA PRO R 43 -7.10 54.25 46.59
C PRO R 43 -8.34 54.89 47.20
N ALA R 44 -9.46 54.95 46.47
CA ALA R 44 -10.64 55.65 46.93
C ALA R 44 -11.82 54.73 47.23
N ASP R 45 -11.73 53.44 46.95
CA ASP R 45 -12.81 52.50 47.19
C ASP R 45 -12.49 51.51 48.31
N VAL R 46 -11.66 51.93 49.27
CA VAL R 46 -11.38 51.07 50.42
C VAL R 46 -12.62 50.77 51.26
N PRO R 47 -13.51 51.72 51.59
CA PRO R 47 -14.73 51.33 52.32
C PRO R 47 -15.60 50.32 51.59
N LYS R 48 -15.66 50.38 50.26
CA LYS R 48 -16.49 49.43 49.51
C LYS R 48 -15.92 48.01 49.57
N ILE R 49 -14.59 47.87 49.41
CA ILE R 49 -13.98 46.55 49.46
C ILE R 49 -14.06 45.99 50.87
N GLN R 50 -13.91 46.84 51.90
CA GLN R 50 -14.01 46.34 53.26
C GLN R 50 -15.45 46.01 53.63
N GLU R 51 -16.41 46.74 53.04
CA GLU R 51 -17.82 46.40 53.22
C GLU R 51 -18.12 45.03 52.63
N GLY R 52 -17.60 44.74 51.43
CA GLY R 52 -17.78 43.42 50.85
C GLY R 52 -17.11 42.32 51.65
N ILE R 53 -15.91 42.60 52.17
CA ILE R 53 -15.19 41.62 52.98
C ILE R 53 -15.96 41.31 54.25
N GLN R 54 -16.45 42.34 54.95
CA GLN R 54 -17.21 42.08 56.16
C GLN R 54 -18.61 41.54 55.87
N ASN R 55 -19.16 41.78 54.67
CA ASN R 55 -20.41 41.12 54.30
C ASN R 55 -20.20 39.62 54.15
N LEU R 56 -19.12 39.21 53.48
CA LEU R 56 -18.77 37.80 53.39
C LEU R 56 -18.52 37.20 54.78
N ILE R 57 -17.79 37.94 55.62
CA ILE R 57 -17.45 37.46 56.96
C ILE R 57 -18.70 37.30 57.82
N HIS R 58 -19.59 38.29 57.80
CA HIS R 58 -20.79 38.25 58.62
C HIS R 58 -21.78 37.22 58.10
N SER R 59 -21.83 37.00 56.79
CA SER R 59 -22.70 35.95 56.25
C SER R 59 -22.19 34.58 56.64
N ALA R 60 -20.95 34.25 56.23
CA ALA R 60 -20.44 32.87 56.34
C ALA R 60 -20.35 32.35 57.76
N LYS R 61 -20.31 33.24 58.75
CA LYS R 61 -20.38 32.82 60.15
C LYS R 61 -21.80 32.75 60.69
N THR R 62 -22.79 33.19 59.92
CA THR R 62 -24.17 33.21 60.40
C THR R 62 -25.10 32.47 59.45
N GLY R 63 -24.82 32.54 58.15
CA GLY R 63 -25.66 31.89 57.16
C GLY R 63 -25.21 32.15 55.73
N LYS R 64 -26.17 32.21 54.80
CA LYS R 64 -25.98 32.61 53.41
C LYS R 64 -24.98 31.74 52.65
N TRP R 65 -24.51 30.64 53.24
CA TRP R 65 -23.69 29.66 52.53
C TRP R 65 -24.39 28.32 52.41
N LYS R 66 -25.33 28.01 53.31
CA LYS R 66 -26.28 26.92 53.14
C LYS R 66 -27.56 27.40 52.45
N GLN R 67 -27.55 28.60 51.89
CA GLN R 67 -28.68 29.16 51.16
C GLN R 67 -28.24 29.70 49.80
N VAL R 68 -27.21 29.09 49.21
CA VAL R 68 -26.68 29.47 47.92
C VAL R 68 -26.66 28.23 47.03
N SER R 69 -27.13 28.37 45.80
CA SER R 69 -27.25 27.23 44.89
C SER R 69 -25.88 26.64 44.55
N VAL R 70 -25.91 25.40 44.03
CA VAL R 70 -24.68 24.69 43.71
C VAL R 70 -23.90 25.41 42.62
N ARG R 71 -24.61 25.92 41.60
CA ARG R 71 -23.93 26.64 40.53
C ARG R 71 -23.30 27.94 41.05
N GLU R 72 -24.02 28.68 41.89
CA GLU R 72 -23.50 29.93 42.44
C GLU R 72 -22.32 29.68 43.38
N ALA R 73 -22.41 28.65 44.23
CA ALA R 73 -21.30 28.32 45.11
C ALA R 73 -20.09 27.78 44.35
N TRP R 74 -20.33 27.04 43.28
CA TRP R 74 -19.25 26.57 42.42
C TRP R 74 -18.57 27.76 41.74
N LEU R 75 -19.35 28.75 41.32
CA LEU R 75 -18.79 29.97 40.77
C LEU R 75 -17.96 30.72 41.81
N ASN R 76 -18.44 30.77 43.05
CA ASN R 76 -17.68 31.44 44.12
C ASN R 76 -16.36 30.73 44.41
N THR R 77 -16.39 29.40 44.46
CA THR R 77 -15.16 28.65 44.70
C THR R 77 -14.18 28.79 43.54
N LEU R 78 -14.68 28.84 42.31
CA LEU R 78 -13.79 29.02 41.16
C LEU R 78 -13.22 30.42 41.11
N ILE R 79 -14.01 31.42 41.55
CA ILE R 79 -13.50 32.79 41.67
C ILE R 79 -12.39 32.86 42.72
N VAL R 80 -12.59 32.19 43.86
CA VAL R 80 -11.58 32.13 44.90
C VAL R 80 -10.31 31.45 44.39
N THR R 81 -10.46 30.37 43.62
CA THR R 81 -9.31 29.69 43.05
C THR R 81 -8.56 30.58 42.06
N GLU R 82 -9.29 31.31 41.22
CA GLU R 82 -8.66 32.22 40.27
C GLU R 82 -7.92 33.35 40.98
N ILE R 83 -8.49 33.88 42.05
CA ILE R 83 -7.80 34.86 42.88
C ILE R 83 -6.53 34.26 43.48
N ALA R 84 -6.62 33.02 43.98
CA ALA R 84 -5.48 32.38 44.61
C ALA R 84 -4.37 32.10 43.61
N MET R 85 -4.71 31.94 42.32
CA MET R 85 -3.70 31.70 41.31
C MET R 85 -2.73 32.87 41.15
N TRP R 86 -3.16 34.08 41.50
CA TRP R 86 -2.27 35.23 41.42
C TRP R 86 -1.17 35.17 42.47
N PHE R 87 -1.43 34.48 43.59
CA PHE R 87 -0.37 34.23 44.58
C PHE R 87 0.75 33.41 43.97
N PHE R 88 0.40 32.36 43.23
CA PHE R 88 1.44 31.51 42.62
C PHE R 88 2.11 32.22 41.45
N VAL R 89 1.37 33.02 40.68
CA VAL R 89 1.97 33.77 39.59
C VAL R 89 2.96 34.81 40.13
N GLY R 90 2.57 35.54 41.19
CA GLY R 90 3.49 36.46 41.83
C GLY R 90 4.62 35.78 42.57
N GLU R 91 4.42 34.55 43.02
CA GLU R 91 5.53 33.78 43.60
C GLU R 91 6.53 33.40 42.53
N CYS R 92 6.05 33.03 41.34
CA CYS R 92 6.95 32.77 40.22
C CYS R 92 7.66 34.04 39.78
N ILE R 93 6.97 35.19 39.85
CA ILE R 93 7.61 36.47 39.59
C ILE R 93 8.70 36.75 40.62
N GLY R 94 8.41 36.48 41.89
CA GLY R 94 9.30 36.73 43.00
C GLY R 94 10.31 35.63 43.29
N LYS R 95 10.48 34.65 42.40
CA LYS R 95 11.51 33.64 42.57
C LYS R 95 12.36 33.41 41.32
N GLY R 96 12.14 34.17 40.25
CA GLY R 96 12.90 33.96 39.02
C GLY R 96 12.25 32.96 38.08
N SER R 97 12.70 31.71 38.14
CA SER R 97 12.16 30.68 37.27
C SER R 97 10.73 30.34 37.67
N VAL R 98 9.87 30.19 36.67
CA VAL R 98 8.46 29.87 36.92
C VAL R 98 8.30 28.44 37.41
N ILE R 99 9.06 27.51 36.85
CA ILE R 99 8.88 26.08 37.15
C ILE R 99 9.73 25.80 38.39
N GLY R 100 9.13 26.05 39.55
CA GLY R 100 9.79 25.78 40.81
C GLY R 100 10.84 26.82 41.17
N TYR R 101 11.51 26.56 42.28
CA TYR R 101 12.58 27.42 42.75
C TYR R 101 13.92 26.98 42.15
N ARG R 102 14.95 27.77 42.41
CA ARG R 102 16.27 27.51 41.85
C ARG R 102 17.38 28.04 42.75
N PHE S 3 -16.66 39.21 21.37
CA PHE S 3 -17.34 38.75 22.58
C PHE S 3 -18.32 39.81 23.07
N ALA S 4 -18.84 39.60 24.27
CA ALA S 4 -19.72 40.58 24.90
C ALA S 4 -18.90 41.76 25.44
N PRO S 5 -19.46 42.96 25.45
CA PRO S 5 -18.74 44.13 25.99
C PRO S 5 -18.43 43.96 27.46
N PRO S 6 -17.25 44.40 27.90
CA PRO S 6 -16.81 44.11 29.27
C PRO S 6 -17.32 45.12 30.29
N VAL S 7 -17.74 44.58 31.43
CA VAL S 7 -18.12 45.38 32.60
C VAL S 7 -17.05 45.17 33.65
N ASN S 8 -16.79 46.23 34.44
CA ASN S 8 -15.72 46.19 35.42
C ASN S 8 -16.01 45.18 36.52
N VAL S 9 -14.95 44.52 36.98
CA VAL S 9 -15.09 43.48 37.99
C VAL S 9 -15.43 44.11 39.34
N SER S 10 -16.39 43.52 40.04
CA SER S 10 -16.78 43.99 41.37
C SER S 10 -15.60 43.88 42.32
N PRO S 11 -15.34 44.89 43.17
CA PRO S 11 -13.99 45.04 43.75
C PRO S 11 -13.65 44.07 44.87
N LEU S 12 -14.01 42.80 44.70
CA LEU S 12 -13.55 41.74 45.59
C LEU S 12 -12.61 40.77 44.89
N ILE S 13 -12.82 40.51 43.60
CA ILE S 13 -11.88 39.71 42.84
C ILE S 13 -10.59 40.47 42.61
N ARG S 14 -10.70 41.78 42.32
CA ARG S 14 -9.50 42.59 42.07
C ARG S 14 -8.68 42.80 43.33
N ALA S 15 -9.34 43.11 44.45
CA ALA S 15 -8.64 43.40 45.70
C ALA S 15 -7.95 42.15 46.23
N GLY S 16 -8.68 41.03 46.29
CA GLY S 16 -8.06 39.78 46.70
C GLY S 16 -6.99 39.31 45.74
N ARG S 17 -7.20 39.54 44.44
CA ARG S 17 -6.23 39.17 43.42
C ARG S 17 -4.90 39.89 43.63
N TYR S 18 -4.95 41.21 43.81
CA TYR S 18 -3.69 41.94 43.95
C TYR S 18 -3.08 41.80 45.33
N GLY S 19 -3.90 41.56 46.36
CA GLY S 19 -3.34 41.19 47.66
C GLY S 19 -2.56 39.90 47.58
N ALA S 20 -3.13 38.88 46.92
CA ALA S 20 -2.41 37.63 46.72
C ALA S 20 -1.20 37.83 45.84
N LEU S 21 -1.27 38.74 44.87
CA LEU S 21 -0.14 38.99 43.98
C LEU S 21 1.06 39.56 44.75
N VAL S 22 0.83 40.60 45.54
CA VAL S 22 1.94 41.23 46.26
C VAL S 22 2.46 40.30 47.37
N VAL S 23 1.54 39.60 48.06
CA VAL S 23 1.97 38.66 49.08
C VAL S 23 2.75 37.50 48.45
N GLY S 24 2.36 37.08 47.25
CA GLY S 24 3.11 36.06 46.54
C GLY S 24 4.48 36.53 46.13
N ILE S 25 4.61 37.78 45.72
CA ILE S 25 5.91 38.35 45.37
C ILE S 25 6.85 38.34 46.57
N VAL S 26 6.37 38.87 47.70
CA VAL S 26 7.25 38.97 48.87
C VAL S 26 7.52 37.60 49.49
N TYR S 27 6.54 36.69 49.47
CA TYR S 27 6.73 35.35 49.99
C TYR S 27 7.70 34.56 49.12
N GLY S 28 7.60 34.73 47.80
CA GLY S 28 8.55 34.08 46.91
C GLY S 28 9.96 34.60 47.11
N SER S 29 10.11 35.91 47.32
CA SER S 29 11.43 36.47 47.57
C SER S 29 12.03 35.92 48.87
N TYR S 30 11.23 35.91 49.95
CA TYR S 30 11.70 35.42 51.23
C TYR S 30 12.06 33.93 51.18
N ARG S 31 11.19 33.13 50.55
CA ARG S 31 11.44 31.70 50.46
C ARG S 31 12.63 31.41 49.55
N PHE S 32 12.79 32.18 48.47
CA PHE S 32 13.93 32.01 47.58
C PHE S 32 15.23 32.33 48.29
N GLY S 33 15.25 33.40 49.10
CA GLY S 33 16.45 33.70 49.87
C GLY S 33 16.78 32.63 50.90
N SER S 34 15.76 32.19 51.66
CA SER S 34 15.98 31.21 52.71
C SER S 34 16.44 29.87 52.13
N LEU S 35 15.76 29.39 51.09
CA LEU S 35 16.19 28.14 50.48
C LEU S 35 17.44 28.31 49.64
N GLN S 36 17.80 29.53 49.25
CA GLN S 36 19.11 29.72 48.62
C GLN S 36 20.24 29.52 49.62
N LYS S 37 20.08 30.06 50.84
CA LYS S 37 21.05 29.79 51.89
C LYS S 37 21.08 28.31 52.25
N ARG S 38 19.90 27.70 52.36
CA ARG S 38 19.81 26.28 52.69
C ARG S 38 20.44 25.41 51.59
N GLU S 39 20.20 25.76 50.32
CA GLU S 39 20.79 25.01 49.22
C GLU S 39 22.29 25.24 49.12
N ASN S 40 22.77 26.42 49.52
CA ASN S 40 24.22 26.64 49.55
C ASN S 40 24.89 25.72 50.57
N GLU S 41 24.37 25.70 51.81
CA GLU S 41 25.01 24.85 52.82
C GLU S 41 24.79 23.37 52.52
N TRP S 42 23.63 23.00 52.00
CA TRP S 42 23.36 21.61 51.63
C TRP S 42 24.25 21.17 50.47
N ARG S 43 24.47 22.07 49.50
CA ARG S 43 25.37 21.77 48.39
C ARG S 43 26.80 21.59 48.87
N VAL S 44 27.23 22.41 49.84
CA VAL S 44 28.59 22.26 50.37
C VAL S 44 28.77 20.92 51.07
N GLU S 45 27.84 20.56 51.96
CA GLU S 45 27.98 19.29 52.68
C GLU S 45 27.79 18.10 51.74
N GLU S 46 26.91 18.23 50.74
CA GLU S 46 26.73 17.16 49.77
C GLU S 46 27.96 17.01 48.89
N ALA S 47 28.63 18.11 48.55
CA ALA S 47 29.88 18.04 47.80
C ALA S 47 30.97 17.35 48.61
N ARG S 48 31.04 17.65 49.91
CA ARG S 48 32.03 16.99 50.77
C ARG S 48 31.80 15.48 50.84
N ARG S 49 30.57 15.07 51.17
CA ARG S 49 30.29 13.65 51.27
C ARG S 49 30.35 12.95 49.91
N LYS S 50 30.08 13.68 48.83
CA LYS S 50 30.17 13.11 47.49
C LYS S 50 31.62 12.90 47.09
N VAL S 51 32.51 13.82 47.47
CA VAL S 51 33.94 13.63 47.20
C VAL S 51 34.47 12.43 47.98
N ILE S 52 34.08 12.30 49.25
CA ILE S 52 34.51 11.16 50.07
C ILE S 52 34.00 9.85 49.48
N ARG S 53 32.70 9.81 49.13
CA ARG S 53 32.10 8.62 48.56
C ARG S 53 32.70 8.28 47.21
N ASP S 54 33.01 9.30 46.39
CA ASP S 54 33.60 9.07 45.08
C ASP S 54 35.00 8.52 45.19
N ALA S 55 35.79 9.01 46.16
CA ALA S 55 37.12 8.44 46.38
C ALA S 55 37.04 6.99 46.83
N LEU S 56 36.12 6.69 47.76
CA LEU S 56 35.95 5.32 48.23
C LEU S 56 35.49 4.39 47.11
N ASN S 57 34.52 4.84 46.30
CA ASN S 57 34.04 4.03 45.19
C ASN S 57 35.08 3.89 44.09
N ALA S 58 35.93 4.90 43.90
CA ALA S 58 37.01 4.79 42.93
C ALA S 58 38.02 3.74 43.35
N GLU S 59 38.39 3.72 44.63
CA GLU S 59 39.30 2.68 45.12
C GLU S 59 38.66 1.29 45.02
N ASN S 60 37.39 1.18 45.38
CA ASN S 60 36.68 -0.10 45.29
C ASN S 60 36.58 -0.58 43.85
N LYS S 61 36.29 0.34 42.92
CA LYS S 61 36.16 -0.04 41.52
C LYS S 61 37.52 -0.36 40.90
N ALA S 62 38.60 0.29 41.36
CA ALA S 62 39.93 -0.09 40.91
C ALA S 62 40.27 -1.51 41.35
N LYS S 63 39.94 -1.85 42.60
CA LYS S 63 40.15 -3.22 43.06
C LYS S 63 39.28 -4.20 42.28
N ALA S 64 38.03 -3.82 41.97
CA ALA S 64 37.13 -4.67 41.20
C ALA S 64 37.64 -4.90 39.79
N THR S 65 38.18 -3.86 39.15
CA THR S 65 38.75 -4.02 37.81
C THR S 65 40.00 -4.88 37.85
N ARG S 66 40.80 -4.77 38.91
CA ARG S 66 41.96 -5.65 39.06
C ARG S 66 41.53 -7.11 39.17
N GLU S 67 40.50 -7.38 39.98
CA GLU S 67 39.98 -8.74 40.12
C GLU S 67 39.37 -9.24 38.81
N GLU S 68 38.68 -8.37 38.07
CA GLU S 68 38.11 -8.74 36.79
C GLU S 68 39.19 -9.09 35.77
N MET S 69 40.27 -8.31 35.74
CA MET S 69 41.36 -8.61 34.82
C MET S 69 42.08 -9.90 35.21
N LEU S 70 42.21 -10.17 36.52
CA LEU S 70 42.77 -11.44 36.94
C LEU S 70 41.90 -12.62 36.52
N TYR S 71 40.57 -12.49 36.65
CA TYR S 71 39.66 -13.54 36.23
C TYR S 71 39.68 -13.74 34.72
N LEU S 72 39.78 -12.64 33.97
CA LEU S 72 39.88 -12.73 32.51
C LEU S 72 41.19 -13.41 32.10
N ALA S 73 42.28 -13.11 32.81
CA ALA S 73 43.55 -13.77 32.51
C ALA S 73 43.51 -15.26 32.83
N LYS S 74 42.83 -15.62 33.92
CA LYS S 74 42.72 -17.04 34.27
C LYS S 74 41.81 -17.79 33.30
N GLU S 75 40.77 -17.13 32.78
CA GLU S 75 39.87 -17.78 31.84
C GLU S 75 40.50 -17.89 30.45
N THR S 76 40.87 -16.76 29.85
CA THR S 76 41.39 -16.74 28.49
C THR S 76 42.79 -17.33 28.38
N GLY S 77 43.48 -17.56 29.48
CA GLY S 77 44.79 -18.19 29.43
C GLY S 77 45.93 -17.30 29.02
N VAL S 78 45.73 -15.99 29.00
CA VAL S 78 46.78 -15.05 28.62
C VAL S 78 47.77 -14.93 29.77
N LYS S 79 48.91 -14.29 29.50
CA LYS S 79 49.89 -14.01 30.54
C LYS S 79 49.31 -13.04 31.57
N VAL S 80 49.71 -13.22 32.82
CA VAL S 80 49.27 -12.38 33.93
C VAL S 80 50.34 -11.32 34.17
N PRO S 81 50.08 -10.04 33.90
CA PRO S 81 51.09 -9.01 34.17
C PRO S 81 51.33 -8.83 35.65
N GLU S 82 52.53 -8.34 35.97
CA GLU S 82 52.92 -8.16 37.37
C GLU S 82 52.14 -7.05 38.07
N ASN S 83 51.56 -6.12 37.31
CA ASN S 83 50.75 -5.06 37.90
C ASN S 83 49.26 -5.35 37.81
N PHE S 84 48.84 -6.15 36.85
CA PHE S 84 47.44 -6.56 36.73
C PHE S 84 47.31 -8.08 36.68
#